data_6JSJ
#
_entry.id   6JSJ
#
_cell.length_a   152.940
_cell.length_b   152.940
_cell.length_c   236.150
_cell.angle_alpha   90.000
_cell.angle_beta   90.000
_cell.angle_gamma   90.000
#
_symmetry.space_group_name_H-M   'P 41 21 2'
#
loop_
_entity.id
_entity.type
_entity.pdbx_description
1 polymer 'Dynamin-like GTPase MGM1, mitochondrial'
2 non-polymer "GUANOSINE-5'-DIPHOSPHATE"
3 non-polymer 'IODIDE ION'
#
_entity_poly.entity_id   1
_entity_poly.type   'polypeptide(L)'
_entity_poly.pdbx_seq_one_letter_code
;MLNLTKQMIEIRTILNKVDSSSAHLTLPSIVVIGSQSSGKSSVLESIVGREFLPKGSNMVTRRPIELTLVNTPNSNNVTA
DFPSMRLYNIKDFKEVKRMLMELNMAVPTSEAVSEEPIQLTIKSSRVPDLSLVDLPGYIQVEAADQPIELKTKIRDLCEK
YLTAPNIILAISAADVDLANSSALKASKAADPKGLRTIGVITKLDLVDPEKARSILNNKKYPLSMGYVGVITKTPSSINR
KHLGLFGEAPSSSLSGIFSKGQHGQSSGEENTNGLKQIVSHQFEKAYFKENKKYFTNCQVSTKKLREKLIKILEISMSNA
LEPTSTLIQQELDDTSYLFKVEFNDRHLTPKSYLLNNIDVLKLGIKEFQEKFHRNELKSILRAELDQKVLDVLATRYWKD
DNLQDLSSSKLESDTDMLYWHKKLELASSGLTKMGIGRLSTMLTTNAILKELDNILESTQLKNHELIKDLVSNTAINVLN
SKYYSTADQVENCIKPFKYEIDLEERDWSLARQHSINLIKEELRQCNSRYQAIKNAVGSKKLANVMGYLENESNLQKETL
GMSKLLLERGSEAIFLDKRCKVLSFRLKMLKNKCHSTIEKDRCPEVFLSAVSDKLTSTAVLFLNVELLSDFFYNFPIELD
RRLTLLGDEQVEMFAKEDPKISRHIELQKRKELLELALEKIDSILVFKKSYKGVSKNL
;
_entity_poly.pdbx_strand_id   A,B,C
#
# COMPACT_ATOMS: atom_id res chain seq x y z
N MET A 1 -1.09 -42.64 -45.12
CA MET A 1 -0.58 -41.30 -44.80
C MET A 1 -1.53 -40.53 -43.88
N LEU A 2 -1.08 -40.23 -42.62
CA LEU A 2 -1.89 -39.50 -41.61
C LEU A 2 -1.05 -38.82 -40.51
N ASN A 3 -1.34 -37.52 -40.26
CA ASN A 3 -0.65 -36.68 -39.25
C ASN A 3 -1.16 -36.91 -37.85
N LEU A 4 -0.31 -37.50 -37.01
CA LEU A 4 -0.66 -37.82 -35.63
C LEU A 4 0.24 -37.11 -34.58
N THR A 5 0.93 -36.01 -34.99
CA THR A 5 1.83 -35.26 -34.09
C THR A 5 1.11 -34.70 -32.85
N LYS A 6 -0.19 -34.34 -32.97
CA LYS A 6 -0.98 -33.86 -31.83
C LYS A 6 -0.92 -34.92 -30.71
N GLN A 7 -1.18 -36.19 -31.10
CA GLN A 7 -1.19 -37.37 -30.24
C GLN A 7 0.23 -37.71 -29.75
N MET A 8 1.24 -37.60 -30.64
CA MET A 8 2.65 -37.87 -30.31
C MET A 8 3.17 -36.88 -29.27
N ILE A 9 2.74 -35.59 -29.37
CA ILE A 9 3.10 -34.52 -28.43
C ILE A 9 2.46 -34.79 -27.07
N GLU A 10 1.22 -35.36 -27.07
CA GLU A 10 0.51 -35.74 -25.84
C GLU A 10 1.33 -36.83 -25.14
N ILE A 11 1.80 -37.84 -25.92
CA ILE A 11 2.67 -38.93 -25.44
C ILE A 11 3.96 -38.37 -24.81
N ARG A 12 4.66 -37.45 -25.51
CA ARG A 12 5.88 -36.81 -25.01
C ARG A 12 5.62 -36.05 -23.70
N THR A 13 4.55 -35.25 -23.65
CA THR A 13 4.16 -34.49 -22.46
C THR A 13 3.76 -35.44 -21.31
N ILE A 14 3.17 -36.62 -21.63
CA ILE A 14 2.79 -37.65 -20.65
C ILE A 14 4.07 -38.18 -20.06
N LEU A 15 5.01 -38.58 -20.94
CA LEU A 15 6.32 -39.11 -20.58
C LEU A 15 7.19 -38.07 -19.89
N ASN A 16 6.89 -36.75 -20.09
CA ASN A 16 7.61 -35.67 -19.43
C ASN A 16 7.28 -35.65 -17.93
N LYS A 17 6.13 -36.24 -17.55
CA LYS A 17 5.64 -36.32 -16.18
C LYS A 17 6.21 -37.50 -15.37
N VAL A 18 6.78 -38.53 -16.03
CA VAL A 18 7.38 -39.64 -15.27
C VAL A 18 8.73 -39.20 -14.68
N ASP A 19 8.83 -39.26 -13.33
CA ASP A 19 10.00 -38.84 -12.54
C ASP A 19 11.28 -39.61 -12.91
N SER A 20 12.26 -38.85 -13.46
CA SER A 20 13.58 -39.29 -13.94
C SER A 20 13.47 -40.46 -14.94
N SER A 21 13.27 -40.12 -16.23
CA SER A 21 13.16 -41.10 -17.32
C SER A 21 13.71 -40.55 -18.64
N SER A 22 14.42 -41.40 -19.40
CA SER A 22 14.97 -41.04 -20.73
C SER A 22 13.92 -41.32 -21.83
N ALA A 23 12.70 -41.70 -21.40
CA ALA A 23 11.54 -42.03 -22.22
C ALA A 23 11.03 -40.83 -23.04
N HIS A 24 10.81 -39.66 -22.39
CA HIS A 24 10.34 -38.45 -23.10
C HIS A 24 11.41 -37.90 -24.01
N LEU A 25 12.69 -38.09 -23.61
CA LEU A 25 13.87 -37.68 -24.36
C LEU A 25 13.89 -38.38 -25.72
N THR A 26 13.36 -39.64 -25.81
CA THR A 26 13.26 -40.44 -27.04
C THR A 26 12.32 -39.80 -28.06
N LEU A 27 11.28 -39.03 -27.60
CA LEU A 27 10.35 -38.30 -28.49
C LEU A 27 10.92 -36.89 -28.79
N PRO A 28 11.34 -36.63 -30.07
CA PRO A 28 11.99 -35.35 -30.39
C PRO A 28 11.14 -34.10 -30.26
N SER A 29 11.82 -32.96 -30.18
CA SER A 29 11.23 -31.63 -30.06
C SER A 29 12.13 -30.67 -30.82
N ILE A 30 11.55 -29.56 -31.32
CA ILE A 30 12.31 -28.57 -32.07
C ILE A 30 12.97 -27.58 -31.10
N VAL A 31 14.29 -27.75 -30.87
CA VAL A 31 15.05 -26.85 -29.97
C VAL A 31 15.62 -25.65 -30.76
N VAL A 32 15.33 -24.42 -30.28
CA VAL A 32 15.76 -23.20 -30.96
C VAL A 32 16.93 -22.53 -30.23
N ILE A 33 18.02 -22.34 -30.99
CA ILE A 33 19.26 -21.68 -30.57
C ILE A 33 19.59 -20.61 -31.57
N GLY A 34 19.94 -19.45 -31.05
CA GLY A 34 20.31 -18.30 -31.86
C GLY A 34 20.86 -17.21 -30.98
N SER A 35 21.75 -16.39 -31.56
CA SER A 35 22.38 -15.28 -30.86
C SER A 35 21.34 -14.22 -30.44
N GLN A 36 21.65 -13.45 -29.40
CA GLN A 36 20.80 -12.36 -28.92
C GLN A 36 20.80 -11.33 -30.06
N SER A 37 19.60 -10.91 -30.51
CA SER A 37 19.32 -9.96 -31.61
C SER A 37 19.35 -10.62 -33.02
N SER A 38 19.63 -11.94 -33.11
CA SER A 38 19.64 -12.66 -34.39
C SER A 38 18.24 -12.85 -35.02
N GLY A 39 17.20 -12.42 -34.30
CA GLY A 39 15.81 -12.51 -34.74
C GLY A 39 15.09 -13.76 -34.29
N LYS A 40 15.70 -14.51 -33.35
CA LYS A 40 15.17 -15.77 -32.83
C LYS A 40 13.77 -15.61 -32.24
N SER A 41 13.53 -14.60 -31.40
CA SER A 41 12.23 -14.37 -30.82
C SER A 41 11.25 -14.05 -31.94
N SER A 42 11.69 -13.23 -32.91
CA SER A 42 10.90 -12.84 -34.08
C SER A 42 10.39 -14.04 -34.89
N VAL A 43 11.26 -15.03 -35.17
CA VAL A 43 10.88 -16.23 -35.94
C VAL A 43 9.92 -17.13 -35.14
N LEU A 44 10.02 -17.11 -33.79
CA LEU A 44 9.15 -17.90 -32.93
C LEU A 44 7.75 -17.31 -32.89
N GLU A 45 7.67 -15.97 -32.65
CA GLU A 45 6.43 -15.19 -32.61
C GLU A 45 5.67 -15.30 -33.94
N SER A 46 6.40 -15.55 -35.05
CA SER A 46 5.85 -15.73 -36.39
C SER A 46 5.11 -17.05 -36.52
N ILE A 47 5.59 -18.09 -35.79
CA ILE A 47 4.97 -19.43 -35.81
C ILE A 47 3.66 -19.38 -35.00
N VAL A 48 3.71 -18.70 -33.84
CA VAL A 48 2.61 -18.48 -32.90
C VAL A 48 1.56 -17.53 -33.48
N GLY A 49 2.00 -16.48 -34.17
CA GLY A 49 1.13 -15.47 -34.74
C GLY A 49 0.74 -14.41 -33.71
N ARG A 50 1.55 -14.28 -32.64
CA ARG A 50 1.36 -13.32 -31.55
C ARG A 50 2.68 -13.05 -30.80
N GLU A 51 2.73 -11.94 -30.05
CA GLU A 51 3.89 -11.48 -29.26
C GLU A 51 3.70 -11.88 -27.80
N PHE A 52 4.78 -12.38 -27.16
CA PHE A 52 4.81 -12.85 -25.77
C PHE A 52 6.24 -13.01 -25.26
N LEU A 53 7.24 -12.99 -26.15
CA LEU A 53 8.62 -13.18 -25.72
C LEU A 53 9.22 -11.84 -25.30
N PRO A 54 9.66 -11.69 -24.02
CA PRO A 54 10.25 -10.42 -23.58
C PRO A 54 11.73 -10.30 -23.96
N LYS A 55 12.14 -9.12 -24.49
CA LYS A 55 13.53 -8.86 -24.90
C LYS A 55 14.12 -7.68 -24.16
N MET A 59 15.38 -8.97 -21.11
CA MET A 59 16.61 -9.33 -20.42
C MET A 59 17.22 -10.64 -20.96
N VAL A 60 18.51 -10.89 -20.63
CA VAL A 60 19.26 -12.08 -21.05
C VAL A 60 18.97 -13.27 -20.12
N THR A 61 19.18 -14.52 -20.63
CA THR A 61 18.94 -15.80 -19.94
C THR A 61 17.53 -15.82 -19.33
N ARG A 62 16.52 -15.79 -20.22
CA ARG A 62 15.10 -15.81 -19.87
C ARG A 62 14.68 -17.15 -19.25
N ARG A 63 15.55 -18.19 -19.42
CA ARG A 63 15.48 -19.59 -18.98
C ARG A 63 14.62 -20.43 -19.93
N PRO A 64 15.05 -21.68 -20.27
CA PRO A 64 14.31 -22.52 -21.23
C PRO A 64 12.79 -22.48 -21.15
N ILE A 65 12.13 -22.33 -22.31
CA ILE A 65 10.69 -22.27 -22.40
C ILE A 65 10.18 -23.45 -23.24
N GLU A 66 9.67 -24.51 -22.58
CA GLU A 66 9.09 -25.69 -23.24
C GLU A 66 7.72 -25.28 -23.79
N LEU A 67 7.73 -24.80 -25.03
CA LEU A 67 6.57 -24.29 -25.74
C LEU A 67 5.83 -25.40 -26.47
N THR A 68 4.55 -25.58 -26.10
CA THR A 68 3.68 -26.59 -26.71
C THR A 68 2.58 -25.91 -27.52
N LEU A 69 2.69 -26.00 -28.85
CA LEU A 69 1.70 -25.42 -29.76
C LEU A 69 0.64 -26.46 -29.98
N VAL A 70 -0.60 -26.10 -29.67
CA VAL A 70 -1.76 -27.00 -29.77
C VAL A 70 -2.87 -26.36 -30.59
N ASN A 71 -3.20 -27.00 -31.73
CA ASN A 71 -4.26 -26.53 -32.60
C ASN A 71 -5.62 -26.78 -31.95
N THR A 72 -6.40 -25.71 -31.79
CA THR A 72 -7.72 -25.79 -31.17
C THR A 72 -8.80 -25.39 -32.16
N PRO A 73 -9.74 -26.30 -32.53
CA PRO A 73 -10.83 -25.90 -33.43
C PRO A 73 -11.84 -25.04 -32.68
N ASN A 74 -12.52 -24.12 -33.39
CA ASN A 74 -13.53 -23.20 -32.85
C ASN A 74 -12.91 -22.06 -32.02
N SER A 75 -11.57 -21.97 -31.96
CA SER A 75 -10.90 -20.89 -31.23
C SER A 75 -10.17 -19.91 -32.17
N ASN A 76 -10.96 -18.93 -32.69
CA ASN A 76 -10.49 -17.87 -33.59
C ASN A 76 -9.48 -16.93 -32.90
N ASN A 77 -9.50 -16.91 -31.56
CA ASN A 77 -8.61 -16.13 -30.70
C ASN A 77 -7.40 -16.97 -30.26
N VAL A 78 -6.34 -16.29 -29.75
CA VAL A 78 -5.10 -16.93 -29.29
C VAL A 78 -5.04 -16.92 -27.74
N THR A 79 -4.92 -18.11 -27.14
CA THR A 79 -4.88 -18.29 -25.68
C THR A 79 -3.57 -18.92 -25.19
N ALA A 80 -3.22 -18.69 -23.90
CA ALA A 80 -2.02 -19.19 -23.24
C ALA A 80 -2.32 -19.91 -21.91
N ASP A 81 -1.50 -20.94 -21.59
CA ASP A 81 -1.64 -21.76 -20.39
C ASP A 81 -0.28 -22.16 -19.79
N PHE A 82 -0.04 -21.78 -18.51
CA PHE A 82 1.12 -22.15 -17.71
C PHE A 82 0.55 -23.23 -16.78
N PRO A 83 0.61 -24.53 -17.14
CA PRO A 83 -0.04 -25.56 -16.32
C PRO A 83 0.65 -25.82 -14.98
N SER A 84 2.00 -25.74 -14.95
CA SER A 84 2.82 -25.94 -13.75
C SER A 84 2.64 -24.80 -12.74
N MET A 85 1.56 -24.02 -12.90
CA MET A 85 1.15 -22.89 -12.09
C MET A 85 -0.39 -22.80 -12.07
N ARG A 86 -1.08 -23.83 -12.62
CA ARG A 86 -2.54 -23.89 -12.71
C ARG A 86 -3.14 -22.54 -13.26
N LEU A 87 -2.54 -22.02 -14.35
CA LEU A 87 -2.94 -20.77 -15.03
C LEU A 87 -3.52 -21.15 -16.36
N TYR A 88 -4.75 -20.71 -16.66
CA TYR A 88 -5.37 -21.14 -17.90
C TYR A 88 -6.12 -20.07 -18.69
N ASN A 89 -6.14 -20.27 -20.03
CA ASN A 89 -6.82 -19.50 -21.07
C ASN A 89 -6.59 -17.99 -20.97
N ILE A 90 -5.30 -17.59 -20.90
CA ILE A 90 -4.89 -16.20 -20.81
C ILE A 90 -5.07 -15.56 -22.19
N LYS A 91 -6.13 -14.78 -22.35
CA LYS A 91 -6.48 -14.14 -23.62
C LYS A 91 -5.59 -12.90 -23.95
N ASP A 92 -5.01 -12.26 -22.91
CA ASP A 92 -4.12 -11.10 -23.03
C ASP A 92 -2.66 -11.56 -23.04
N PHE A 93 -1.95 -11.32 -24.16
CA PHE A 93 -0.58 -11.76 -24.33
C PHE A 93 0.47 -10.78 -23.78
N LYS A 94 0.03 -9.61 -23.22
CA LYS A 94 0.92 -8.64 -22.57
C LYS A 94 1.25 -9.23 -21.19
N GLU A 95 0.22 -9.82 -20.55
CA GLU A 95 0.25 -10.50 -19.25
C GLU A 95 1.19 -11.71 -19.33
N VAL A 96 1.12 -12.46 -20.45
CA VAL A 96 1.94 -13.64 -20.74
C VAL A 96 3.40 -13.18 -20.85
N LYS A 97 3.61 -12.04 -21.55
CA LYS A 97 4.92 -11.45 -21.77
C LYS A 97 5.59 -11.02 -20.47
N ARG A 98 4.81 -10.45 -19.54
CA ARG A 98 5.34 -9.98 -18.25
C ARG A 98 5.45 -11.12 -17.24
N MET A 99 4.70 -12.22 -17.45
CA MET A 99 4.74 -13.43 -16.62
C MET A 99 6.10 -14.10 -16.80
N LEU A 100 6.58 -14.19 -18.06
CA LEU A 100 7.89 -14.74 -18.43
C LEU A 100 9.02 -13.84 -17.89
N MET A 101 8.76 -12.52 -17.79
CA MET A 101 9.70 -11.54 -17.24
C MET A 101 9.79 -11.75 -15.71
N GLU A 102 8.62 -11.91 -15.04
CA GLU A 102 8.49 -12.14 -13.61
C GLU A 102 9.17 -13.45 -13.19
N LEU A 103 9.23 -14.45 -14.10
CA LEU A 103 9.84 -15.75 -13.85
C LEU A 103 11.38 -15.70 -13.74
N ASN A 104 12.05 -14.77 -14.46
CA ASN A 104 13.51 -14.62 -14.35
C ASN A 104 13.85 -13.46 -13.40
N MET A 105 13.63 -13.71 -12.09
CA MET A 105 13.91 -12.75 -11.02
C MET A 105 14.57 -13.45 -9.84
N GLU A 115 18.56 -23.31 -14.23
CA GLU A 115 17.81 -23.89 -15.34
C GLU A 115 16.56 -24.68 -14.89
N GLU A 116 15.37 -24.12 -15.19
CA GLU A 116 14.07 -24.69 -14.88
C GLU A 116 13.14 -24.42 -16.08
N PRO A 117 12.87 -25.43 -16.95
CA PRO A 117 12.03 -25.18 -18.15
C PRO A 117 10.61 -24.69 -17.86
N ILE A 118 10.26 -23.49 -18.39
CA ILE A 118 8.95 -22.87 -18.25
C ILE A 118 7.97 -23.69 -19.09
N GLN A 119 6.93 -24.22 -18.46
CA GLN A 119 5.94 -24.99 -19.17
C GLN A 119 4.81 -24.04 -19.57
N LEU A 120 4.81 -23.63 -20.86
CA LEU A 120 3.82 -22.73 -21.47
C LEU A 120 3.24 -23.34 -22.74
N THR A 121 1.91 -23.41 -22.81
CA THR A 121 1.21 -23.96 -23.99
C THR A 121 0.38 -22.87 -24.68
N ILE A 122 0.40 -22.86 -26.03
CA ILE A 122 -0.38 -21.91 -26.84
C ILE A 122 -1.47 -22.70 -27.58
N LYS A 123 -2.73 -22.25 -27.44
CA LYS A 123 -3.89 -22.93 -28.03
C LYS A 123 -4.71 -22.01 -28.94
N SER A 124 -4.74 -22.32 -30.26
CA SER A 124 -5.51 -21.60 -31.29
C SER A 124 -5.64 -22.36 -32.61
N SER A 125 -6.71 -22.02 -33.36
CA SER A 125 -7.08 -22.58 -34.68
C SER A 125 -6.00 -22.28 -35.72
N ARG A 126 -5.32 -21.13 -35.59
CA ARG A 126 -4.29 -20.71 -36.53
C ARG A 126 -2.98 -21.50 -36.35
N VAL A 127 -2.62 -21.77 -35.10
CA VAL A 127 -1.41 -22.45 -34.67
C VAL A 127 -1.34 -23.95 -35.11
N PRO A 128 -0.13 -24.45 -35.52
CA PRO A 128 0.01 -25.88 -35.85
C PRO A 128 0.36 -26.70 -34.59
N ASP A 129 0.17 -28.04 -34.63
CA ASP A 129 0.53 -28.86 -33.49
C ASP A 129 2.05 -29.11 -33.41
N LEU A 130 2.75 -28.27 -32.61
CA LEU A 130 4.20 -28.34 -32.48
C LEU A 130 4.67 -28.38 -31.03
N SER A 131 5.98 -28.69 -30.83
CA SER A 131 6.71 -28.73 -29.56
C SER A 131 8.06 -28.09 -29.81
N LEU A 132 8.33 -26.98 -29.13
CA LEU A 132 9.58 -26.22 -29.28
C LEU A 132 10.19 -25.86 -27.92
N VAL A 133 11.50 -25.55 -27.90
CA VAL A 133 12.25 -25.17 -26.69
C VAL A 133 13.08 -23.89 -26.97
N ASP A 134 12.78 -22.79 -26.25
CA ASP A 134 13.50 -21.53 -26.40
C ASP A 134 14.77 -21.46 -25.52
N LEU A 135 15.92 -21.79 -26.11
CA LEU A 135 17.19 -21.73 -25.40
C LEU A 135 17.70 -20.28 -25.48
N PRO A 136 17.94 -19.58 -24.33
CA PRO A 136 18.30 -18.15 -24.41
C PRO A 136 19.81 -17.84 -24.50
N GLY A 137 20.34 -17.14 -23.48
CA GLY A 137 21.72 -16.68 -23.32
C GLY A 137 22.80 -17.64 -23.77
N TYR A 138 23.31 -17.42 -24.99
CA TYR A 138 24.34 -18.19 -25.69
C TYR A 138 25.74 -18.19 -25.03
N ILE A 139 26.73 -18.78 -25.74
CA ILE A 139 28.14 -18.86 -25.37
C ILE A 139 29.01 -18.62 -26.62
N GLN A 140 29.95 -17.67 -26.50
CA GLN A 140 30.93 -17.35 -27.53
C GLN A 140 32.31 -17.83 -27.02
N VAL A 141 32.34 -19.13 -26.62
CA VAL A 141 33.45 -19.87 -26.02
C VAL A 141 33.65 -19.42 -24.54
N GLU A 142 33.83 -18.11 -24.31
CA GLU A 142 34.02 -17.51 -22.99
C GLU A 142 32.68 -17.32 -22.28
N THR A 152 29.41 -23.80 -17.06
CA THR A 152 28.98 -25.04 -16.44
C THR A 152 27.47 -25.24 -16.62
N LYS A 153 26.64 -24.25 -16.21
CA LYS A 153 25.18 -24.28 -16.36
C LYS A 153 24.84 -24.28 -17.86
N ILE A 154 25.65 -23.54 -18.65
CA ILE A 154 25.57 -23.45 -20.10
C ILE A 154 25.88 -24.82 -20.75
N ARG A 155 26.80 -25.61 -20.14
CA ARG A 155 27.21 -26.94 -20.59
C ARG A 155 26.07 -27.96 -20.42
N ASP A 156 25.26 -27.79 -19.35
CA ASP A 156 24.15 -28.68 -19.01
C ASP A 156 22.99 -28.63 -20.02
N LEU A 157 22.62 -27.42 -20.49
CA LEU A 157 21.52 -27.19 -21.44
C LEU A 157 21.87 -27.72 -22.83
N CYS A 158 23.15 -27.64 -23.21
CA CYS A 158 23.70 -28.11 -24.47
C CYS A 158 23.73 -29.66 -24.53
N GLU A 159 23.66 -30.33 -23.38
CA GLU A 159 23.66 -31.80 -23.30
C GLU A 159 22.19 -32.28 -23.23
N LYS A 160 21.35 -31.61 -22.39
CA LYS A 160 19.94 -31.91 -22.18
C LYS A 160 19.07 -31.64 -23.42
N TYR A 161 19.26 -30.46 -24.06
CA TYR A 161 18.44 -30.08 -25.20
C TYR A 161 19.05 -30.34 -26.57
N LEU A 162 20.34 -30.06 -26.74
CA LEU A 162 21.00 -30.19 -28.05
C LEU A 162 21.23 -31.63 -28.52
N THR A 163 21.25 -32.61 -27.61
CA THR A 163 21.46 -34.02 -27.98
C THR A 163 20.12 -34.72 -28.21
N ALA A 164 20.10 -36.08 -28.08
CA ALA A 164 18.93 -36.96 -28.26
C ALA A 164 18.35 -36.88 -29.71
N PRO A 165 17.09 -37.29 -30.04
CA PRO A 165 16.63 -37.16 -31.44
C PRO A 165 16.18 -35.73 -31.82
N ASN A 166 16.11 -34.81 -30.82
CA ASN A 166 15.66 -33.41 -30.91
C ASN A 166 16.19 -32.68 -32.14
N ILE A 167 15.30 -31.97 -32.85
CA ILE A 167 15.65 -31.21 -34.06
C ILE A 167 16.19 -29.86 -33.66
N ILE A 168 17.30 -29.45 -34.27
CA ILE A 168 17.91 -28.17 -33.95
C ILE A 168 17.55 -27.10 -34.97
N LEU A 169 17.02 -25.98 -34.46
CA LEU A 169 16.71 -24.84 -35.28
C LEU A 169 17.73 -23.75 -34.93
N ALA A 170 18.72 -23.56 -35.81
CA ALA A 170 19.79 -22.58 -35.66
C ALA A 170 19.36 -21.28 -36.31
N ILE A 171 19.32 -20.20 -35.51
CA ILE A 171 18.89 -18.90 -35.98
C ILE A 171 20.13 -18.06 -36.30
N SER A 172 20.35 -17.81 -37.61
CA SER A 172 21.45 -17.00 -38.14
C SER A 172 20.88 -15.66 -38.61
N ALA A 173 21.60 -14.57 -38.35
CA ALA A 173 21.13 -13.23 -38.67
C ALA A 173 21.41 -12.72 -40.10
N ALA A 174 22.29 -13.38 -40.92
CA ALA A 174 22.66 -12.96 -42.30
C ALA A 174 23.50 -11.66 -42.39
N ASP A 175 23.18 -10.64 -41.57
CA ASP A 175 23.96 -9.40 -41.47
C ASP A 175 25.19 -9.70 -40.55
N VAL A 176 25.60 -11.00 -40.57
CA VAL A 176 26.68 -11.65 -39.83
C VAL A 176 27.27 -12.78 -40.72
N ASP A 177 28.60 -12.99 -40.65
CA ASP A 177 29.25 -14.07 -41.41
C ASP A 177 28.94 -15.38 -40.72
N LEU A 178 28.67 -16.43 -41.50
CA LEU A 178 28.27 -17.74 -41.00
C LEU A 178 29.33 -18.40 -40.13
N ALA A 179 30.61 -18.04 -40.30
CA ALA A 179 31.68 -18.55 -39.46
C ALA A 179 31.60 -17.87 -38.08
N ASN A 180 31.15 -16.59 -38.04
CA ASN A 180 31.00 -15.77 -36.83
C ASN A 180 29.75 -16.15 -35.98
N SER A 181 28.70 -16.74 -36.60
CA SER A 181 27.47 -17.14 -35.91
C SER A 181 27.67 -18.26 -34.89
N SER A 182 27.30 -17.98 -33.62
CA SER A 182 27.38 -18.93 -32.51
C SER A 182 26.36 -20.05 -32.68
N ALA A 183 25.25 -19.73 -33.39
CA ALA A 183 24.14 -20.63 -33.71
C ALA A 183 24.61 -21.85 -34.49
N LEU A 184 25.23 -21.64 -35.65
CA LEU A 184 25.74 -22.72 -36.50
C LEU A 184 26.97 -23.41 -35.91
N LYS A 185 27.78 -22.67 -35.13
CA LYS A 185 28.98 -23.20 -34.49
C LYS A 185 28.56 -24.27 -33.47
N ALA A 186 27.57 -23.93 -32.60
CA ALA A 186 27.03 -24.85 -31.58
C ALA A 186 26.25 -25.99 -32.23
N SER A 187 25.66 -25.75 -33.42
CA SER A 187 24.91 -26.73 -34.20
C SER A 187 25.81 -27.87 -34.66
N LYS A 188 27.00 -27.55 -35.22
CA LYS A 188 27.97 -28.55 -35.68
C LYS A 188 28.56 -29.30 -34.49
N ALA A 189 28.75 -28.59 -33.37
CA ALA A 189 29.25 -29.15 -32.11
C ALA A 189 28.25 -30.20 -31.60
N ALA A 190 26.94 -29.86 -31.60
CA ALA A 190 25.83 -30.73 -31.19
C ALA A 190 25.64 -31.88 -32.18
N ASP A 191 25.80 -31.60 -33.50
CA ASP A 191 25.70 -32.61 -34.55
C ASP A 191 27.11 -33.30 -34.70
N PRO A 192 27.93 -33.22 -35.78
CA PRO A 192 27.79 -32.57 -37.09
C PRO A 192 27.17 -33.46 -38.18
N LYS A 193 27.38 -33.08 -39.46
CA LYS A 193 26.84 -33.64 -40.70
C LYS A 193 25.45 -33.03 -41.02
N GLY A 194 24.88 -32.34 -40.01
CA GLY A 194 23.61 -31.63 -40.10
C GLY A 194 22.40 -32.46 -40.46
N LEU A 195 22.34 -33.69 -39.92
CA LEU A 195 21.24 -34.61 -40.19
C LEU A 195 19.94 -34.22 -39.49
N ARG A 196 20.06 -33.69 -38.24
CA ARG A 196 18.92 -33.25 -37.44
C ARG A 196 18.94 -31.74 -37.17
N THR A 197 19.56 -30.96 -38.07
CA THR A 197 19.63 -29.50 -37.92
C THR A 197 19.09 -28.76 -39.16
N ILE A 198 18.18 -27.80 -38.90
CA ILE A 198 17.57 -26.90 -39.88
C ILE A 198 18.08 -25.52 -39.52
N GLY A 199 18.62 -24.82 -40.51
CA GLY A 199 19.17 -23.49 -40.29
C GLY A 199 18.30 -22.38 -40.83
N VAL A 200 17.75 -21.54 -39.94
CA VAL A 200 16.92 -20.42 -40.40
C VAL A 200 17.79 -19.16 -40.52
N ILE A 201 17.74 -18.52 -41.69
CA ILE A 201 18.50 -17.30 -41.94
C ILE A 201 17.55 -16.11 -41.98
N THR A 202 17.68 -15.28 -40.95
CA THR A 202 16.90 -14.08 -40.67
C THR A 202 17.55 -12.89 -41.37
N LYS A 203 16.88 -11.71 -41.33
CA LYS A 203 17.32 -10.42 -41.88
C LYS A 203 17.76 -10.52 -43.35
N LEU A 204 17.05 -11.34 -44.14
CA LEU A 204 17.29 -11.57 -45.57
C LEU A 204 17.20 -10.28 -46.37
N ASP A 205 16.45 -9.29 -45.84
CA ASP A 205 16.23 -7.95 -46.38
C ASP A 205 17.46 -7.03 -46.21
N LEU A 206 18.33 -7.30 -45.20
CA LEU A 206 19.52 -6.50 -44.92
C LEU A 206 20.74 -6.94 -45.72
N VAL A 207 20.54 -7.81 -46.72
CA VAL A 207 21.57 -8.36 -47.57
C VAL A 207 20.99 -8.55 -48.98
N ASP A 208 21.79 -8.21 -50.01
CA ASP A 208 21.42 -8.33 -51.43
C ASP A 208 20.94 -9.74 -51.78
N PRO A 209 19.91 -9.89 -52.65
CA PRO A 209 19.41 -11.24 -52.98
C PRO A 209 20.45 -12.17 -53.61
N GLU A 210 21.59 -11.61 -54.06
CA GLU A 210 22.69 -12.37 -54.64
C GLU A 210 23.39 -13.14 -53.50
N LYS A 211 23.83 -12.41 -52.43
CA LYS A 211 24.50 -12.97 -51.24
C LYS A 211 23.52 -13.80 -50.38
N ALA A 212 22.23 -13.41 -50.38
CA ALA A 212 21.22 -14.13 -49.63
C ALA A 212 21.13 -15.55 -50.18
N ARG A 213 21.03 -15.72 -51.52
CA ARG A 213 21.01 -17.02 -52.18
C ARG A 213 22.32 -17.79 -51.90
N SER A 214 23.45 -17.06 -51.77
CA SER A 214 24.76 -17.66 -51.48
C SER A 214 24.77 -18.27 -50.06
N ILE A 215 24.33 -17.48 -49.07
CA ILE A 215 24.22 -17.87 -47.66
C ILE A 215 23.34 -19.12 -47.51
N LEU A 216 22.19 -19.15 -48.21
CA LEU A 216 21.28 -20.28 -48.17
C LEU A 216 21.97 -21.52 -48.77
N ASN A 217 22.44 -21.43 -50.03
CA ASN A 217 23.14 -22.55 -50.71
C ASN A 217 24.60 -22.70 -50.26
N ASN A 218 24.83 -22.47 -48.95
CA ASN A 218 26.10 -22.58 -48.24
C ASN A 218 26.77 -23.94 -48.49
N LYS A 219 28.10 -24.00 -48.39
CA LYS A 219 28.84 -25.25 -48.59
C LYS A 219 29.84 -25.50 -47.46
N LYS A 220 30.08 -24.48 -46.60
CA LYS A 220 30.97 -24.57 -45.43
C LYS A 220 30.28 -25.40 -44.34
N TYR A 221 28.98 -25.08 -44.05
CA TYR A 221 28.09 -25.71 -43.07
C TYR A 221 26.92 -26.41 -43.81
N PRO A 222 27.12 -27.58 -44.46
CA PRO A 222 26.00 -28.22 -45.17
C PRO A 222 25.08 -29.04 -44.25
N LEU A 223 23.75 -28.87 -44.44
CA LEU A 223 22.70 -29.55 -43.65
C LEU A 223 21.78 -30.43 -44.51
N SER A 224 21.37 -31.61 -43.97
CA SER A 224 20.45 -32.56 -44.60
C SER A 224 19.07 -31.88 -44.75
N MET A 225 18.48 -31.44 -43.62
CA MET A 225 17.25 -30.66 -43.56
C MET A 225 17.81 -29.26 -43.83
N GLY A 226 17.70 -28.77 -45.06
CA GLY A 226 18.31 -27.54 -45.56
C GLY A 226 18.28 -26.24 -44.76
N TYR A 227 18.16 -25.13 -45.52
CA TYR A 227 18.09 -23.77 -44.96
C TYR A 227 16.83 -23.07 -45.45
N VAL A 228 16.27 -22.20 -44.60
CA VAL A 228 15.08 -21.41 -44.91
C VAL A 228 15.45 -19.93 -44.68
N GLY A 229 15.16 -19.08 -45.67
CA GLY A 229 15.45 -17.65 -45.59
C GLY A 229 14.20 -16.89 -45.24
N VAL A 230 14.22 -16.11 -44.14
CA VAL A 230 13.05 -15.38 -43.66
C VAL A 230 13.30 -13.88 -43.45
N ILE A 231 12.21 -13.07 -43.48
CA ILE A 231 12.21 -11.63 -43.17
C ILE A 231 11.11 -11.44 -42.16
N THR A 232 11.46 -10.89 -40.99
CA THR A 232 10.53 -10.75 -39.89
C THR A 232 10.75 -9.43 -39.09
N LYS A 233 10.46 -8.27 -39.74
CA LYS A 233 10.58 -6.98 -39.07
C LYS A 233 9.21 -6.25 -39.05
N THR A 234 9.21 -4.89 -39.08
CA THR A 234 8.04 -3.98 -39.04
C THR A 234 7.26 -4.17 -37.73
N GLU A 270 -4.47 -8.92 -30.62
CA GLU A 270 -5.32 -9.58 -31.61
C GLU A 270 -5.56 -8.70 -32.86
N ASN A 271 -5.90 -7.42 -32.63
CA ASN A 271 -6.10 -6.40 -33.67
C ASN A 271 -4.82 -5.58 -33.80
N THR A 272 -4.24 -5.14 -32.65
CA THR A 272 -2.99 -4.38 -32.58
C THR A 272 -1.80 -5.35 -32.81
N ASN A 273 -1.88 -6.57 -32.23
CA ASN A 273 -0.81 -7.58 -32.31
C ASN A 273 -1.03 -8.69 -33.38
N GLY A 274 -2.27 -8.90 -33.84
CA GLY A 274 -2.61 -9.87 -34.88
C GLY A 274 -2.24 -9.34 -36.25
N LEU A 275 -2.66 -8.09 -36.51
CA LEU A 275 -2.41 -7.30 -37.71
C LEU A 275 -0.91 -7.03 -37.84
N LYS A 276 -0.20 -6.95 -36.69
CA LYS A 276 1.25 -6.73 -36.59
C LYS A 276 2.01 -7.75 -37.45
N GLN A 277 1.67 -9.04 -37.29
CA GLN A 277 2.29 -10.15 -38.01
C GLN A 277 1.80 -10.24 -39.45
N ILE A 278 0.58 -9.72 -39.75
CA ILE A 278 -0.04 -9.68 -41.08
C ILE A 278 0.71 -8.66 -41.95
N VAL A 279 0.96 -7.46 -41.37
CA VAL A 279 1.73 -6.36 -41.97
C VAL A 279 3.14 -6.89 -42.24
N SER A 280 3.76 -7.56 -41.23
CA SER A 280 5.09 -8.15 -41.31
C SER A 280 5.21 -9.15 -42.47
N HIS A 281 4.20 -10.01 -42.68
CA HIS A 281 4.25 -10.98 -43.76
C HIS A 281 4.05 -10.33 -45.11
N GLN A 282 3.09 -9.39 -45.22
CA GLN A 282 2.82 -8.66 -46.47
C GLN A 282 4.16 -8.17 -47.07
N PHE A 283 5.03 -7.58 -46.22
CA PHE A 283 6.36 -7.09 -46.56
C PHE A 283 7.32 -8.22 -46.94
N GLU A 284 7.36 -9.29 -46.12
CA GLU A 284 8.21 -10.47 -46.36
C GLU A 284 7.90 -11.12 -47.71
N LYS A 285 6.60 -11.36 -47.98
CA LYS A 285 6.07 -11.95 -49.20
C LYS A 285 6.39 -11.07 -50.43
N ALA A 286 6.29 -9.73 -50.25
CA ALA A 286 6.58 -8.71 -51.25
C ALA A 286 7.97 -8.89 -51.82
N TYR A 287 9.00 -8.81 -50.93
CA TYR A 287 10.43 -8.98 -51.23
C TYR A 287 10.69 -10.28 -51.98
N PHE A 288 10.12 -11.40 -51.50
CA PHE A 288 10.32 -12.72 -52.09
C PHE A 288 9.64 -12.89 -53.45
N LYS A 289 8.46 -12.28 -53.65
CA LYS A 289 7.80 -12.36 -54.95
C LYS A 289 8.58 -11.55 -55.97
N GLU A 290 9.07 -10.36 -55.58
CA GLU A 290 9.85 -9.45 -56.42
C GLU A 290 11.19 -10.03 -56.83
N ASN A 291 11.95 -10.59 -55.85
CA ASN A 291 13.28 -11.17 -56.06
C ASN A 291 13.25 -12.68 -56.35
N LYS A 292 12.09 -13.19 -56.83
CA LYS A 292 11.79 -14.59 -57.16
C LYS A 292 12.92 -15.30 -57.92
N LYS A 293 13.40 -14.69 -59.02
CA LYS A 293 14.47 -15.24 -59.88
C LYS A 293 15.82 -15.32 -59.18
N TYR A 294 16.11 -14.39 -58.24
CA TYR A 294 17.35 -14.38 -57.48
C TYR A 294 17.45 -15.57 -56.53
N PHE A 295 16.29 -16.11 -56.08
CA PHE A 295 16.22 -17.22 -55.13
C PHE A 295 15.83 -18.54 -55.77
N THR A 296 16.63 -19.00 -56.73
CA THR A 296 16.38 -20.30 -57.36
C THR A 296 17.00 -21.37 -56.47
N ASN A 297 16.31 -22.53 -56.30
CA ASN A 297 16.70 -23.65 -55.42
C ASN A 297 16.78 -23.16 -53.96
N CYS A 298 15.81 -22.33 -53.54
CA CYS A 298 15.77 -21.74 -52.20
C CYS A 298 14.48 -21.97 -51.48
N GLN A 299 14.55 -22.20 -50.17
CA GLN A 299 13.39 -22.33 -49.30
C GLN A 299 13.27 -20.97 -48.63
N VAL A 300 12.17 -20.25 -48.86
CA VAL A 300 12.03 -18.90 -48.28
C VAL A 300 10.66 -18.65 -47.68
N SER A 301 10.64 -17.73 -46.67
CA SER A 301 9.53 -17.20 -45.88
C SER A 301 9.07 -18.05 -44.69
N THR A 302 8.42 -17.36 -43.74
CA THR A 302 7.76 -17.85 -42.53
C THR A 302 6.90 -19.07 -42.87
N LYS A 303 5.99 -18.92 -43.87
CA LYS A 303 5.10 -19.96 -44.37
C LYS A 303 5.87 -21.27 -44.63
N LYS A 304 6.97 -21.21 -45.41
CA LYS A 304 7.78 -22.38 -45.73
C LYS A 304 8.48 -22.99 -44.51
N LEU A 305 8.81 -22.17 -43.48
CA LEU A 305 9.40 -22.70 -42.24
C LEU A 305 8.35 -23.48 -41.45
N ARG A 306 7.14 -22.87 -41.26
CA ARG A 306 6.01 -23.50 -40.58
C ARG A 306 5.84 -24.84 -41.29
N GLU A 307 5.69 -24.78 -42.63
CA GLU A 307 5.59 -25.93 -43.50
C GLU A 307 6.67 -26.96 -43.21
N LYS A 308 7.96 -26.52 -43.15
CA LYS A 308 9.13 -27.38 -42.90
C LYS A 308 9.08 -28.07 -41.55
N LEU A 309 8.90 -27.29 -40.48
CA LEU A 309 8.82 -27.76 -39.10
C LEU A 309 7.71 -28.84 -38.94
N ILE A 310 6.50 -28.59 -39.52
CA ILE A 310 5.36 -29.52 -39.53
C ILE A 310 5.77 -30.85 -40.17
N LYS A 311 6.36 -30.80 -41.38
CA LYS A 311 6.82 -31.98 -42.13
C LYS A 311 7.89 -32.75 -41.36
N ILE A 312 8.97 -32.08 -40.94
CA ILE A 312 10.12 -32.64 -40.20
C ILE A 312 9.68 -33.31 -38.87
N LEU A 313 8.92 -32.59 -38.01
CA LEU A 313 8.49 -33.10 -36.70
C LEU A 313 7.65 -34.38 -36.81
N GLU A 314 6.77 -34.47 -37.83
CA GLU A 314 5.97 -35.67 -38.08
C GLU A 314 6.94 -36.83 -38.35
N ILE A 315 7.90 -36.63 -39.30
CA ILE A 315 8.90 -37.59 -39.71
C ILE A 315 9.67 -38.05 -38.49
N SER A 316 10.21 -37.08 -37.72
CA SER A 316 11.04 -37.29 -36.53
C SER A 316 10.33 -38.01 -35.37
N MET A 317 9.19 -37.48 -34.89
CA MET A 317 8.41 -38.09 -33.80
C MET A 317 7.97 -39.55 -34.09
N SER A 318 7.36 -39.82 -35.27
CA SER A 318 6.86 -41.14 -35.70
C SER A 318 7.95 -42.19 -35.93
N ASN A 319 9.16 -41.73 -36.31
CA ASN A 319 10.32 -42.61 -36.49
C ASN A 319 10.85 -43.04 -35.14
N ALA A 320 10.61 -42.20 -34.10
CA ALA A 320 11.00 -42.45 -32.72
C ALA A 320 9.95 -43.27 -31.95
N LEU A 321 8.77 -43.58 -32.56
CA LEU A 321 7.67 -44.31 -31.93
C LEU A 321 7.98 -45.75 -31.54
N GLU A 322 8.63 -46.51 -32.44
CA GLU A 322 9.02 -47.88 -32.10
C GLU A 322 10.15 -47.83 -31.03
N PRO A 323 11.24 -47.03 -31.20
CA PRO A 323 12.26 -46.93 -30.13
C PRO A 323 11.67 -46.66 -28.76
N THR A 324 10.73 -45.68 -28.66
CA THR A 324 10.09 -45.28 -27.39
C THR A 324 9.23 -46.42 -26.82
N SER A 325 8.49 -47.17 -27.69
CA SER A 325 7.63 -48.27 -27.25
C SER A 325 8.43 -49.33 -26.53
N THR A 326 9.58 -49.72 -27.12
CA THR A 326 10.52 -50.70 -26.60
C THR A 326 11.02 -50.23 -25.23
N LEU A 327 11.48 -48.96 -25.16
CA LEU A 327 12.01 -48.34 -23.97
C LEU A 327 10.95 -48.22 -22.87
N ILE A 328 9.69 -47.97 -23.26
CA ILE A 328 8.60 -47.86 -22.28
C ILE A 328 8.28 -49.23 -21.76
N GLN A 329 8.01 -50.21 -22.65
CA GLN A 329 7.69 -51.58 -22.24
C GLN A 329 8.81 -52.10 -21.34
N GLN A 330 10.08 -51.71 -21.62
CA GLN A 330 11.27 -52.03 -20.84
C GLN A 330 11.15 -51.50 -19.39
N GLU A 331 10.84 -50.19 -19.22
CA GLU A 331 10.68 -49.57 -17.89
C GLU A 331 9.43 -50.04 -17.18
N LEU A 332 8.37 -50.29 -17.94
CA LEU A 332 7.08 -50.79 -17.47
C LEU A 332 7.21 -52.22 -16.95
N ASP A 333 8.09 -53.03 -17.57
CA ASP A 333 8.33 -54.41 -17.13
C ASP A 333 9.19 -54.45 -15.86
N ASP A 334 10.11 -53.50 -15.71
CA ASP A 334 10.94 -53.40 -14.52
C ASP A 334 10.06 -52.93 -13.36
N THR A 335 9.26 -51.86 -13.58
CA THR A 335 8.40 -51.26 -12.57
C THR A 335 7.28 -52.23 -12.10
N SER A 336 6.85 -53.17 -12.96
CA SER A 336 5.81 -54.14 -12.59
C SER A 336 6.36 -55.19 -11.60
N TYR A 337 7.62 -55.62 -11.83
CA TYR A 337 8.33 -56.59 -10.99
C TYR A 337 8.51 -56.06 -9.58
N LEU A 338 9.04 -54.82 -9.45
CA LEU A 338 9.26 -54.06 -8.21
C LEU A 338 7.98 -53.96 -7.38
N PHE A 339 6.82 -53.74 -8.04
CA PHE A 339 5.49 -53.65 -7.45
C PHE A 339 5.08 -55.00 -6.85
N LYS A 340 5.17 -56.07 -7.66
CA LYS A 340 4.86 -57.46 -7.28
C LYS A 340 5.82 -58.03 -6.19
N VAL A 341 7.01 -57.44 -6.03
CA VAL A 341 7.99 -57.91 -5.06
C VAL A 341 7.88 -57.10 -3.74
N GLU A 342 8.21 -55.79 -3.77
CA GLU A 342 8.18 -54.92 -2.59
C GLU A 342 6.77 -54.78 -1.98
N PHE A 343 5.72 -54.70 -2.83
CA PHE A 343 4.37 -54.44 -2.34
C PHE A 343 3.32 -55.47 -2.78
N ASN A 344 3.76 -56.64 -3.30
CA ASN A 344 2.92 -57.77 -3.75
C ASN A 344 1.70 -57.35 -4.60
N ASP A 345 1.94 -56.47 -5.61
CA ASP A 345 0.95 -55.92 -6.55
C ASP A 345 -0.34 -55.40 -5.88
N ARG A 346 -0.21 -54.85 -4.66
CA ARG A 346 -1.31 -54.27 -3.90
C ARG A 346 -1.41 -52.80 -4.25
N HIS A 347 -2.61 -52.33 -4.61
CA HIS A 347 -2.83 -50.93 -4.90
C HIS A 347 -2.98 -50.18 -3.56
N LEU A 348 -2.40 -48.98 -3.45
CA LEU A 348 -2.45 -48.18 -2.22
C LEU A 348 -3.06 -46.80 -2.45
N THR A 349 -4.28 -46.58 -1.94
CA THR A 349 -4.93 -45.26 -2.01
C THR A 349 -4.50 -44.52 -0.75
N PRO A 350 -3.93 -43.30 -0.85
CA PRO A 350 -3.45 -42.61 0.36
C PRO A 350 -4.53 -42.20 1.35
N LYS A 351 -5.66 -41.64 0.89
CA LYS A 351 -6.75 -41.23 1.78
C LYS A 351 -7.38 -42.43 2.49
N SER A 352 -7.32 -43.61 1.83
CA SER A 352 -7.84 -44.85 2.37
C SER A 352 -6.94 -45.34 3.51
N TYR A 353 -5.62 -45.46 3.23
CA TYR A 353 -4.52 -45.84 4.12
C TYR A 353 -4.60 -45.05 5.40
N LEU A 354 -4.72 -43.73 5.24
CA LEU A 354 -4.82 -42.74 6.30
C LEU A 354 -5.97 -43.08 7.21
N LEU A 355 -7.18 -43.23 6.64
CA LEU A 355 -8.38 -43.53 7.40
C LEU A 355 -8.38 -44.89 8.06
N ASN A 356 -7.88 -45.93 7.35
CA ASN A 356 -7.85 -47.29 7.89
C ASN A 356 -6.91 -47.42 9.07
N ASN A 357 -5.80 -46.67 9.06
CA ASN A 357 -4.85 -46.68 10.16
C ASN A 357 -5.38 -45.90 11.36
N ILE A 358 -6.29 -44.94 11.12
CA ILE A 358 -6.92 -44.18 12.19
C ILE A 358 -7.92 -45.08 12.93
N ASP A 359 -8.61 -45.98 12.19
CA ASP A 359 -9.55 -46.96 12.75
C ASP A 359 -8.82 -47.90 13.74
N VAL A 360 -7.57 -48.28 13.42
CA VAL A 360 -6.72 -49.15 14.23
C VAL A 360 -6.40 -48.46 15.57
N LEU A 361 -5.98 -47.18 15.50
CA LEU A 361 -5.68 -46.36 16.66
C LEU A 361 -6.93 -46.23 17.52
N LYS A 362 -8.08 -45.87 16.89
CA LYS A 362 -9.39 -45.70 17.53
C LYS A 362 -9.83 -46.98 18.26
N LEU A 363 -9.35 -48.13 17.77
CA LEU A 363 -9.58 -49.44 18.36
C LEU A 363 -8.68 -49.56 19.60
N GLY A 364 -7.41 -49.15 19.46
CA GLY A 364 -6.42 -49.17 20.54
C GLY A 364 -6.83 -48.37 21.77
N ILE A 365 -7.58 -47.26 21.55
CA ILE A 365 -8.08 -46.38 22.61
C ILE A 365 -9.27 -47.02 23.32
N LYS A 366 -10.08 -47.81 22.59
CA LYS A 366 -11.21 -48.54 23.18
C LYS A 366 -10.67 -49.65 24.08
N GLU A 367 -9.52 -50.26 23.70
CA GLU A 367 -8.82 -51.30 24.46
C GLU A 367 -8.25 -50.69 25.76
N PHE A 368 -7.67 -49.48 25.66
CA PHE A 368 -7.13 -48.73 26.79
C PHE A 368 -8.25 -48.31 27.73
N GLN A 369 -9.40 -47.89 27.18
CA GLN A 369 -10.59 -47.50 27.93
C GLN A 369 -10.96 -48.62 28.89
N GLU A 370 -11.07 -49.86 28.36
CA GLU A 370 -11.41 -51.10 29.08
C GLU A 370 -10.66 -51.30 30.38
N LYS A 371 -9.31 -51.21 30.32
CA LYS A 371 -8.42 -51.44 31.46
C LYS A 371 -7.71 -50.15 31.97
N PHE A 372 -8.48 -49.18 32.52
CA PHE A 372 -7.89 -47.95 33.04
C PHE A 372 -8.70 -47.26 34.15
N HIS A 373 -9.98 -46.89 33.90
CA HIS A 373 -10.92 -46.18 34.80
C HIS A 373 -10.82 -46.59 36.29
N ARG A 374 -10.38 -47.84 36.51
CA ARG A 374 -10.23 -48.63 37.73
C ARG A 374 -9.43 -47.99 38.89
N ASN A 375 -8.77 -48.88 39.65
CA ASN A 375 -7.88 -48.61 40.77
C ASN A 375 -6.52 -48.15 40.20
N GLU A 376 -6.34 -48.31 38.86
CA GLU A 376 -5.16 -47.90 38.10
C GLU A 376 -5.03 -46.37 38.21
N LEU A 377 -6.17 -45.67 38.12
CA LEU A 377 -6.27 -44.23 38.27
C LEU A 377 -5.98 -43.86 39.75
N LYS A 378 -6.41 -44.72 40.70
CA LYS A 378 -6.14 -44.54 42.14
C LYS A 378 -4.63 -44.64 42.37
N SER A 379 -3.98 -45.63 41.72
CA SER A 379 -2.55 -45.92 41.79
C SER A 379 -1.68 -44.77 41.29
N ILE A 380 -1.96 -44.25 40.08
CA ILE A 380 -1.19 -43.16 39.50
C ILE A 380 -1.24 -41.95 40.42
N LEU A 381 -2.44 -41.66 40.96
CA LEU A 381 -2.76 -40.55 41.84
C LEU A 381 -2.13 -40.68 43.22
N ARG A 382 -2.42 -41.78 43.94
CA ARG A 382 -1.89 -42.05 45.28
C ARG A 382 -0.38 -42.01 45.27
N ALA A 383 0.26 -42.50 44.20
CA ALA A 383 1.71 -42.48 44.04
C ALA A 383 2.25 -41.05 44.03
N GLU A 384 1.48 -40.11 43.45
CA GLU A 384 1.86 -38.69 43.42
C GLU A 384 1.66 -38.06 44.78
N LEU A 385 0.50 -38.32 45.44
CA LEU A 385 0.21 -37.81 46.78
C LEU A 385 1.12 -38.40 47.87
N ASP A 386 1.68 -39.63 47.63
CA ASP A 386 2.62 -40.33 48.50
C ASP A 386 3.88 -39.49 48.58
N GLN A 387 4.29 -38.92 47.44
CA GLN A 387 5.44 -38.05 47.35
C GLN A 387 5.17 -36.72 48.07
N LYS A 388 3.92 -36.19 47.99
CA LYS A 388 3.56 -34.95 48.71
C LYS A 388 3.62 -35.16 50.22
N VAL A 389 3.07 -36.28 50.70
CA VAL A 389 3.11 -36.65 52.12
C VAL A 389 4.57 -36.61 52.59
N LEU A 390 5.49 -37.24 51.83
CA LEU A 390 6.92 -37.28 52.10
C LEU A 390 7.54 -35.88 52.17
N ASP A 391 7.05 -34.95 51.35
CA ASP A 391 7.53 -33.57 51.33
C ASP A 391 6.94 -32.80 52.52
N VAL A 392 5.63 -33.00 52.79
CA VAL A 392 4.92 -32.44 53.94
C VAL A 392 5.67 -32.85 55.24
N LEU A 393 6.10 -34.12 55.32
CA LEU A 393 6.84 -34.67 56.48
C LEU A 393 8.23 -34.08 56.61
N ALA A 394 8.94 -33.85 55.49
CA ALA A 394 10.29 -33.30 55.57
C ALA A 394 10.26 -31.81 55.96
N THR A 395 9.41 -31.01 55.26
CA THR A 395 9.24 -29.56 55.51
C THR A 395 8.68 -29.26 56.89
N ARG A 396 7.93 -30.21 57.49
CA ARG A 396 7.39 -30.06 58.83
C ARG A 396 8.16 -30.91 59.85
N TYR A 397 7.74 -32.17 60.05
CA TYR A 397 8.23 -33.13 61.04
C TYR A 397 9.73 -33.46 61.01
N TRP A 398 10.20 -34.22 60.02
CA TRP A 398 11.57 -34.74 59.90
C TRP A 398 12.73 -33.79 60.31
N LYS A 399 12.62 -32.48 60.02
CA LYS A 399 13.66 -31.51 60.36
C LYS A 399 13.59 -31.02 61.83
N ASP A 400 12.44 -31.21 62.49
CA ASP A 400 12.21 -30.80 63.89
C ASP A 400 13.18 -31.49 64.81
N ASP A 401 13.74 -30.72 65.76
CA ASP A 401 14.72 -31.19 66.73
C ASP A 401 14.11 -32.09 67.82
N ASN A 402 12.83 -31.87 68.15
CA ASN A 402 12.12 -32.61 69.20
C ASN A 402 11.20 -33.71 68.64
N LEU A 403 11.60 -34.33 67.51
CA LEU A 403 10.79 -35.38 66.87
C LEU A 403 10.69 -36.67 67.69
N GLN A 404 11.71 -36.93 68.54
CA GLN A 404 11.78 -38.09 69.43
C GLN A 404 10.73 -38.00 70.53
N ASP A 405 10.36 -36.75 70.91
CA ASP A 405 9.37 -36.42 71.94
C ASP A 405 8.01 -37.12 71.76
N LEU A 406 7.63 -37.39 70.49
CA LEU A 406 6.38 -38.07 70.13
C LEU A 406 6.42 -39.54 70.52
N SER A 407 7.63 -40.14 70.56
CA SER A 407 7.86 -41.53 70.95
C SER A 407 7.83 -41.69 72.49
N SER A 408 7.96 -40.56 73.25
CA SER A 408 7.94 -40.50 74.71
C SER A 408 6.51 -40.57 75.31
N SER A 409 6.41 -40.89 76.62
CA SER A 409 5.15 -41.06 77.35
C SER A 409 4.56 -39.76 77.93
N LYS A 410 5.38 -38.94 78.63
CA LYS A 410 4.89 -37.70 79.26
C LYS A 410 4.53 -36.61 78.25
N LEU A 411 3.60 -35.72 78.66
CA LEU A 411 3.06 -34.61 77.84
C LEU A 411 2.60 -33.43 78.69
N GLU A 412 2.87 -32.19 78.22
CA GLU A 412 2.49 -30.97 78.94
C GLU A 412 1.26 -30.30 78.31
N SER A 413 0.10 -30.51 78.98
CA SER A 413 -1.27 -30.07 78.70
C SER A 413 -1.44 -28.80 77.84
N ASP A 414 -0.74 -27.70 78.19
CA ASP A 414 -0.89 -26.42 77.48
C ASP A 414 0.05 -26.24 76.29
N THR A 415 1.32 -25.86 76.54
CA THR A 415 2.31 -25.55 75.52
C THR A 415 2.71 -26.73 74.59
N ASP A 416 3.26 -27.84 75.12
CA ASP A 416 3.74 -28.93 74.25
C ASP A 416 2.64 -29.88 73.73
N MET A 417 1.52 -30.05 74.46
CA MET A 417 0.41 -30.92 74.02
C MET A 417 -0.31 -30.33 72.79
N LEU A 418 -0.30 -28.99 72.66
CA LEU A 418 -0.92 -28.26 71.56
C LEU A 418 0.05 -28.06 70.38
N TYR A 419 1.37 -28.00 70.66
CA TYR A 419 2.44 -27.80 69.68
C TYR A 419 2.39 -28.79 68.51
N TRP A 420 2.15 -30.08 68.82
CA TRP A 420 2.07 -31.15 67.83
C TRP A 420 0.69 -31.23 67.19
N HIS A 421 -0.34 -30.79 67.94
CA HIS A 421 -1.73 -30.71 67.46
C HIS A 421 -1.85 -29.62 66.40
N LYS A 422 -1.11 -28.50 66.58
CA LYS A 422 -1.08 -27.39 65.63
C LYS A 422 -0.25 -27.82 64.41
N LYS A 423 0.95 -28.42 64.64
CA LYS A 423 1.87 -28.89 63.61
C LYS A 423 1.18 -29.83 62.62
N LEU A 424 0.44 -30.83 63.15
CA LEU A 424 -0.33 -31.82 62.39
C LEU A 424 -1.40 -31.15 61.54
N GLU A 425 -1.90 -29.96 61.96
CA GLU A 425 -2.92 -29.24 61.24
C GLU A 425 -2.40 -28.56 59.96
N LEU A 426 -1.32 -27.74 60.06
CA LEU A 426 -0.81 -27.03 58.88
C LEU A 426 -0.04 -27.97 57.91
N ALA A 427 0.29 -29.18 58.38
CA ALA A 427 0.92 -30.23 57.59
C ALA A 427 -0.20 -30.83 56.74
N SER A 428 -1.37 -31.10 57.38
CA SER A 428 -2.58 -31.63 56.75
C SER A 428 -3.13 -30.62 55.73
N SER A 429 -3.28 -29.34 56.15
CA SER A 429 -3.75 -28.25 55.29
C SER A 429 -2.79 -28.06 54.11
N GLY A 430 -1.49 -28.22 54.35
CA GLY A 430 -0.47 -28.10 53.31
C GLY A 430 -0.66 -29.03 52.15
N LEU A 431 -1.20 -30.24 52.44
CA LEU A 431 -1.49 -31.31 51.50
C LEU A 431 -2.89 -31.20 50.86
N THR A 432 -3.91 -30.88 51.68
CA THR A 432 -5.30 -30.77 51.23
C THR A 432 -5.54 -29.48 50.43
N LYS A 433 -4.89 -28.37 50.83
CA LYS A 433 -4.99 -27.08 50.14
C LYS A 433 -3.87 -26.92 49.09
N MET A 434 -3.15 -28.02 48.81
CA MET A 434 -2.05 -28.12 47.85
C MET A 434 -2.49 -27.78 46.41
N GLY A 435 -3.58 -28.38 45.97
CA GLY A 435 -4.11 -28.18 44.63
C GLY A 435 -4.40 -29.49 43.93
N ILE A 436 -5.20 -30.36 44.60
CA ILE A 436 -5.60 -31.69 44.13
C ILE A 436 -6.36 -31.62 42.79
N GLY A 437 -7.23 -30.62 42.65
CA GLY A 437 -7.99 -30.36 41.43
C GLY A 437 -7.10 -30.31 40.20
N ARG A 438 -6.15 -29.35 40.15
CA ARG A 438 -5.20 -29.21 39.04
C ARG A 438 -4.32 -30.43 38.95
N LEU A 439 -3.80 -30.92 40.09
CA LEU A 439 -2.93 -32.10 40.14
C LEU A 439 -3.60 -33.27 39.44
N SER A 440 -4.67 -33.83 40.04
CA SER A 440 -5.45 -34.95 39.53
C SER A 440 -5.69 -34.85 38.04
N THR A 441 -6.27 -33.71 37.61
CA THR A 441 -6.62 -33.38 36.23
C THR A 441 -5.39 -33.41 35.30
N MET A 442 -4.35 -32.61 35.61
CA MET A 442 -3.14 -32.56 34.78
C MET A 442 -2.30 -33.82 34.84
N LEU A 443 -2.53 -34.68 35.84
CA LEU A 443 -1.84 -35.96 36.01
C LEU A 443 -2.45 -36.99 35.06
N THR A 444 -3.78 -37.18 35.16
CA THR A 444 -4.58 -38.10 34.35
C THR A 444 -4.57 -37.67 32.89
N THR A 445 -4.36 -36.37 32.61
CA THR A 445 -4.27 -35.88 31.23
C THR A 445 -3.00 -36.41 30.57
N ASN A 446 -1.85 -36.26 31.25
CA ASN A 446 -0.56 -36.77 30.78
C ASN A 446 -0.61 -38.28 30.61
N ALA A 447 -1.31 -38.98 31.52
CA ALA A 447 -1.50 -40.43 31.51
C ALA A 447 -2.11 -40.92 30.17
N ILE A 448 -3.20 -40.25 29.72
CA ILE A 448 -3.90 -40.55 28.47
C ILE A 448 -3.01 -40.23 27.28
N LEU A 449 -2.49 -38.98 27.23
CA LEU A 449 -1.60 -38.45 26.20
C LEU A 449 -0.39 -39.35 25.98
N LYS A 450 0.17 -39.90 27.08
CA LYS A 450 1.31 -40.80 27.10
C LYS A 450 0.89 -42.17 26.54
N GLU A 451 -0.24 -42.75 27.02
CA GLU A 451 -0.72 -44.04 26.53
C GLU A 451 -1.09 -43.99 25.05
N LEU A 452 -1.51 -42.80 24.58
CA LEU A 452 -1.81 -42.54 23.19
C LEU A 452 -0.52 -42.70 22.37
N ASP A 453 0.61 -42.19 22.91
CA ASP A 453 1.93 -42.29 22.28
C ASP A 453 2.31 -43.74 22.15
N ASN A 454 1.96 -44.55 23.15
CA ASN A 454 2.24 -45.98 23.16
C ASN A 454 1.41 -46.70 22.12
N ILE A 455 0.09 -46.36 22.01
CA ILE A 455 -0.83 -46.94 21.02
C ILE A 455 -0.35 -46.58 19.59
N LEU A 456 0.02 -45.28 19.38
CA LEU A 456 0.54 -44.73 18.12
C LEU A 456 1.80 -45.45 17.68
N GLU A 457 2.70 -45.77 18.63
CA GLU A 457 3.94 -46.49 18.37
C GLU A 457 3.75 -47.96 18.04
N SER A 458 2.67 -48.58 18.58
CA SER A 458 2.33 -50.00 18.35
C SER A 458 1.47 -50.23 17.08
N THR A 459 1.38 -49.18 16.21
CA THR A 459 0.64 -49.19 14.94
C THR A 459 1.54 -48.65 13.83
N GLN A 460 1.12 -48.80 12.56
CA GLN A 460 1.80 -48.32 11.36
C GLN A 460 2.04 -46.80 11.39
N LEU A 461 1.23 -46.06 12.16
CA LEU A 461 1.33 -44.61 12.33
C LEU A 461 2.63 -44.17 13.01
N LYS A 462 3.48 -45.14 13.44
CA LYS A 462 4.77 -44.91 14.07
C LYS A 462 5.75 -44.24 13.10
N ASN A 463 5.48 -44.34 11.79
CA ASN A 463 6.30 -43.76 10.74
C ASN A 463 5.80 -42.40 10.25
N HIS A 464 4.60 -41.99 10.68
CA HIS A 464 4.00 -40.72 10.25
C HIS A 464 3.92 -39.72 11.38
N GLU A 465 4.87 -38.77 11.42
CA GLU A 465 4.95 -37.74 12.47
C GLU A 465 3.84 -36.71 12.40
N LEU A 466 3.50 -36.25 11.18
CA LEU A 466 2.45 -35.26 10.93
C LEU A 466 1.08 -35.77 11.37
N ILE A 467 0.84 -37.10 11.24
CA ILE A 467 -0.39 -37.77 11.69
C ILE A 467 -0.33 -37.87 13.22
N LYS A 468 0.83 -38.28 13.75
CA LYS A 468 1.03 -38.43 15.19
C LYS A 468 0.76 -37.13 15.95
N ASP A 469 1.18 -36.00 15.38
CA ASP A 469 0.95 -34.67 15.95
C ASP A 469 -0.51 -34.32 15.89
N LEU A 470 -1.17 -34.67 14.78
CA LEU A 470 -2.60 -34.41 14.61
C LEU A 470 -3.34 -35.07 15.75
N VAL A 471 -3.12 -36.40 15.92
CA VAL A 471 -3.70 -37.23 16.98
C VAL A 471 -3.42 -36.64 18.37
N SER A 472 -2.16 -36.31 18.68
CA SER A 472 -1.74 -35.73 19.96
C SER A 472 -2.40 -34.37 20.26
N ASN A 473 -2.41 -33.46 19.26
CA ASN A 473 -3.00 -32.13 19.41
C ASN A 473 -4.49 -32.24 19.60
N THR A 474 -5.15 -33.03 18.76
CA THR A 474 -6.60 -33.20 18.85
C THR A 474 -6.98 -33.90 20.18
N ALA A 475 -6.09 -34.76 20.76
CA ALA A 475 -6.33 -35.43 22.04
C ALA A 475 -6.31 -34.43 23.20
N ILE A 476 -5.31 -33.53 23.21
CA ILE A 476 -5.15 -32.48 24.21
C ILE A 476 -6.26 -31.46 24.04
N ASN A 477 -6.71 -31.19 22.79
CA ASN A 477 -7.81 -30.27 22.53
C ASN A 477 -9.07 -30.77 23.21
N VAL A 478 -9.33 -32.09 23.12
CA VAL A 478 -10.47 -32.75 23.75
C VAL A 478 -10.32 -32.63 25.27
N LEU A 479 -9.16 -33.04 25.80
CA LEU A 479 -8.88 -33.03 27.22
C LEU A 479 -9.00 -31.65 27.85
N ASN A 480 -8.49 -30.59 27.18
CA ASN A 480 -8.49 -29.19 27.64
C ASN A 480 -9.89 -28.67 27.85
N SER A 481 -10.82 -28.97 26.93
CA SER A 481 -12.22 -28.55 26.96
C SER A 481 -12.92 -28.89 28.29
N LYS A 482 -12.41 -29.90 29.03
CA LYS A 482 -12.95 -30.35 30.31
C LYS A 482 -12.00 -30.15 31.49
N TYR A 483 -10.87 -29.44 31.29
CA TYR A 483 -9.92 -29.20 32.37
C TYR A 483 -10.55 -28.53 33.60
N TYR A 484 -11.15 -27.33 33.43
CA TYR A 484 -11.76 -26.56 34.51
C TYR A 484 -12.91 -27.34 35.15
N SER A 485 -13.81 -27.87 34.32
CA SER A 485 -14.97 -28.67 34.69
C SER A 485 -14.57 -29.76 35.67
N THR A 486 -13.46 -30.47 35.36
CA THR A 486 -12.86 -31.54 36.16
C THR A 486 -12.16 -30.97 37.40
N ALA A 487 -11.12 -30.13 37.22
CA ALA A 487 -10.33 -29.53 38.29
C ALA A 487 -11.16 -28.85 39.37
N ASP A 488 -12.03 -27.88 39.01
CA ASP A 488 -12.88 -27.13 39.96
C ASP A 488 -13.81 -28.02 40.77
N GLN A 489 -14.55 -28.92 40.10
CA GLN A 489 -15.46 -29.85 40.79
C GLN A 489 -14.73 -30.80 41.72
N VAL A 490 -13.47 -31.16 41.36
CA VAL A 490 -12.61 -32.03 42.16
C VAL A 490 -12.24 -31.28 43.44
N GLU A 491 -11.84 -30.01 43.34
CA GLU A 491 -11.51 -29.18 44.51
C GLU A 491 -12.71 -29.01 45.46
N ASN A 492 -13.92 -28.83 44.89
CA ASN A 492 -15.17 -28.68 45.64
C ASN A 492 -15.52 -29.94 46.39
N CYS A 493 -15.38 -31.12 45.75
CA CYS A 493 -15.71 -32.39 46.38
C CYS A 493 -14.62 -32.90 47.35
N ILE A 494 -13.45 -32.22 47.43
CA ILE A 494 -12.35 -32.61 48.35
C ILE A 494 -12.25 -31.66 49.55
N LYS A 495 -13.16 -30.67 49.65
CA LYS A 495 -13.23 -29.73 50.77
C LYS A 495 -13.49 -30.43 52.15
N PRO A 496 -14.34 -31.49 52.28
CA PRO A 496 -14.55 -32.13 53.60
C PRO A 496 -13.30 -32.73 54.27
N PHE A 497 -12.24 -32.93 53.48
CA PHE A 497 -10.97 -33.49 53.94
C PHE A 497 -9.97 -32.40 54.33
N LYS A 498 -10.28 -31.12 53.99
CA LYS A 498 -9.45 -29.95 54.32
C LYS A 498 -9.43 -29.61 55.81
N TYR A 499 -10.46 -30.02 56.58
CA TYR A 499 -10.56 -29.76 58.02
C TYR A 499 -11.10 -30.97 58.81
N GLU A 500 -10.19 -31.92 59.13
CA GLU A 500 -10.38 -33.17 59.88
C GLU A 500 -11.42 -34.12 59.28
N ILE A 501 -11.25 -35.41 59.57
CA ILE A 501 -12.13 -36.48 59.09
C ILE A 501 -12.52 -37.43 60.22
N ASP A 502 -13.77 -37.89 60.19
CA ASP A 502 -14.31 -38.87 61.12
C ASP A 502 -14.02 -40.24 60.47
N LEU A 503 -12.77 -40.71 60.60
CA LEU A 503 -12.31 -41.95 60.00
C LEU A 503 -12.60 -43.14 60.91
N GLU A 504 -12.94 -44.30 60.32
CA GLU A 504 -13.19 -45.54 61.06
C GLU A 504 -11.86 -46.20 61.38
N GLU A 505 -11.88 -47.26 62.21
CA GLU A 505 -10.69 -48.05 62.56
C GLU A 505 -10.09 -48.64 61.29
N ARG A 506 -10.97 -49.13 60.39
CA ARG A 506 -10.65 -49.75 59.08
C ARG A 506 -9.81 -48.80 58.22
N ASP A 507 -10.23 -47.53 58.13
CA ASP A 507 -9.54 -46.48 57.38
C ASP A 507 -8.15 -46.25 57.98
N TRP A 508 -8.08 -46.11 59.32
CA TRP A 508 -6.85 -45.88 60.09
C TRP A 508 -5.87 -47.03 59.96
N SER A 509 -6.39 -48.28 59.93
CA SER A 509 -5.60 -49.49 59.82
C SER A 509 -4.89 -49.57 58.48
N LEU A 510 -5.64 -49.44 57.37
CA LEU A 510 -5.13 -49.46 55.99
C LEU A 510 -4.00 -48.41 55.79
N ALA A 511 -4.22 -47.20 56.34
CA ALA A 511 -3.28 -46.07 56.30
C ALA A 511 -1.99 -46.43 57.00
N ARG A 512 -2.09 -47.03 58.21
CA ARG A 512 -0.96 -47.46 59.06
C ARG A 512 -0.06 -48.42 58.31
N GLN A 513 -0.64 -49.49 57.73
CA GLN A 513 0.14 -50.47 56.96
C GLN A 513 0.85 -49.78 55.80
N HIS A 514 0.15 -48.85 55.11
CA HIS A 514 0.72 -48.10 54.00
C HIS A 514 1.86 -47.19 54.42
N SER A 515 1.71 -46.48 55.56
CA SER A 515 2.70 -45.56 56.12
C SER A 515 3.98 -46.30 56.51
N ILE A 516 3.83 -47.51 57.11
CA ILE A 516 4.96 -48.37 57.48
C ILE A 516 5.75 -48.68 56.20
N ASN A 517 5.04 -49.17 55.18
CA ASN A 517 5.60 -49.53 53.88
C ASN A 517 6.23 -48.34 53.16
N LEU A 518 5.65 -47.13 53.36
CA LEU A 518 6.13 -45.88 52.77
C LEU A 518 7.51 -45.51 53.32
N ILE A 519 7.61 -45.43 54.65
CA ILE A 519 8.82 -45.10 55.41
C ILE A 519 9.87 -46.20 55.22
N LYS A 520 9.43 -47.48 55.18
CA LYS A 520 10.27 -48.67 54.90
C LYS A 520 11.08 -48.37 53.64
N GLU A 521 10.36 -48.05 52.54
CA GLU A 521 10.91 -47.73 51.23
C GLU A 521 11.73 -46.43 51.25
N GLU A 522 11.24 -45.39 51.97
CA GLU A 522 11.94 -44.11 52.07
C GLU A 522 13.29 -44.25 52.74
N LEU A 523 13.35 -45.06 53.82
CA LEU A 523 14.56 -45.38 54.59
C LEU A 523 15.51 -46.24 53.76
N ARG A 524 14.97 -47.23 53.03
CA ARG A 524 15.78 -48.09 52.16
C ARG A 524 16.46 -47.31 51.04
N GLN A 525 15.87 -46.18 50.63
CA GLN A 525 16.40 -45.31 49.59
C GLN A 525 17.52 -44.44 50.13
N CYS A 526 17.44 -44.05 51.40
CA CYS A 526 18.45 -43.22 52.04
C CYS A 526 19.69 -44.03 52.39
N ASN A 527 19.52 -45.26 52.94
CA ASN A 527 20.59 -46.18 53.32
C ASN A 527 21.44 -46.55 52.12
N SER A 528 20.78 -46.85 50.98
CA SER A 528 21.40 -47.22 49.72
C SER A 528 22.24 -46.07 49.19
N ARG A 529 21.73 -44.83 49.31
CA ARG A 529 22.44 -43.64 48.89
C ARG A 529 23.59 -43.34 49.86
N TYR A 530 23.42 -43.73 51.14
CA TYR A 530 24.47 -43.58 52.15
C TYR A 530 25.58 -44.57 51.83
N GLN A 531 25.21 -45.83 51.53
CA GLN A 531 26.13 -46.89 51.13
C GLN A 531 26.81 -46.59 49.80
N ALA A 532 26.11 -45.86 48.90
CA ALA A 532 26.64 -45.42 47.62
C ALA A 532 27.85 -44.51 47.85
N ILE A 533 27.73 -43.59 48.82
CA ILE A 533 28.83 -42.68 49.17
C ILE A 533 29.91 -43.50 49.93
N LYS A 534 29.48 -44.39 50.86
CA LYS A 534 30.35 -45.26 51.67
C LYS A 534 31.34 -46.05 50.83
N ASN A 535 30.89 -46.56 49.66
CA ASN A 535 31.73 -47.37 48.79
C ASN A 535 32.56 -46.55 47.80
N ALA A 536 31.97 -45.51 47.19
CA ALA A 536 32.63 -44.62 46.23
C ALA A 536 33.76 -43.76 46.83
N VAL A 537 33.69 -43.46 48.14
CA VAL A 537 34.69 -42.66 48.87
C VAL A 537 35.66 -43.60 49.63
N GLY A 538 35.10 -44.52 50.40
CA GLY A 538 35.82 -45.48 51.23
C GLY A 538 35.29 -45.46 52.64
N SER A 539 34.79 -46.62 53.15
CA SER A 539 34.20 -46.81 54.49
C SER A 539 34.84 -45.96 55.61
N LYS A 540 36.19 -46.03 55.70
CA LYS A 540 37.01 -45.31 56.69
C LYS A 540 37.18 -43.85 56.28
N LYS A 541 37.57 -43.59 55.01
CA LYS A 541 37.78 -42.26 54.41
C LYS A 541 36.53 -41.38 54.54
N LEU A 542 35.35 -42.02 54.64
CA LEU A 542 34.01 -41.42 54.82
C LEU A 542 33.93 -40.78 56.21
N ALA A 543 34.24 -41.57 57.29
CA ALA A 543 34.25 -41.13 58.69
C ALA A 543 35.22 -39.96 58.92
N ASN A 544 36.33 -39.90 58.14
CA ASN A 544 37.34 -38.84 58.16
C ASN A 544 36.70 -37.49 57.78
N VAL A 545 36.03 -37.47 56.62
CA VAL A 545 35.35 -36.30 56.04
C VAL A 545 34.17 -35.90 56.91
N MET A 546 33.32 -36.87 57.27
CA MET A 546 32.13 -36.64 58.09
C MET A 546 32.48 -35.95 59.43
N GLY A 547 33.39 -36.57 60.19
CA GLY A 547 33.87 -36.07 61.48
C GLY A 547 34.59 -34.74 61.41
N TYR A 548 35.22 -34.45 60.26
CA TYR A 548 35.91 -33.20 59.99
C TYR A 548 34.90 -32.05 59.84
N LEU A 549 33.89 -32.24 58.97
CA LEU A 549 32.82 -31.26 58.71
C LEU A 549 31.98 -31.01 59.96
N GLU A 550 31.79 -32.07 60.77
CA GLU A 550 31.07 -32.06 62.04
C GLU A 550 31.92 -31.42 63.15
N ASN A 551 33.26 -31.45 63.00
CA ASN A 551 34.29 -30.89 63.90
C ASN A 551 34.43 -31.65 65.23
N GLU A 552 33.80 -32.83 65.37
CA GLU A 552 33.88 -33.72 66.55
C GLU A 552 35.29 -34.38 66.63
N SER A 553 35.98 -34.46 65.47
CA SER A 553 37.33 -34.98 65.27
C SER A 553 38.12 -33.93 64.43
N ASN A 554 39.00 -34.38 63.48
CA ASN A 554 39.80 -33.49 62.61
C ASN A 554 38.89 -32.74 61.65
N LYS A 564 38.05 -30.57 47.90
CA LYS A 564 36.78 -29.82 47.85
C LYS A 564 35.63 -30.74 47.42
N LEU A 565 35.80 -31.44 46.27
CA LEU A 565 34.84 -32.39 45.68
C LEU A 565 34.47 -33.51 46.67
N LEU A 566 35.43 -33.87 47.53
CA LEU A 566 35.35 -34.88 48.59
C LEU A 566 34.40 -34.42 49.71
N LEU A 567 34.47 -33.12 50.08
CA LEU A 567 33.67 -32.49 51.13
C LEU A 567 32.20 -32.44 50.78
N GLU A 568 31.88 -32.29 49.47
CA GLU A 568 30.51 -32.25 48.95
C GLU A 568 29.82 -33.61 49.21
N ARG A 569 30.53 -34.73 48.88
CA ARG A 569 30.07 -36.11 49.09
C ARG A 569 29.91 -36.38 50.59
N GLY A 570 30.88 -35.90 51.37
CA GLY A 570 30.93 -36.01 52.82
C GLY A 570 29.80 -35.29 53.52
N SER A 571 29.51 -34.04 53.10
CA SER A 571 28.42 -33.22 53.64
C SER A 571 27.06 -33.86 53.34
N GLU A 572 26.92 -34.43 52.12
CA GLU A 572 25.72 -35.15 51.69
C GLU A 572 25.55 -36.38 52.59
N ALA A 573 26.63 -37.17 52.75
CA ALA A 573 26.67 -38.38 53.58
C ALA A 573 26.18 -38.12 55.00
N ILE A 574 26.53 -36.93 55.56
CA ILE A 574 26.12 -36.48 56.90
C ILE A 574 24.60 -36.37 56.93
N PHE A 575 23.99 -35.67 55.93
CA PHE A 575 22.54 -35.46 55.83
C PHE A 575 21.81 -36.80 55.82
N LEU A 576 22.33 -37.74 55.01
CA LEU A 576 21.79 -39.09 54.84
C LEU A 576 21.92 -39.90 56.13
N ASP A 577 23.10 -39.80 56.80
CA ASP A 577 23.41 -40.45 58.07
C ASP A 577 22.34 -40.00 59.08
N LYS A 578 22.10 -38.68 59.14
CA LYS A 578 21.13 -37.98 59.99
C LYS A 578 19.67 -38.36 59.65
N ARG A 579 19.32 -38.40 58.34
CA ARG A 579 17.97 -38.76 57.87
C ARG A 579 17.56 -40.15 58.32
N CYS A 580 18.40 -41.15 58.04
CA CYS A 580 18.15 -42.55 58.35
C CYS A 580 17.82 -42.75 59.79
N LYS A 581 18.55 -42.08 60.69
CA LYS A 581 18.28 -42.09 62.13
C LYS A 581 16.82 -41.65 62.40
N VAL A 582 16.37 -40.56 61.74
CA VAL A 582 15.04 -39.95 61.86
C VAL A 582 13.95 -40.90 61.38
N LEU A 583 14.14 -41.46 60.17
CA LEU A 583 13.19 -42.38 59.55
C LEU A 583 13.10 -43.69 60.33
N SER A 584 14.23 -44.12 60.96
CA SER A 584 14.33 -45.32 61.76
C SER A 584 13.52 -45.23 63.05
N PHE A 585 13.68 -44.14 63.82
CA PHE A 585 12.91 -44.00 65.06
C PHE A 585 11.42 -43.75 64.77
N ARG A 586 11.10 -43.32 63.54
CA ARG A 586 9.72 -43.12 63.17
C ARG A 586 9.08 -44.41 62.67
N LEU A 587 9.75 -45.15 61.76
CA LEU A 587 9.31 -46.45 61.22
C LEU A 587 9.03 -47.43 62.37
N LYS A 588 9.98 -47.52 63.32
CA LYS A 588 9.89 -48.37 64.50
C LYS A 588 8.67 -48.00 65.34
N MET A 589 8.35 -46.69 65.45
CA MET A 589 7.17 -46.22 66.21
C MET A 589 5.88 -46.64 65.53
N LEU A 590 5.78 -46.48 64.19
CA LEU A 590 4.60 -46.82 63.40
C LEU A 590 4.21 -48.30 63.56
N LYS A 591 5.23 -49.17 63.64
CA LYS A 591 5.07 -50.61 63.79
C LYS A 591 4.66 -51.00 65.21
N ASN A 592 5.10 -50.23 66.22
CA ASN A 592 4.89 -50.54 67.64
C ASN A 592 3.89 -49.63 68.42
N LYS A 593 3.36 -48.54 67.83
CA LYS A 593 2.54 -47.63 68.62
C LYS A 593 1.23 -47.08 68.01
N CYS A 594 1.23 -46.66 66.73
CA CYS A 594 0.08 -46.00 66.09
C CYS A 594 -1.12 -46.93 65.78
N HIS A 595 -1.69 -47.56 66.81
CA HIS A 595 -2.80 -48.51 66.68
C HIS A 595 -4.20 -47.88 66.78
N SER A 596 -4.33 -46.80 67.56
CA SER A 596 -5.63 -46.14 67.76
C SER A 596 -5.91 -45.03 66.77
N THR A 597 -7.20 -44.91 66.40
CA THR A 597 -7.74 -43.94 65.44
C THR A 597 -7.59 -42.49 65.95
N ILE A 598 -8.68 -41.91 66.53
CA ILE A 598 -8.69 -40.53 67.04
C ILE A 598 -7.69 -40.31 68.21
N GLU A 599 -7.32 -41.39 68.93
CA GLU A 599 -6.39 -41.29 70.05
C GLU A 599 -4.96 -41.05 69.59
N LYS A 600 -4.31 -42.06 68.95
CA LYS A 600 -2.93 -41.97 68.45
C LYS A 600 -2.72 -40.95 67.30
N ASP A 601 -3.75 -40.12 67.02
CA ASP A 601 -3.84 -39.08 65.97
C ASP A 601 -2.55 -38.30 65.68
N ARG A 602 -1.65 -38.12 66.69
CA ARG A 602 -0.38 -37.43 66.47
C ARG A 602 0.76 -38.43 66.11
N CYS A 603 0.46 -39.21 65.05
CA CYS A 603 1.23 -40.17 64.28
C CYS A 603 1.01 -39.57 62.87
N PRO A 604 1.85 -38.60 62.43
CA PRO A 604 1.59 -37.92 61.15
C PRO A 604 1.48 -38.82 59.91
N GLU A 605 2.43 -39.76 59.76
CA GLU A 605 2.54 -40.72 58.65
C GLU A 605 1.22 -41.44 58.38
N VAL A 606 0.50 -41.87 59.43
CA VAL A 606 -0.76 -42.60 59.30
C VAL A 606 -1.89 -41.64 58.92
N PHE A 607 -2.04 -40.51 59.66
CA PHE A 607 -3.09 -39.54 59.42
C PHE A 607 -3.02 -38.94 58.01
N LEU A 608 -1.83 -38.47 57.59
CA LEU A 608 -1.64 -37.89 56.26
C LEU A 608 -2.01 -38.88 55.16
N SER A 609 -1.56 -40.15 55.28
CA SER A 609 -1.87 -41.22 54.33
C SER A 609 -3.37 -41.52 54.32
N ALA A 610 -4.03 -41.35 55.47
CA ALA A 610 -5.46 -41.58 55.61
C ALA A 610 -6.23 -40.51 54.85
N VAL A 611 -5.84 -39.23 54.99
CA VAL A 611 -6.49 -38.12 54.31
C VAL A 611 -6.22 -38.18 52.79
N SER A 612 -5.02 -38.66 52.39
CA SER A 612 -4.66 -38.76 50.98
C SER A 612 -5.44 -39.89 50.32
N ASP A 613 -5.79 -40.94 51.10
CA ASP A 613 -6.60 -42.09 50.69
C ASP A 613 -8.02 -41.59 50.40
N LYS A 614 -8.54 -40.71 51.28
CA LYS A 614 -9.85 -40.08 51.16
C LYS A 614 -9.85 -39.10 49.98
N LEU A 615 -8.73 -38.38 49.77
CA LEU A 615 -8.58 -37.41 48.67
C LEU A 615 -8.52 -38.12 47.33
N THR A 616 -7.79 -39.27 47.26
CA THR A 616 -7.60 -40.05 46.02
C THR A 616 -8.91 -40.68 45.55
N SER A 617 -9.57 -41.49 46.41
CA SER A 617 -10.83 -42.18 46.10
C SER A 617 -11.97 -41.25 45.68
N THR A 618 -11.96 -39.99 46.15
CA THR A 618 -12.97 -38.99 45.81
C THR A 618 -12.61 -38.29 44.50
N ALA A 619 -11.30 -38.11 44.24
CA ALA A 619 -10.83 -37.46 43.02
C ALA A 619 -10.99 -38.35 41.81
N VAL A 620 -10.66 -39.65 41.94
CA VAL A 620 -10.75 -40.60 40.83
C VAL A 620 -12.18 -40.77 40.30
N LEU A 621 -13.18 -40.54 41.15
CA LEU A 621 -14.58 -40.67 40.75
C LEU A 621 -15.07 -39.48 39.94
N PHE A 622 -14.53 -38.30 40.22
CA PHE A 622 -14.90 -37.09 39.51
C PHE A 622 -14.03 -36.86 38.27
N LEU A 623 -12.94 -37.64 38.16
CA LEU A 623 -12.05 -37.64 37.00
C LEU A 623 -12.74 -38.42 35.88
N ASN A 624 -13.38 -39.54 36.25
CA ASN A 624 -14.12 -40.39 35.32
C ASN A 624 -15.30 -39.63 34.70
N VAL A 625 -16.21 -39.12 35.57
CA VAL A 625 -17.42 -38.37 35.22
C VAL A 625 -17.17 -37.16 34.36
N GLU A 626 -16.19 -36.34 34.74
CA GLU A 626 -15.95 -35.12 34.00
C GLU A 626 -14.91 -35.20 32.90
N LEU A 627 -13.85 -36.03 33.08
CA LEU A 627 -12.77 -36.08 32.11
C LEU A 627 -12.70 -37.38 31.29
N LEU A 628 -12.48 -38.52 31.94
CA LEU A 628 -12.29 -39.83 31.31
C LEU A 628 -13.42 -40.23 30.34
N SER A 629 -14.64 -40.40 30.86
CA SER A 629 -15.82 -40.76 30.08
C SER A 629 -16.02 -39.86 28.87
N ASP A 630 -15.95 -38.53 29.06
CA ASP A 630 -16.16 -37.55 28.00
C ASP A 630 -15.10 -37.64 26.93
N PHE A 631 -13.83 -37.88 27.32
CA PHE A 631 -12.73 -38.03 26.37
C PHE A 631 -12.97 -39.22 25.44
N PHE A 632 -13.23 -40.39 26.03
CA PHE A 632 -13.40 -41.61 25.25
C PHE A 632 -14.53 -41.54 24.25
N TYR A 633 -15.59 -40.74 24.54
CA TYR A 633 -16.72 -40.58 23.65
C TYR A 633 -16.36 -39.63 22.53
N ASN A 634 -15.92 -38.42 22.89
CA ASN A 634 -15.66 -37.33 21.99
C ASN A 634 -14.37 -37.41 21.17
N PHE A 635 -13.26 -37.92 21.75
CA PHE A 635 -12.00 -37.99 21.00
C PHE A 635 -12.13 -38.61 19.59
N PRO A 636 -12.77 -39.81 19.40
CA PRO A 636 -12.88 -40.38 18.04
C PRO A 636 -13.60 -39.46 17.07
N ILE A 637 -14.75 -38.91 17.51
CA ILE A 637 -15.65 -37.98 16.81
C ILE A 637 -14.88 -36.73 16.37
N GLU A 638 -14.05 -36.19 17.28
CA GLU A 638 -13.23 -35.01 17.03
C GLU A 638 -12.13 -35.35 16.07
N LEU A 639 -11.40 -36.47 16.31
CA LEU A 639 -10.31 -36.93 15.46
C LEU A 639 -10.77 -37.05 13.99
N ASP A 640 -11.95 -37.68 13.77
CA ASP A 640 -12.56 -37.84 12.45
C ASP A 640 -12.81 -36.49 11.83
N ARG A 641 -13.41 -35.53 12.59
CA ARG A 641 -13.70 -34.18 12.12
C ARG A 641 -12.44 -33.51 11.61
N ARG A 642 -11.35 -33.63 12.38
CA ARG A 642 -10.06 -33.04 12.07
C ARG A 642 -9.44 -33.63 10.81
N LEU A 643 -9.68 -34.93 10.56
CA LEU A 643 -9.17 -35.63 9.38
C LEU A 643 -9.86 -35.18 8.11
N THR A 644 -11.19 -35.01 8.14
CA THR A 644 -11.95 -34.58 6.97
C THR A 644 -11.56 -33.14 6.55
N LEU A 645 -10.99 -32.36 7.49
CA LEU A 645 -10.49 -31.01 7.25
C LEU A 645 -9.26 -30.99 6.35
N LEU A 646 -8.50 -32.12 6.32
CA LEU A 646 -7.29 -32.29 5.50
C LEU A 646 -7.64 -32.44 4.00
N GLY A 647 -7.14 -31.51 3.20
CA GLY A 647 -7.30 -31.53 1.74
C GLY A 647 -6.50 -32.67 1.14
N ASP A 648 -6.79 -33.03 -0.12
CA ASP A 648 -6.13 -34.14 -0.83
C ASP A 648 -4.61 -34.07 -0.82
N GLU A 649 -4.06 -32.84 -0.92
CA GLU A 649 -2.64 -32.50 -0.88
C GLU A 649 -1.96 -32.94 0.43
N GLN A 650 -2.53 -32.48 1.58
CA GLN A 650 -2.08 -32.78 2.94
C GLN A 650 -2.02 -34.28 3.15
N VAL A 651 -3.14 -34.98 2.86
CA VAL A 651 -3.27 -36.44 3.00
C VAL A 651 -2.15 -37.19 2.25
N GLU A 652 -1.79 -36.75 1.02
CA GLU A 652 -0.70 -37.40 0.27
C GLU A 652 0.64 -37.23 0.99
N MET A 653 0.95 -35.99 1.43
CA MET A 653 2.16 -35.61 2.17
C MET A 653 2.26 -36.42 3.49
N PHE A 654 1.14 -36.51 4.24
CA PHE A 654 0.94 -37.23 5.50
C PHE A 654 1.31 -38.69 5.35
N ALA A 655 0.80 -39.32 4.28
CA ALA A 655 1.08 -40.72 3.95
C ALA A 655 2.51 -40.91 3.41
N LYS A 656 3.02 -39.92 2.65
CA LYS A 656 4.35 -40.01 2.06
C LYS A 656 5.50 -39.89 3.07
N GLU A 657 5.18 -39.55 4.34
CA GLU A 657 6.16 -39.43 5.43
C GLU A 657 7.02 -40.71 5.51
N ASP A 658 6.35 -41.88 5.55
CA ASP A 658 7.00 -43.18 5.54
C ASP A 658 7.60 -43.39 4.13
N PRO A 659 8.94 -43.58 4.03
CA PRO A 659 9.58 -43.74 2.71
C PRO A 659 9.13 -44.98 1.95
N LYS A 660 8.68 -46.00 2.66
CA LYS A 660 8.15 -47.23 2.09
C LYS A 660 6.81 -46.89 1.40
N ILE A 661 5.98 -46.07 2.06
CA ILE A 661 4.68 -45.65 1.52
C ILE A 661 4.87 -44.63 0.39
N SER A 662 5.87 -43.72 0.51
CA SER A 662 6.20 -42.76 -0.55
C SER A 662 6.64 -43.57 -1.79
N ARG A 663 7.57 -44.53 -1.59
CA ARG A 663 8.06 -45.46 -2.60
C ARG A 663 6.86 -46.12 -3.29
N HIS A 664 5.86 -46.57 -2.48
CA HIS A 664 4.63 -47.20 -2.94
C HIS A 664 3.77 -46.28 -3.81
N ILE A 665 3.46 -45.06 -3.32
CA ILE A 665 2.66 -44.05 -4.02
C ILE A 665 3.31 -43.70 -5.36
N GLU A 666 4.59 -43.35 -5.32
CA GLU A 666 5.38 -42.96 -6.49
C GLU A 666 5.48 -44.04 -7.57
N LEU A 667 5.67 -45.32 -7.19
CA LEU A 667 5.79 -46.44 -8.14
C LEU A 667 4.53 -46.67 -8.97
N GLN A 668 3.35 -46.63 -8.33
CA GLN A 668 2.07 -46.83 -9.01
C GLN A 668 1.73 -45.64 -9.91
N LYS A 669 2.07 -44.40 -9.47
CA LYS A 669 1.90 -43.18 -10.27
C LYS A 669 2.66 -43.31 -11.58
N ARG A 670 3.88 -43.92 -11.52
CA ARG A 670 4.75 -44.17 -12.66
C ARG A 670 4.13 -45.24 -13.53
N LYS A 671 3.79 -46.41 -12.93
CA LYS A 671 3.18 -47.55 -13.63
C LYS A 671 2.00 -47.10 -14.51
N GLU A 672 1.02 -46.38 -13.93
CA GLU A 672 -0.18 -45.85 -14.59
C GLU A 672 0.15 -44.86 -15.74
N LEU A 673 1.12 -43.94 -15.51
CA LEU A 673 1.55 -42.98 -16.52
C LEU A 673 2.23 -43.71 -17.70
N LEU A 674 3.14 -44.66 -17.41
CA LEU A 674 3.83 -45.47 -18.43
C LEU A 674 2.83 -46.32 -19.21
N GLU A 675 1.77 -46.80 -18.53
CA GLU A 675 0.74 -47.62 -19.14
C GLU A 675 -0.09 -46.80 -20.12
N LEU A 676 -0.31 -45.51 -19.75
CA LEU A 676 -1.06 -44.55 -20.55
C LEU A 676 -0.30 -44.22 -21.82
N ALA A 677 1.01 -43.96 -21.70
CA ALA A 677 1.90 -43.63 -22.80
C ALA A 677 1.95 -44.76 -23.82
N LEU A 678 2.27 -45.99 -23.34
CA LEU A 678 2.38 -47.22 -24.14
C LEU A 678 1.14 -47.55 -24.95
N GLU A 679 -0.06 -47.46 -24.33
CA GLU A 679 -1.34 -47.71 -24.96
C GLU A 679 -1.49 -46.81 -26.17
N LYS A 680 -1.31 -45.49 -25.95
CA LYS A 680 -1.33 -44.47 -26.99
C LYS A 680 -0.34 -44.82 -28.14
N ILE A 681 0.94 -45.06 -27.82
CA ILE A 681 1.98 -45.45 -28.78
C ILE A 681 1.60 -46.68 -29.62
N ASP A 682 1.20 -47.80 -28.94
CA ASP A 682 0.87 -49.08 -29.58
C ASP A 682 -0.34 -49.02 -30.49
N SER A 683 -1.38 -48.31 -30.08
CA SER A 683 -2.56 -48.15 -30.93
C SER A 683 -2.15 -47.38 -32.20
N ILE A 684 -1.25 -46.38 -32.06
CA ILE A 684 -0.68 -45.58 -33.16
C ILE A 684 0.21 -46.46 -34.05
N LEU A 685 1.09 -47.28 -33.44
CA LEU A 685 1.99 -48.20 -34.14
C LEU A 685 1.26 -49.24 -34.99
N VAL A 686 0.20 -49.88 -34.43
CA VAL A 686 -0.65 -50.86 -35.10
C VAL A 686 -1.28 -50.22 -36.36
N PHE A 687 -1.74 -48.97 -36.22
CA PHE A 687 -2.32 -48.17 -37.29
C PHE A 687 -1.26 -47.82 -38.34
N LYS A 688 -0.05 -47.39 -37.88
CA LYS A 688 1.11 -47.00 -38.70
C LYS A 688 1.65 -48.21 -39.51
N LYS A 689 1.44 -49.45 -39.01
CA LYS A 689 1.84 -50.69 -39.66
C LYS A 689 0.82 -51.15 -40.72
N SER A 690 -0.26 -50.36 -40.92
CA SER A 690 -1.31 -50.65 -41.89
C SER A 690 -1.26 -49.65 -43.05
N MET B 1 -5.62 -20.33 57.03
CA MET B 1 -6.84 -19.74 56.46
C MET B 1 -6.74 -19.53 54.90
N LEU B 2 -7.49 -18.54 54.36
CA LEU B 2 -7.60 -18.19 52.94
C LEU B 2 -6.34 -17.62 52.27
N ASN B 3 -6.31 -17.64 50.92
CA ASN B 3 -5.23 -17.10 50.08
C ASN B 3 -5.74 -15.94 49.24
N LEU B 4 -5.67 -14.72 49.79
CA LEU B 4 -6.19 -13.50 49.16
C LEU B 4 -5.18 -12.76 48.27
N THR B 5 -4.26 -13.51 47.63
CA THR B 5 -3.24 -12.96 46.73
C THR B 5 -3.91 -12.20 45.58
N LYS B 6 -4.96 -12.81 44.96
CA LYS B 6 -5.75 -12.23 43.85
C LYS B 6 -6.23 -10.82 44.20
N GLN B 7 -6.77 -10.69 45.42
CA GLN B 7 -7.30 -9.46 45.99
C GLN B 7 -6.15 -8.51 46.35
N MET B 8 -5.02 -9.04 46.85
CA MET B 8 -3.87 -8.21 47.20
C MET B 8 -3.19 -7.60 45.97
N ILE B 9 -3.17 -8.36 44.84
CA ILE B 9 -2.58 -7.89 43.57
C ILE B 9 -3.46 -6.81 42.94
N GLU B 10 -4.79 -6.89 43.19
CA GLU B 10 -5.80 -5.90 42.73
C GLU B 10 -5.49 -4.55 43.37
N ILE B 11 -5.13 -4.56 44.69
CA ILE B 11 -4.77 -3.38 45.48
C ILE B 11 -3.48 -2.76 44.93
N ARG B 12 -2.42 -3.61 44.74
CA ARG B 12 -1.13 -3.23 44.17
C ARG B 12 -1.29 -2.49 42.82
N THR B 13 -2.22 -2.96 41.96
CA THR B 13 -2.51 -2.34 40.66
C THR B 13 -3.16 -0.98 40.82
N ILE B 14 -4.03 -0.81 41.87
CA ILE B 14 -4.70 0.47 42.17
C ILE B 14 -3.62 1.45 42.62
N LEU B 15 -2.73 1.00 43.52
CA LEU B 15 -1.63 1.83 44.05
C LEU B 15 -0.59 2.19 42.99
N ASN B 16 -0.69 1.57 41.81
CA ASN B 16 0.16 1.81 40.66
C ASN B 16 -0.50 2.86 39.76
N LYS B 17 -1.74 3.27 40.10
CA LYS B 17 -2.49 4.24 39.33
C LYS B 17 -2.37 5.66 39.92
N VAL B 18 -1.98 5.78 41.21
CA VAL B 18 -1.78 7.07 41.89
C VAL B 18 -0.40 7.67 41.53
N ASP B 19 -0.41 8.57 40.51
CA ASP B 19 0.71 9.26 39.82
C ASP B 19 1.94 9.71 40.68
N SER B 20 1.80 9.91 42.00
CA SER B 20 2.93 10.36 42.84
C SER B 20 3.03 9.62 44.20
N SER B 21 3.13 8.27 44.16
CA SER B 21 3.18 7.48 45.40
C SER B 21 4.22 6.34 45.46
N SER B 22 4.69 6.09 46.69
CA SER B 22 5.57 4.98 47.07
C SER B 22 4.69 3.93 47.78
N ALA B 23 3.40 3.89 47.38
CA ALA B 23 2.36 3.02 47.91
C ALA B 23 2.48 1.61 47.33
N HIS B 24 2.50 1.48 45.97
CA HIS B 24 2.66 0.21 45.26
C HIS B 24 4.02 -0.41 45.55
N LEU B 25 5.02 0.47 45.82
CA LEU B 25 6.40 0.18 46.20
C LEU B 25 6.44 -0.73 47.43
N THR B 26 5.57 -0.45 48.45
CA THR B 26 5.52 -1.20 49.70
C THR B 26 4.79 -2.56 49.53
N LEU B 27 4.07 -2.80 48.39
CA LEU B 27 3.46 -4.11 48.16
C LEU B 27 4.39 -5.00 47.32
N PRO B 28 4.67 -6.26 47.76
CA PRO B 28 5.61 -7.10 47.01
C PRO B 28 5.14 -7.62 45.65
N SER B 29 6.12 -7.78 44.76
CA SER B 29 6.00 -8.33 43.42
C SER B 29 7.25 -9.17 43.23
N ILE B 30 7.19 -10.24 42.42
CA ILE B 30 8.36 -11.10 42.18
C ILE B 30 9.18 -10.54 41.03
N VAL B 31 10.29 -9.86 41.37
CA VAL B 31 11.20 -9.33 40.37
C VAL B 31 12.15 -10.42 39.91
N VAL B 32 12.12 -10.72 38.61
CA VAL B 32 12.92 -11.80 38.06
C VAL B 32 14.11 -11.25 37.30
N ILE B 33 15.28 -11.86 37.57
CA ILE B 33 16.55 -11.50 36.95
C ILE B 33 17.38 -12.72 36.62
N GLY B 34 18.24 -12.57 35.61
CA GLY B 34 19.14 -13.60 35.13
C GLY B 34 19.92 -13.19 33.91
N SER B 35 21.16 -13.74 33.78
CA SER B 35 22.07 -13.48 32.67
C SER B 35 21.46 -13.94 31.33
N GLN B 36 21.86 -13.31 30.21
CA GLN B 36 21.37 -13.70 28.89
C GLN B 36 21.76 -15.15 28.63
N SER B 37 20.79 -15.92 28.10
CA SER B 37 20.87 -17.36 27.85
C SER B 37 21.21 -18.12 29.15
N SER B 38 20.22 -18.14 30.05
CA SER B 38 20.26 -18.79 31.35
C SER B 38 18.89 -19.39 31.66
N GLY B 39 17.94 -19.21 30.75
CA GLY B 39 16.58 -19.73 30.86
C GLY B 39 15.59 -18.83 31.57
N LYS B 40 15.84 -17.50 31.61
CA LYS B 40 14.94 -16.55 32.28
C LYS B 40 13.59 -16.46 31.57
N SER B 41 13.60 -16.28 30.23
CA SER B 41 12.35 -16.25 29.46
C SER B 41 11.71 -17.63 29.47
N SER B 42 12.54 -18.69 29.50
CA SER B 42 12.07 -20.07 29.55
C SER B 42 11.38 -20.41 30.87
N VAL B 43 11.77 -19.80 32.00
CA VAL B 43 11.13 -20.15 33.27
C VAL B 43 9.78 -19.44 33.40
N LEU B 44 9.68 -18.22 32.86
CA LEU B 44 8.46 -17.42 32.91
C LEU B 44 7.38 -18.05 32.07
N GLU B 45 7.76 -18.52 30.88
CA GLU B 45 6.88 -19.18 29.93
C GLU B 45 6.36 -20.53 30.49
N SER B 46 7.11 -21.18 31.41
CA SER B 46 6.68 -22.43 32.01
C SER B 46 5.62 -22.21 33.09
N ILE B 47 5.61 -21.02 33.70
CA ILE B 47 4.64 -20.65 34.74
C ILE B 47 3.33 -20.25 34.03
N VAL B 48 3.47 -19.40 32.99
CA VAL B 48 2.41 -18.91 32.11
C VAL B 48 1.75 -20.10 31.38
N GLY B 49 2.59 -20.99 30.87
CA GLY B 49 2.15 -22.19 30.15
C GLY B 49 1.95 -21.93 28.68
N ARG B 50 2.54 -20.85 28.18
CA ARG B 50 2.48 -20.47 26.78
C ARG B 50 3.71 -19.63 26.44
N GLU B 51 4.17 -19.70 25.18
CA GLU B 51 5.32 -18.93 24.69
C GLU B 51 4.81 -17.50 24.45
N PHE B 52 5.41 -16.51 25.10
CA PHE B 52 4.92 -15.13 24.95
C PHE B 52 6.01 -14.09 24.78
N LEU B 53 7.23 -14.39 25.25
CA LEU B 53 8.34 -13.43 25.14
C LEU B 53 8.98 -13.51 23.76
N PRO B 54 9.28 -12.35 23.13
CA PRO B 54 9.83 -12.39 21.76
C PRO B 54 11.31 -12.79 21.67
N LYS B 55 11.61 -13.71 20.72
CA LYS B 55 12.95 -14.23 20.44
C LYS B 55 13.14 -14.41 18.92
N MET B 59 12.40 -8.06 21.12
CA MET B 59 13.45 -8.79 20.43
C MET B 59 14.79 -8.61 21.16
N VAL B 60 15.23 -7.35 21.29
CA VAL B 60 16.48 -6.93 21.94
C VAL B 60 16.33 -6.91 23.48
N THR B 61 15.05 -6.91 23.98
CA THR B 61 14.67 -6.90 25.42
C THR B 61 15.07 -5.52 26.00
N ARG B 62 14.19 -4.52 25.80
CA ARG B 62 14.44 -3.15 26.22
C ARG B 62 13.82 -2.78 27.59
N ARG B 63 12.53 -2.35 27.65
CA ARG B 63 11.90 -1.94 28.90
C ARG B 63 11.24 -3.11 29.68
N PRO B 64 11.30 -3.09 31.05
CA PRO B 64 10.71 -4.18 31.84
C PRO B 64 9.23 -4.48 31.59
N ILE B 65 8.79 -5.70 31.95
CA ILE B 65 7.42 -6.16 31.75
C ILE B 65 6.73 -6.40 33.09
N GLU B 66 5.64 -5.65 33.34
CA GLU B 66 4.82 -5.80 34.54
C GLU B 66 3.77 -6.86 34.24
N LEU B 67 4.13 -8.10 34.52
CA LEU B 67 3.36 -9.32 34.26
C LEU B 67 2.39 -9.69 35.38
N THR B 68 1.10 -9.39 35.16
CA THR B 68 0.03 -9.70 36.11
C THR B 68 -0.62 -11.02 35.68
N LEU B 69 -0.72 -11.99 36.60
CA LEU B 69 -1.27 -13.30 36.31
C LEU B 69 -2.58 -13.48 37.04
N VAL B 70 -3.68 -13.53 36.30
CA VAL B 70 -5.03 -13.64 36.86
C VAL B 70 -5.63 -15.04 36.67
N ASN B 71 -6.00 -15.70 37.77
CA ASN B 71 -6.62 -17.02 37.65
C ASN B 71 -8.09 -16.81 37.33
N THR B 72 -8.40 -16.75 36.03
CA THR B 72 -9.77 -16.55 35.56
C THR B 72 -10.48 -17.90 35.52
N PRO B 73 -11.52 -18.12 36.37
CA PRO B 73 -12.26 -19.40 36.30
C PRO B 73 -13.06 -19.52 35.00
N ASN B 74 -13.32 -20.77 34.57
CA ASN B 74 -14.08 -21.17 33.36
C ASN B 74 -13.37 -20.85 32.03
N SER B 75 -12.22 -20.16 32.08
CA SER B 75 -11.43 -19.83 30.88
C SER B 75 -10.25 -20.81 30.71
N ASN B 76 -10.51 -21.97 30.04
CA ASN B 76 -9.50 -23.00 29.74
C ASN B 76 -8.43 -22.37 28.83
N ASN B 77 -8.91 -21.67 27.78
CA ASN B 77 -8.14 -20.91 26.79
C ASN B 77 -7.31 -19.84 27.50
N VAL B 78 -6.01 -19.80 27.18
CA VAL B 78 -5.08 -18.84 27.76
C VAL B 78 -5.13 -17.55 26.93
N THR B 79 -5.56 -16.44 27.57
CA THR B 79 -5.73 -15.12 26.95
C THR B 79 -4.83 -14.06 27.58
N ALA B 80 -4.35 -13.11 26.77
CA ALA B 80 -3.50 -12.02 27.23
C ALA B 80 -4.18 -10.68 26.97
N ASP B 81 -3.94 -9.69 27.86
CA ASP B 81 -4.49 -8.34 27.79
C ASP B 81 -3.37 -7.33 28.07
N PHE B 82 -3.40 -6.19 27.37
CA PHE B 82 -2.46 -5.08 27.59
C PHE B 82 -3.31 -3.91 28.11
N PRO B 83 -3.54 -3.80 29.46
CA PRO B 83 -4.40 -2.73 29.98
C PRO B 83 -3.97 -1.30 29.69
N SER B 84 -2.63 -1.04 29.65
CA SER B 84 -2.05 0.30 29.39
C SER B 84 -2.31 0.81 27.94
N MET B 85 -3.23 0.14 27.24
CA MET B 85 -3.79 0.43 25.91
C MET B 85 -5.16 -0.26 25.76
N ARG B 86 -5.96 0.10 24.75
CA ARG B 86 -7.27 -0.52 24.62
C ARG B 86 -7.20 -1.80 23.75
N LEU B 87 -6.57 -2.82 24.36
CA LEU B 87 -6.35 -4.15 23.82
C LEU B 87 -6.59 -5.12 24.95
N TYR B 88 -7.63 -5.95 24.77
CA TYR B 88 -8.03 -6.92 25.78
C TYR B 88 -7.89 -8.34 25.25
N ASN B 89 -8.69 -9.31 25.74
CA ASN B 89 -8.69 -10.76 25.45
C ASN B 89 -8.08 -11.20 24.06
N ILE B 90 -6.73 -11.26 23.99
CA ILE B 90 -5.96 -11.69 22.81
C ILE B 90 -5.79 -13.20 22.93
N LYS B 91 -6.28 -13.95 21.93
CA LYS B 91 -6.19 -15.41 21.90
C LYS B 91 -4.87 -15.87 21.25
N ASP B 92 -4.43 -15.14 20.22
CA ASP B 92 -3.20 -15.41 19.46
C ASP B 92 -1.96 -14.88 20.17
N PHE B 93 -1.13 -15.81 20.69
CA PHE B 93 0.10 -15.45 21.41
C PHE B 93 1.25 -15.05 20.47
N LYS B 94 1.05 -15.20 19.14
CA LYS B 94 2.00 -14.78 18.12
C LYS B 94 1.99 -13.24 18.17
N GLU B 95 0.77 -12.66 18.19
CA GLU B 95 0.48 -11.23 18.25
C GLU B 95 0.97 -10.62 19.57
N VAL B 96 0.95 -11.40 20.68
CA VAL B 96 1.44 -10.99 22.01
C VAL B 96 2.96 -10.84 21.92
N LYS B 97 3.64 -11.88 21.33
CA LYS B 97 5.09 -11.95 21.09
C LYS B 97 5.55 -10.77 20.25
N ARG B 98 4.84 -10.54 19.14
CA ARG B 98 5.15 -9.46 18.21
C ARG B 98 4.74 -8.09 18.75
N MET B 99 3.77 -8.01 19.69
CA MET B 99 3.36 -6.75 20.32
C MET B 99 4.44 -6.33 21.30
N LEU B 100 4.97 -7.28 22.09
CA LEU B 100 6.06 -7.08 23.03
C LEU B 100 7.28 -6.61 22.24
N MET B 101 7.50 -7.24 21.06
CA MET B 101 8.59 -6.93 20.12
C MET B 101 8.42 -5.50 19.55
N GLU B 102 7.19 -5.15 19.11
CA GLU B 102 6.77 -3.85 18.55
C GLU B 102 6.92 -2.73 19.59
N LEU B 103 6.60 -3.03 20.86
CA LEU B 103 6.69 -2.11 22.00
C LEU B 103 8.15 -1.80 22.39
N ASN B 104 9.12 -2.47 21.71
CA ASN B 104 10.55 -2.29 21.92
C ASN B 104 11.24 -1.53 20.78
N MET B 105 10.44 -0.94 19.85
CA MET B 105 10.91 -0.16 18.71
C MET B 105 11.62 1.13 19.16
N GLU B 115 11.30 4.97 30.65
CA GLU B 115 11.36 3.52 30.46
C GLU B 115 10.33 2.79 31.36
N GLU B 116 9.04 3.17 31.17
CA GLU B 116 7.88 2.65 31.89
C GLU B 116 7.74 1.11 31.75
N PRO B 117 7.25 0.37 32.79
CA PRO B 117 7.09 -1.08 32.62
C PRO B 117 5.88 -1.43 31.72
N ILE B 118 6.00 -2.52 30.95
CA ILE B 118 4.97 -2.97 30.03
C ILE B 118 3.86 -3.72 30.77
N GLN B 119 2.68 -3.09 30.88
CA GLN B 119 1.52 -3.67 31.56
C GLN B 119 0.88 -4.73 30.66
N LEU B 120 1.13 -6.00 31.03
CA LEU B 120 0.65 -7.20 30.36
C LEU B 120 0.08 -8.14 31.42
N THR B 121 -1.12 -8.66 31.16
CA THR B 121 -1.80 -9.57 32.08
C THR B 121 -2.26 -10.83 31.36
N ILE B 122 -2.00 -12.02 31.96
CA ILE B 122 -2.41 -13.31 31.41
C ILE B 122 -3.56 -13.88 32.24
N LYS B 123 -4.64 -14.26 31.57
CA LYS B 123 -5.85 -14.80 32.22
C LYS B 123 -6.06 -16.27 31.81
N SER B 124 -6.32 -17.15 32.81
CA SER B 124 -6.57 -18.58 32.63
C SER B 124 -6.91 -19.27 33.93
N SER B 125 -7.63 -20.39 33.86
CA SER B 125 -7.96 -21.23 35.01
C SER B 125 -6.73 -22.05 35.44
N ARG B 126 -5.69 -22.06 34.57
CA ARG B 126 -4.42 -22.76 34.76
C ARG B 126 -3.40 -21.86 35.47
N VAL B 127 -3.28 -20.60 34.98
CA VAL B 127 -2.38 -19.55 35.45
C VAL B 127 -2.67 -19.21 36.93
N PRO B 128 -1.65 -19.16 37.83
CA PRO B 128 -1.95 -18.79 39.23
C PRO B 128 -2.12 -17.27 39.40
N ASP B 129 -2.49 -16.83 40.61
CA ASP B 129 -2.56 -15.39 40.87
C ASP B 129 -1.20 -14.95 41.33
N LEU B 130 -0.49 -14.25 40.44
CA LEU B 130 0.89 -13.83 40.68
C LEU B 130 1.24 -12.49 40.06
N SER B 131 2.15 -11.76 40.71
CA SER B 131 2.68 -10.49 40.21
C SER B 131 4.15 -10.70 39.94
N LEU B 132 4.55 -10.42 38.70
CA LEU B 132 5.91 -10.65 38.27
C LEU B 132 6.43 -9.48 37.47
N VAL B 133 7.71 -9.18 37.65
CA VAL B 133 8.33 -8.13 36.87
C VAL B 133 9.51 -8.74 36.18
N ASP B 134 9.43 -8.80 34.84
CA ASP B 134 10.49 -9.35 34.00
C ASP B 134 11.49 -8.26 33.72
N LEU B 135 12.63 -8.32 34.41
CA LEU B 135 13.67 -7.32 34.23
C LEU B 135 14.59 -7.67 33.07
N PRO B 136 15.16 -6.68 32.33
CA PRO B 136 16.00 -7.01 31.16
C PRO B 136 17.16 -7.99 31.40
N GLY B 137 17.57 -8.64 30.30
CA GLY B 137 18.61 -9.65 30.28
C GLY B 137 20.01 -9.16 30.59
N TYR B 138 20.91 -10.14 30.85
CA TYR B 138 22.33 -10.07 31.19
C TYR B 138 22.58 -9.75 32.66
N ILE B 139 21.91 -8.72 33.24
CA ILE B 139 21.97 -8.26 34.65
C ILE B 139 23.45 -8.28 35.25
N GLN B 140 24.41 -7.69 34.47
CA GLN B 140 25.84 -7.62 34.82
C GLN B 140 26.17 -6.73 36.03
N VAL B 141 25.36 -5.66 36.25
CA VAL B 141 25.42 -4.58 37.26
C VAL B 141 26.47 -3.49 36.84
N GLU B 142 27.49 -3.88 36.01
CA GLU B 142 28.58 -3.05 35.49
C GLU B 142 29.47 -2.47 36.60
N ILE B 154 23.41 2.47 34.68
CA ILE B 154 23.28 1.37 33.70
C ILE B 154 22.13 0.42 34.10
N ARG B 155 22.12 -0.02 35.37
CA ARG B 155 21.09 -0.91 35.91
C ARG B 155 20.17 -0.11 36.83
N ASP B 156 19.81 1.12 36.38
CA ASP B 156 18.92 2.05 37.08
C ASP B 156 17.51 1.45 37.30
N LEU B 157 17.16 0.42 36.49
CA LEU B 157 15.91 -0.33 36.60
C LEU B 157 16.09 -1.40 37.68
N CYS B 158 17.23 -2.13 37.64
CA CYS B 158 17.56 -3.17 38.60
C CYS B 158 17.65 -2.64 40.01
N GLU B 159 18.39 -1.54 40.24
CA GLU B 159 18.52 -0.91 41.56
C GLU B 159 17.16 -0.55 42.19
N LYS B 160 16.22 -0.03 41.37
CA LYS B 160 14.88 0.38 41.77
C LYS B 160 13.95 -0.81 42.02
N TYR B 161 13.96 -1.80 41.12
CA TYR B 161 13.06 -2.95 41.22
C TYR B 161 13.52 -4.05 42.18
N LEU B 162 14.84 -4.24 42.36
CA LEU B 162 15.39 -5.26 43.28
C LEU B 162 15.43 -4.78 44.73
N THR B 163 14.89 -3.57 45.01
CA THR B 163 14.85 -3.01 46.36
C THR B 163 13.40 -2.93 46.87
N ALA B 164 13.21 -2.33 48.08
CA ALA B 164 11.91 -2.16 48.77
C ALA B 164 11.39 -3.56 49.18
N PRO B 165 10.13 -3.78 49.65
CA PRO B 165 9.73 -5.16 49.96
C PRO B 165 9.31 -5.84 48.65
N ASN B 166 10.28 -6.48 47.96
CA ASN B 166 10.12 -7.18 46.69
C ASN B 166 10.94 -8.46 46.74
N ILE B 167 10.39 -9.55 46.20
CA ILE B 167 11.10 -10.83 46.18
C ILE B 167 11.92 -10.91 44.89
N ILE B 168 13.20 -11.30 45.02
CA ILE B 168 14.12 -11.44 43.89
C ILE B 168 14.19 -12.91 43.49
N LEU B 169 13.91 -13.20 42.22
CA LEU B 169 14.01 -14.54 41.67
C LEU B 169 15.26 -14.57 40.79
N ALA B 170 16.37 -15.06 41.37
CA ALA B 170 17.68 -15.14 40.72
C ALA B 170 17.90 -16.39 39.83
N ILE B 171 17.59 -16.24 38.52
CA ILE B 171 17.72 -17.28 37.50
C ILE B 171 19.18 -17.47 37.16
N SER B 172 19.68 -18.67 37.43
CA SER B 172 21.07 -19.04 37.24
C SER B 172 21.19 -20.43 36.63
N ALA B 173 21.95 -20.53 35.52
CA ALA B 173 22.16 -21.80 34.81
C ALA B 173 23.21 -22.63 35.51
N ALA B 174 22.93 -23.92 35.67
CA ALA B 174 23.79 -24.89 36.35
C ALA B 174 25.15 -25.10 35.66
N ASP B 175 25.21 -24.96 34.32
CA ASP B 175 26.43 -25.12 33.51
C ASP B 175 27.48 -24.03 33.78
N VAL B 176 27.08 -22.96 34.51
CA VAL B 176 27.91 -21.80 34.88
C VAL B 176 28.17 -21.79 36.39
N ASP B 177 29.43 -21.48 36.78
CA ASP B 177 29.85 -21.39 38.18
C ASP B 177 29.02 -20.32 38.88
N LEU B 178 28.52 -20.66 40.07
CA LEU B 178 27.70 -19.81 40.92
C LEU B 178 28.38 -18.48 41.23
N ALA B 179 29.72 -18.51 41.45
CA ALA B 179 30.54 -17.33 41.73
C ALA B 179 30.53 -16.33 40.56
N ASN B 180 30.32 -16.83 39.33
CA ASN B 180 30.27 -16.03 38.11
C ASN B 180 28.84 -15.65 37.69
N SER B 181 27.81 -16.00 38.50
CA SER B 181 26.41 -15.68 38.16
C SER B 181 26.03 -14.23 38.42
N SER B 182 25.51 -13.59 37.37
CA SER B 182 25.05 -12.21 37.32
C SER B 182 23.85 -11.98 38.23
N ALA B 183 22.90 -12.92 38.24
CA ALA B 183 21.68 -12.86 39.06
C ALA B 183 21.96 -13.01 40.56
N LEU B 184 22.81 -13.98 40.96
CA LEU B 184 23.14 -14.22 42.37
C LEU B 184 24.03 -13.13 42.95
N LYS B 185 24.82 -12.45 42.09
CA LYS B 185 25.70 -11.34 42.47
C LYS B 185 24.81 -10.19 42.95
N ALA B 186 23.97 -9.64 42.05
CA ALA B 186 23.02 -8.55 42.30
C ALA B 186 22.09 -8.82 43.48
N SER B 187 21.78 -10.11 43.72
CA SER B 187 20.95 -10.57 44.84
C SER B 187 21.65 -10.34 46.18
N LYS B 188 23.00 -10.35 46.21
CA LYS B 188 23.79 -10.06 47.41
C LYS B 188 23.98 -8.55 47.49
N ALA B 189 24.05 -7.88 46.32
CA ALA B 189 24.21 -6.43 46.15
C ALA B 189 22.91 -5.67 46.53
N ALA B 190 21.77 -6.36 46.54
CA ALA B 190 20.48 -5.78 46.91
C ALA B 190 19.99 -6.40 48.22
N ASP B 191 20.32 -7.68 48.48
CA ASP B 191 19.89 -8.35 49.69
C ASP B 191 21.04 -9.17 50.37
N PRO B 192 21.94 -8.50 51.15
CA PRO B 192 22.98 -9.24 51.88
C PRO B 192 22.28 -10.08 52.96
N LYS B 193 22.47 -11.39 52.88
CA LYS B 193 21.77 -12.47 53.60
C LYS B 193 20.46 -12.66 52.80
N GLY B 194 20.31 -13.84 52.20
CA GLY B 194 19.17 -14.18 51.36
C GLY B 194 17.86 -14.31 52.10
N LEU B 195 17.29 -13.16 52.51
CA LEU B 195 16.04 -13.12 53.25
C LEU B 195 14.83 -12.90 52.38
N ARG B 196 15.03 -12.26 51.19
CA ARG B 196 13.95 -12.01 50.23
C ARG B 196 14.32 -12.49 48.82
N THR B 197 15.23 -13.48 48.72
CA THR B 197 15.69 -14.01 47.43
C THR B 197 15.45 -15.53 47.28
N ILE B 198 14.84 -15.93 46.14
CA ILE B 198 14.59 -17.32 45.73
C ILE B 198 15.56 -17.63 44.57
N GLY B 199 16.48 -18.53 44.83
CA GLY B 199 17.45 -18.94 43.82
C GLY B 199 16.88 -20.04 42.96
N VAL B 200 17.03 -19.90 41.64
CA VAL B 200 16.53 -20.93 40.73
C VAL B 200 17.61 -21.29 39.73
N ILE B 201 18.06 -22.55 39.83
CA ILE B 201 19.10 -23.13 38.99
C ILE B 201 18.46 -23.92 37.84
N THR B 202 18.66 -23.41 36.62
CA THR B 202 18.13 -24.01 35.39
C THR B 202 19.22 -24.88 34.77
N LYS B 203 18.88 -25.55 33.64
CA LYS B 203 19.77 -26.39 32.82
C LYS B 203 20.39 -27.54 33.64
N LEU B 204 19.61 -28.09 34.61
CA LEU B 204 20.02 -29.21 35.48
C LEU B 204 20.35 -30.50 34.71
N ASP B 205 20.03 -30.51 33.41
CA ASP B 205 20.24 -31.59 32.45
C ASP B 205 21.61 -31.47 31.74
N LEU B 206 22.37 -30.40 32.04
CA LEU B 206 23.71 -30.18 31.50
C LEU B 206 24.77 -30.31 32.63
N VAL B 207 24.39 -30.99 33.74
CA VAL B 207 25.17 -31.13 34.98
C VAL B 207 24.89 -32.49 35.65
N ASP B 208 25.94 -33.14 36.23
CA ASP B 208 25.83 -34.42 36.96
C ASP B 208 24.86 -34.28 38.14
N PRO B 209 23.95 -35.25 38.39
CA PRO B 209 22.99 -35.11 39.50
C PRO B 209 23.61 -35.00 40.89
N GLU B 210 24.89 -35.37 41.02
CA GLU B 210 25.66 -35.28 42.26
C GLU B 210 26.17 -33.83 42.40
N LYS B 211 26.60 -33.21 41.25
CA LYS B 211 27.07 -31.83 41.15
C LYS B 211 25.89 -30.85 41.25
N ALA B 212 24.71 -31.25 40.73
CA ALA B 212 23.47 -30.48 40.75
C ALA B 212 23.05 -30.26 42.20
N ARG B 213 22.98 -31.37 42.98
CA ARG B 213 22.67 -31.37 44.41
C ARG B 213 23.67 -30.47 45.15
N SER B 214 24.92 -30.38 44.63
CA SER B 214 25.98 -29.54 45.18
C SER B 214 25.65 -28.06 44.97
N ILE B 215 25.22 -27.68 43.75
CA ILE B 215 24.85 -26.30 43.43
C ILE B 215 23.72 -25.85 44.36
N LEU B 216 22.66 -26.66 44.46
CA LEU B 216 21.50 -26.35 45.28
C LEU B 216 21.87 -26.25 46.76
N ASN B 217 22.60 -27.23 47.32
CA ASN B 217 23.01 -27.19 48.73
C ASN B 217 24.30 -26.33 48.94
N ASN B 218 24.33 -25.17 48.25
CA ASN B 218 25.36 -24.12 48.22
C ASN B 218 25.78 -23.62 49.62
N LYS B 219 26.88 -22.84 49.68
CA LYS B 219 27.39 -22.26 50.93
C LYS B 219 28.00 -20.85 50.72
N LYS B 220 28.31 -20.49 49.45
CA LYS B 220 28.85 -19.19 49.05
C LYS B 220 27.73 -18.16 49.10
N TYR B 221 26.57 -18.52 48.53
CA TYR B 221 25.36 -17.69 48.48
C TYR B 221 24.20 -18.47 49.13
N PRO B 222 24.18 -18.75 50.47
CA PRO B 222 23.04 -19.50 51.04
C PRO B 222 21.82 -18.60 51.25
N LEU B 223 20.62 -19.11 50.88
CA LEU B 223 19.37 -18.37 50.95
C LEU B 223 18.35 -19.00 51.89
N SER B 224 17.69 -18.14 52.69
CA SER B 224 16.65 -18.53 53.65
C SER B 224 15.45 -19.06 52.89
N MET B 225 15.08 -18.36 51.78
CA MET B 225 13.95 -18.71 50.89
C MET B 225 14.18 -19.99 50.05
N GLY B 226 15.45 -20.38 49.88
CA GLY B 226 15.85 -21.61 49.21
C GLY B 226 16.36 -21.49 47.79
N TYR B 227 16.67 -22.67 47.20
CA TYR B 227 17.15 -22.89 45.83
C TYR B 227 16.25 -23.92 45.15
N VAL B 228 15.92 -23.69 43.86
CA VAL B 228 15.08 -24.58 43.07
C VAL B 228 15.77 -24.99 41.76
N GLY B 229 15.94 -26.29 41.56
CA GLY B 229 16.53 -26.84 40.35
C GLY B 229 15.46 -27.16 39.33
N VAL B 230 15.52 -26.51 38.14
CA VAL B 230 14.54 -26.71 37.07
C VAL B 230 15.18 -27.15 35.73
N ILE B 231 14.35 -27.75 34.86
CA ILE B 231 14.71 -28.12 33.50
C ILE B 231 13.58 -27.63 32.59
N THR B 232 13.83 -26.52 31.90
CA THR B 232 12.85 -25.93 30.99
C THR B 232 13.36 -26.10 29.56
N LYS B 233 13.75 -27.33 29.21
CA LYS B 233 14.29 -27.68 27.91
C LYS B 233 13.18 -28.22 27.02
N THR B 234 13.05 -27.66 25.79
CA THR B 234 12.09 -28.13 24.79
C THR B 234 12.73 -29.37 24.13
N PRO B 235 12.22 -30.61 24.37
CA PRO B 235 12.92 -31.81 23.85
C PRO B 235 12.95 -32.01 22.32
N SER B 236 11.82 -31.73 21.60
CA SER B 236 11.71 -31.87 20.13
C SER B 236 10.54 -31.06 19.59
N GLY B 268 1.16 -27.11 13.32
CA GLY B 268 2.03 -26.38 14.23
C GLY B 268 1.34 -25.76 15.44
N GLU B 269 0.13 -26.27 15.75
CA GLU B 269 -0.72 -25.80 16.84
C GLU B 269 -0.20 -26.16 18.25
N GLU B 270 1.07 -26.62 18.34
CA GLU B 270 1.72 -27.05 19.59
C GLU B 270 1.74 -25.97 20.67
N ASN B 271 1.70 -24.69 20.27
CA ASN B 271 1.72 -23.53 21.16
C ASN B 271 0.31 -22.95 21.40
N THR B 272 -0.65 -23.34 20.53
CA THR B 272 -2.08 -22.97 20.58
C THR B 272 -2.70 -23.59 21.86
N ASN B 273 -2.30 -24.83 22.15
CA ASN B 273 -2.68 -25.62 23.33
C ASN B 273 -1.47 -25.65 24.26
N GLY B 274 -1.51 -26.50 25.28
CA GLY B 274 -0.41 -26.60 26.23
C GLY B 274 0.55 -27.75 25.99
N LEU B 275 0.54 -28.32 24.77
CA LEU B 275 1.34 -29.47 24.39
C LEU B 275 2.86 -29.31 24.56
N LYS B 276 3.47 -28.31 23.86
CA LYS B 276 4.91 -28.02 23.91
C LYS B 276 5.41 -27.99 25.36
N GLN B 277 4.58 -27.39 26.22
CA GLN B 277 4.74 -27.20 27.64
C GLN B 277 4.63 -28.55 28.39
N ILE B 278 3.57 -29.35 28.12
CA ILE B 278 3.32 -30.68 28.71
C ILE B 278 4.51 -31.57 28.42
N VAL B 279 4.97 -31.55 27.16
CA VAL B 279 6.12 -32.29 26.63
C VAL B 279 7.40 -31.94 27.42
N SER B 280 7.68 -30.62 27.57
CA SER B 280 8.84 -30.08 28.29
C SER B 280 8.84 -30.49 29.78
N HIS B 281 7.64 -30.56 30.40
CA HIS B 281 7.47 -30.98 31.80
C HIS B 281 7.63 -32.48 31.92
N GLN B 282 7.00 -33.27 31.01
CA GLN B 282 7.08 -34.73 31.02
C GLN B 282 8.54 -35.22 31.06
N PHE B 283 9.45 -34.57 30.30
CA PHE B 283 10.88 -34.88 30.26
C PHE B 283 11.55 -34.49 31.58
N GLU B 284 11.24 -33.26 32.08
CA GLU B 284 11.74 -32.72 33.33
C GLU B 284 11.35 -33.66 34.48
N LYS B 285 10.06 -34.08 34.55
CA LYS B 285 9.53 -34.98 35.57
C LYS B 285 10.25 -36.34 35.56
N ALA B 286 10.67 -36.78 34.35
CA ALA B 286 11.38 -38.03 34.11
C ALA B 286 12.76 -38.04 34.75
N TYR B 287 13.57 -36.99 34.46
CA TYR B 287 14.94 -36.80 34.98
C TYR B 287 14.97 -36.78 36.50
N PHE B 288 14.04 -36.06 37.13
CA PHE B 288 14.01 -35.94 38.59
C PHE B 288 13.45 -37.20 39.29
N LYS B 289 12.72 -38.06 38.55
CA LYS B 289 12.20 -39.33 39.08
C LYS B 289 13.29 -40.40 38.97
N GLU B 290 14.07 -40.37 37.87
CA GLU B 290 15.21 -41.26 37.62
C GLU B 290 16.34 -40.94 38.61
N ASN B 291 16.68 -39.65 38.75
CA ASN B 291 17.74 -39.17 39.62
C ASN B 291 17.24 -38.73 40.99
N LYS B 292 16.09 -39.29 41.46
CA LYS B 292 15.48 -38.99 42.78
C LYS B 292 16.48 -39.23 43.89
N LYS B 293 17.28 -40.33 43.77
CA LYS B 293 18.30 -40.78 44.72
C LYS B 293 19.37 -39.70 44.97
N TYR B 294 19.78 -38.99 43.91
CA TYR B 294 20.77 -37.92 43.96
C TYR B 294 20.23 -36.63 44.59
N PHE B 295 18.95 -36.28 44.30
CA PHE B 295 18.32 -35.04 44.79
C PHE B 295 17.68 -35.16 46.17
N THR B 296 18.54 -35.26 47.19
CA THR B 296 18.12 -35.40 48.57
C THR B 296 18.33 -34.03 49.25
N ASN B 297 17.27 -33.53 49.93
CA ASN B 297 17.19 -32.20 50.57
C ASN B 297 17.30 -31.09 49.50
N CYS B 298 16.62 -31.29 48.37
CA CYS B 298 16.61 -30.36 47.25
C CYS B 298 15.20 -30.04 46.78
N GLN B 299 15.02 -28.87 46.16
CA GLN B 299 13.75 -28.44 45.61
C GLN B 299 13.90 -28.53 44.10
N VAL B 300 13.31 -29.54 43.47
CA VAL B 300 13.45 -29.65 42.01
C VAL B 300 12.10 -29.70 41.31
N SER B 301 12.06 -29.13 40.08
CA SER B 301 10.97 -29.00 39.09
C SER B 301 10.37 -27.59 39.03
N THR B 302 9.74 -27.29 37.87
CA THR B 302 9.02 -26.05 37.60
C THR B 302 7.80 -26.03 38.54
N LYS B 303 7.19 -27.20 38.76
CA LYS B 303 6.04 -27.39 39.63
C LYS B 303 6.37 -26.86 41.04
N LYS B 304 7.47 -27.33 41.64
CA LYS B 304 7.90 -26.87 42.97
C LYS B 304 8.18 -25.37 42.98
N LEU B 305 8.77 -24.82 41.90
CA LEU B 305 9.06 -23.38 41.80
C LEU B 305 7.75 -22.61 41.78
N ARG B 306 6.80 -22.99 40.88
CA ARG B 306 5.48 -22.36 40.81
C ARG B 306 4.83 -22.43 42.19
N GLU B 307 4.84 -23.62 42.86
CA GLU B 307 4.32 -23.84 44.22
C GLU B 307 4.95 -22.84 45.20
N LYS B 308 6.30 -22.72 45.18
CA LYS B 308 7.07 -21.83 46.04
C LYS B 308 6.67 -20.36 45.80
N LEU B 309 6.70 -19.91 44.53
CA LEU B 309 6.32 -18.56 44.13
C LEU B 309 4.95 -18.15 44.70
N ILE B 310 3.95 -19.05 44.60
CA ILE B 310 2.59 -18.87 45.13
C ILE B 310 2.60 -18.74 46.67
N LYS B 311 3.30 -19.67 47.37
CA LYS B 311 3.39 -19.72 48.84
C LYS B 311 4.07 -18.47 49.40
N ILE B 312 5.34 -18.28 49.02
CA ILE B 312 6.16 -17.15 49.41
C ILE B 312 5.39 -15.84 49.21
N LEU B 313 4.88 -15.56 47.97
CA LEU B 313 4.15 -14.31 47.65
C LEU B 313 2.99 -14.05 48.61
N GLU B 314 2.22 -15.10 48.97
CA GLU B 314 1.14 -14.95 49.94
C GLU B 314 1.73 -14.43 51.25
N ILE B 315 2.71 -15.16 51.84
CA ILE B 315 3.36 -14.76 53.11
C ILE B 315 3.87 -13.34 53.02
N SER B 316 4.61 -13.02 51.94
CA SER B 316 5.17 -11.71 51.70
C SER B 316 4.13 -10.61 51.66
N MET B 317 3.15 -10.71 50.71
CA MET B 317 2.07 -9.72 50.50
C MET B 317 1.18 -9.48 51.72
N SER B 318 0.87 -10.54 52.50
CA SER B 318 0.01 -10.44 53.68
C SER B 318 0.75 -9.77 54.85
N ASN B 319 2.06 -10.04 54.98
CA ASN B 319 2.88 -9.45 56.03
C ASN B 319 3.11 -7.97 55.73
N ALA B 320 3.32 -7.65 54.44
CA ALA B 320 3.56 -6.30 53.94
C ALA B 320 2.28 -5.48 53.83
N LEU B 321 1.13 -6.10 54.11
CA LEU B 321 -0.18 -5.47 54.07
C LEU B 321 -0.33 -4.38 55.14
N GLU B 322 -0.11 -4.76 56.41
CA GLU B 322 -0.19 -3.88 57.58
C GLU B 322 0.60 -2.57 57.43
N PRO B 323 1.91 -2.55 57.06
CA PRO B 323 2.61 -1.26 56.89
C PRO B 323 2.08 -0.43 55.74
N THR B 324 1.57 -1.09 54.67
CA THR B 324 1.03 -0.46 53.48
C THR B 324 -0.26 0.30 53.81
N SER B 325 -1.13 -0.29 54.66
CA SER B 325 -2.37 0.39 55.06
C SER B 325 -2.10 1.69 55.80
N THR B 326 -1.02 1.71 56.59
CA THR B 326 -0.57 2.88 57.36
C THR B 326 -0.14 3.97 56.37
N LEU B 327 0.49 3.57 55.26
CA LEU B 327 0.95 4.46 54.19
C LEU B 327 -0.23 5.00 53.39
N ILE B 328 -1.23 4.16 53.12
CA ILE B 328 -2.42 4.56 52.35
C ILE B 328 -3.25 5.49 53.19
N GLN B 329 -3.46 5.15 54.48
CA GLN B 329 -4.23 5.98 55.39
C GLN B 329 -3.61 7.37 55.49
N GLN B 330 -2.28 7.48 55.64
CA GLN B 330 -1.67 8.80 55.67
C GLN B 330 -1.81 9.48 54.31
N GLU B 331 -1.42 8.79 53.23
CA GLU B 331 -1.50 9.30 51.85
C GLU B 331 -2.88 9.84 51.48
N LEU B 332 -3.94 9.17 51.97
CA LEU B 332 -5.33 9.56 51.76
C LEU B 332 -5.63 10.81 52.58
N ASP B 333 -5.23 10.82 53.87
CA ASP B 333 -5.40 11.95 54.79
C ASP B 333 -4.71 13.21 54.27
N ASP B 334 -3.51 13.06 53.71
CA ASP B 334 -2.73 14.15 53.13
C ASP B 334 -3.42 14.71 51.88
N THR B 335 -3.97 13.82 51.03
CA THR B 335 -4.62 14.21 49.78
C THR B 335 -6.03 14.81 50.09
N SER B 336 -6.74 14.27 51.10
CA SER B 336 -8.05 14.71 51.57
C SER B 336 -7.93 16.11 52.18
N TYR B 337 -6.78 16.39 52.84
CA TYR B 337 -6.47 17.69 53.46
C TYR B 337 -6.33 18.76 52.38
N LEU B 338 -5.46 18.54 51.39
CA LEU B 338 -5.24 19.44 50.27
C LEU B 338 -6.54 19.78 49.59
N PHE B 339 -7.39 18.76 49.37
CA PHE B 339 -8.71 18.85 48.73
C PHE B 339 -9.66 19.75 49.52
N LYS B 340 -9.64 19.62 50.86
CA LYS B 340 -10.47 20.42 51.77
C LYS B 340 -10.05 21.88 51.72
N VAL B 341 -8.72 22.13 51.72
CA VAL B 341 -8.13 23.46 51.78
C VAL B 341 -8.02 24.16 50.42
N GLU B 342 -8.09 23.43 49.30
CA GLU B 342 -7.97 24.08 48.00
C GLU B 342 -9.28 24.24 47.29
N PHE B 343 -10.21 23.29 47.48
CA PHE B 343 -11.50 23.24 46.81
C PHE B 343 -12.68 22.93 47.73
N ASN B 344 -12.60 23.31 49.02
CA ASN B 344 -13.63 23.09 50.06
C ASN B 344 -14.42 21.77 49.84
N ASP B 345 -13.67 20.68 49.58
CA ASP B 345 -14.14 19.32 49.33
C ASP B 345 -15.23 19.18 48.19
N ARG B 346 -15.46 20.24 47.37
CA ARG B 346 -16.47 20.19 46.30
C ARG B 346 -15.98 19.38 45.09
N HIS B 347 -16.82 18.44 44.61
CA HIS B 347 -16.49 17.60 43.46
C HIS B 347 -16.59 18.39 42.16
N LEU B 348 -15.83 18.00 41.11
CA LEU B 348 -15.86 18.65 39.81
C LEU B 348 -16.16 17.67 38.68
N THR B 349 -17.20 17.97 37.91
CA THR B 349 -17.57 17.20 36.73
C THR B 349 -17.15 18.07 35.54
N PRO B 350 -16.04 17.71 34.85
CA PRO B 350 -15.56 18.55 33.72
C PRO B 350 -16.62 19.03 32.73
N LYS B 351 -17.61 18.18 32.38
CA LYS B 351 -18.66 18.54 31.43
C LYS B 351 -19.63 19.55 32.01
N SER B 352 -20.12 19.28 33.24
CA SER B 352 -21.02 20.15 34.01
C SER B 352 -20.40 21.54 34.18
N TYR B 353 -19.09 21.59 34.53
CA TYR B 353 -18.26 22.78 34.74
C TYR B 353 -18.31 23.70 33.52
N LEU B 354 -17.98 23.14 32.36
CA LEU B 354 -17.96 23.85 31.08
C LEU B 354 -19.33 24.43 30.73
N LEU B 355 -20.40 23.62 30.86
CA LEU B 355 -21.78 24.03 30.56
C LEU B 355 -22.23 25.16 31.43
N ASN B 356 -21.94 25.07 32.75
CA ASN B 356 -22.25 26.09 33.74
C ASN B 356 -21.55 27.40 33.44
N ASN B 357 -20.27 27.36 33.06
CA ASN B 357 -19.52 28.57 32.68
C ASN B 357 -20.01 29.14 31.36
N ILE B 358 -20.49 28.27 30.45
CA ILE B 358 -21.07 28.69 29.17
C ILE B 358 -22.35 29.48 29.46
N ASP B 359 -23.14 29.06 30.46
CA ASP B 359 -24.37 29.74 30.84
C ASP B 359 -24.10 31.16 31.30
N VAL B 360 -23.02 31.33 32.10
CA VAL B 360 -22.57 32.63 32.61
C VAL B 360 -22.19 33.55 31.41
N LEU B 361 -21.57 32.95 30.37
CA LEU B 361 -21.17 33.63 29.14
C LEU B 361 -22.42 34.05 28.35
N LYS B 362 -23.39 33.12 28.21
CA LYS B 362 -24.67 33.34 27.51
C LYS B 362 -25.48 34.42 28.23
N LEU B 363 -25.28 34.57 29.54
CA LEU B 363 -25.92 35.58 30.38
C LEU B 363 -25.47 36.98 29.97
N GLY B 364 -24.15 37.15 29.86
CA GLY B 364 -23.51 38.40 29.46
C GLY B 364 -23.99 38.96 28.13
N ILE B 365 -24.22 38.08 27.14
CA ILE B 365 -24.70 38.41 25.79
C ILE B 365 -26.13 38.96 25.86
N LYS B 366 -26.99 38.33 26.70
CA LYS B 366 -28.38 38.78 26.88
C LYS B 366 -28.41 40.15 27.55
N GLU B 367 -27.55 40.34 28.57
CA GLU B 367 -27.43 41.62 29.28
C GLU B 367 -26.81 42.68 28.37
N PHE B 368 -25.96 42.26 27.39
CA PHE B 368 -25.33 43.14 26.41
C PHE B 368 -26.31 43.51 25.28
N GLN B 369 -27.20 42.59 24.90
CA GLN B 369 -28.20 42.74 23.84
C GLN B 369 -29.16 43.94 24.07
N GLU B 370 -29.81 43.95 25.24
CA GLU B 370 -30.81 44.95 25.65
C GLU B 370 -30.26 46.38 25.75
N LYS B 371 -29.09 46.57 26.38
CA LYS B 371 -28.51 47.89 26.59
C LYS B 371 -27.82 48.50 25.35
N PHE B 372 -26.87 47.77 24.75
CA PHE B 372 -26.04 48.21 23.63
C PHE B 372 -26.80 48.58 22.32
N HIS B 373 -28.08 48.19 22.17
CA HIS B 373 -28.84 48.50 20.95
C HIS B 373 -29.01 50.01 20.68
N ARG B 374 -29.92 50.71 21.43
CA ARG B 374 -30.32 52.12 21.31
C ARG B 374 -29.53 52.96 20.26
N ASN B 375 -28.49 53.71 20.71
CA ASN B 375 -27.66 54.55 19.85
C ASN B 375 -26.15 54.45 20.18
N GLU B 376 -25.77 53.49 21.06
CA GLU B 376 -24.38 53.24 21.48
C GLU B 376 -23.53 52.74 20.29
N LEU B 377 -24.16 51.96 19.39
CA LEU B 377 -23.57 51.43 18.17
C LEU B 377 -23.53 52.57 17.13
N LYS B 378 -24.65 53.34 17.03
CA LYS B 378 -24.85 54.50 16.14
C LYS B 378 -23.72 55.51 16.26
N SER B 379 -23.13 55.63 17.47
CA SER B 379 -22.01 56.51 17.78
C SER B 379 -20.71 55.96 17.18
N ILE B 380 -20.50 54.60 17.28
CA ILE B 380 -19.32 53.91 16.73
C ILE B 380 -19.33 54.00 15.19
N LEU B 381 -20.54 54.06 14.61
CA LEU B 381 -20.76 54.23 13.18
C LEU B 381 -20.48 55.70 12.79
N ARG B 382 -20.90 56.67 13.66
CA ARG B 382 -20.67 58.11 13.48
C ARG B 382 -19.19 58.47 13.58
N ALA B 383 -18.43 57.75 14.41
CA ALA B 383 -16.99 57.94 14.59
C ALA B 383 -16.23 57.59 13.30
N GLU B 384 -16.63 56.46 12.67
CA GLU B 384 -16.04 55.92 11.43
C GLU B 384 -16.75 56.42 10.16
N LEU B 385 -17.65 57.43 10.29
CA LEU B 385 -18.34 58.05 9.16
C LEU B 385 -18.07 59.56 9.07
N ASP B 386 -17.79 60.22 10.22
CA ASP B 386 -17.42 61.63 10.27
C ASP B 386 -15.97 61.75 9.77
N GLN B 387 -15.17 60.67 9.92
CA GLN B 387 -13.80 60.54 9.45
C GLN B 387 -13.77 60.51 7.91
N LYS B 388 -14.95 60.20 7.28
CA LYS B 388 -15.14 60.17 5.83
C LYS B 388 -15.69 61.50 5.27
N VAL B 389 -16.30 62.34 6.13
CA VAL B 389 -16.76 63.71 5.84
C VAL B 389 -15.47 64.55 5.82
N LEU B 390 -14.56 64.22 6.78
CA LEU B 390 -13.23 64.75 7.03
C LEU B 390 -12.32 64.52 5.82
N ASP B 391 -12.39 63.32 5.23
CA ASP B 391 -11.55 62.92 4.11
C ASP B 391 -12.21 63.08 2.73
N VAL B 392 -13.51 63.52 2.64
CA VAL B 392 -14.17 63.81 1.34
C VAL B 392 -13.53 65.10 0.80
N LEU B 393 -13.31 66.07 1.71
CA LEU B 393 -12.67 67.37 1.45
C LEU B 393 -11.21 67.16 1.03
N ALA B 394 -10.40 66.46 1.86
CA ALA B 394 -9.00 66.15 1.62
C ALA B 394 -8.77 65.46 0.26
N THR B 395 -9.66 64.51 -0.11
CA THR B 395 -9.60 63.77 -1.38
C THR B 395 -10.06 64.63 -2.58
N ARG B 396 -10.73 65.79 -2.31
CA ARG B 396 -11.18 66.69 -3.38
C ARG B 396 -11.08 68.19 -3.03
N TYR B 397 -12.15 68.72 -2.38
CA TYR B 397 -12.41 70.11 -1.98
C TYR B 397 -11.21 70.90 -1.39
N TRP B 398 -10.34 70.27 -0.57
CA TRP B 398 -9.19 70.87 0.11
C TRP B 398 -8.16 71.55 -0.79
N LYS B 399 -7.59 70.78 -1.75
CA LYS B 399 -6.55 71.21 -2.69
C LYS B 399 -6.99 72.30 -3.71
N ASP B 400 -8.24 72.82 -3.57
CA ASP B 400 -8.79 73.87 -4.41
C ASP B 400 -8.23 75.21 -3.91
N ASP B 401 -7.70 76.00 -4.86
CA ASP B 401 -7.11 77.33 -4.60
C ASP B 401 -8.22 78.38 -4.57
N ASN B 402 -9.29 78.14 -5.36
CA ASN B 402 -10.47 78.99 -5.46
C ASN B 402 -11.40 78.85 -4.23
N LEU B 403 -10.92 78.16 -3.17
CA LEU B 403 -11.64 77.93 -1.91
C LEU B 403 -11.91 79.25 -1.15
N GLN B 404 -11.00 80.23 -1.31
CA GLN B 404 -11.03 81.54 -0.66
C GLN B 404 -12.11 82.50 -1.16
N ASP B 405 -12.33 82.58 -2.50
CA ASP B 405 -13.28 83.50 -3.14
C ASP B 405 -14.76 83.37 -2.70
N LEU B 406 -15.15 82.24 -2.08
CA LEU B 406 -16.54 82.06 -1.63
C LEU B 406 -16.89 82.86 -0.36
N SER B 407 -15.86 83.49 0.27
CA SER B 407 -16.03 84.35 1.44
C SER B 407 -16.69 85.67 1.00
N SER B 408 -16.31 86.18 -0.20
CA SER B 408 -16.81 87.41 -0.81
C SER B 408 -18.30 87.40 -1.15
N SER B 409 -18.88 86.20 -1.42
CA SER B 409 -20.28 85.90 -1.77
C SER B 409 -20.72 86.50 -3.13
N LYS B 410 -19.78 86.63 -4.09
CA LYS B 410 -20.05 87.13 -5.44
C LYS B 410 -19.72 86.05 -6.47
N LEU B 411 -20.73 85.65 -7.26
CA LEU B 411 -20.61 84.60 -8.27
C LEU B 411 -21.29 84.99 -9.59
N GLU B 412 -20.96 84.25 -10.67
CA GLU B 412 -21.49 84.43 -12.03
C GLU B 412 -22.49 83.30 -12.34
N SER B 413 -23.71 83.68 -12.79
CA SER B 413 -24.82 82.79 -13.13
C SER B 413 -24.57 81.85 -14.33
N ASP B 414 -23.54 82.14 -15.15
CA ASP B 414 -23.21 81.37 -16.35
C ASP B 414 -22.27 80.18 -16.12
N THR B 415 -21.17 80.36 -15.36
CA THR B 415 -20.21 79.27 -15.15
C THR B 415 -19.71 79.12 -13.69
N ASP B 416 -19.70 80.22 -12.90
CA ASP B 416 -19.25 80.20 -11.49
C ASP B 416 -20.20 79.40 -10.58
N MET B 417 -21.53 79.54 -10.81
CA MET B 417 -22.60 78.84 -10.08
C MET B 417 -22.77 77.36 -10.52
N LEU B 418 -22.07 76.96 -11.61
CA LEU B 418 -22.06 75.60 -12.18
C LEU B 418 -20.84 74.81 -11.66
N TYR B 419 -19.67 75.47 -11.51
CA TYR B 419 -18.43 74.87 -11.03
C TYR B 419 -18.55 74.36 -9.59
N TRP B 420 -19.25 75.12 -8.73
CA TRP B 420 -19.43 74.78 -7.30
C TRP B 420 -20.63 73.83 -7.05
N HIS B 421 -21.54 73.66 -8.03
CA HIS B 421 -22.68 72.74 -7.92
C HIS B 421 -22.21 71.29 -8.16
N LYS B 422 -21.45 71.05 -9.26
CA LYS B 422 -20.87 69.74 -9.60
C LYS B 422 -19.70 69.36 -8.67
N LYS B 423 -19.24 70.33 -7.85
CA LYS B 423 -18.20 70.18 -6.83
C LYS B 423 -18.80 69.48 -5.61
N LEU B 424 -20.13 69.64 -5.40
CA LEU B 424 -20.88 69.00 -4.32
C LEU B 424 -21.59 67.74 -4.79
N GLU B 425 -21.81 67.57 -6.11
CA GLU B 425 -22.42 66.37 -6.69
C GLU B 425 -21.41 65.21 -6.66
N LEU B 426 -20.11 65.54 -6.85
CA LEU B 426 -19.01 64.59 -6.80
C LEU B 426 -18.68 64.24 -5.33
N ALA B 427 -18.88 65.20 -4.39
CA ALA B 427 -18.65 65.04 -2.95
C ALA B 427 -19.81 64.27 -2.29
N SER B 428 -21.07 64.52 -2.73
CA SER B 428 -22.30 63.85 -2.24
C SER B 428 -22.36 62.39 -2.69
N SER B 429 -21.76 62.07 -3.85
CA SER B 429 -21.68 60.71 -4.38
C SER B 429 -20.45 59.98 -3.82
N GLY B 430 -19.43 60.74 -3.41
CA GLY B 430 -18.20 60.21 -2.83
C GLY B 430 -18.33 59.72 -1.40
N LEU B 431 -19.53 59.89 -0.83
CA LEU B 431 -19.90 59.49 0.52
C LEU B 431 -21.09 58.51 0.51
N THR B 432 -22.01 58.63 -0.48
CA THR B 432 -23.18 57.76 -0.63
C THR B 432 -22.86 56.47 -1.42
N LYS B 433 -21.86 56.52 -2.33
CA LYS B 433 -21.40 55.37 -3.12
C LYS B 433 -20.07 54.84 -2.55
N MET B 434 -19.68 55.37 -1.37
CA MET B 434 -18.48 55.09 -0.56
C MET B 434 -18.25 53.59 -0.24
N GLY B 435 -19.34 52.86 -0.01
CA GLY B 435 -19.28 51.44 0.33
C GLY B 435 -19.34 51.21 1.83
N ILE B 436 -20.47 51.64 2.45
CA ILE B 436 -20.75 51.51 3.89
C ILE B 436 -21.26 50.12 4.26
N GLY B 437 -21.89 49.42 3.30
CA GLY B 437 -22.42 48.07 3.48
C GLY B 437 -21.42 47.19 4.20
N ARG B 438 -20.23 47.03 3.60
CA ARG B 438 -19.13 46.23 4.16
C ARG B 438 -18.58 46.88 5.44
N LEU B 439 -18.54 48.22 5.51
CA LEU B 439 -18.02 48.98 6.65
C LEU B 439 -18.88 48.74 7.91
N SER B 440 -20.16 49.09 7.83
CA SER B 440 -21.16 48.95 8.89
C SER B 440 -21.25 47.49 9.39
N THR B 441 -21.44 46.51 8.46
CA THR B 441 -21.55 45.08 8.75
C THR B 441 -20.32 44.55 9.48
N MET B 442 -19.12 44.66 8.88
CA MET B 442 -17.86 44.21 9.50
C MET B 442 -17.42 45.06 10.72
N LEU B 443 -18.00 46.27 10.89
CA LEU B 443 -17.73 47.13 12.04
C LEU B 443 -18.44 46.50 13.23
N THR B 444 -19.78 46.35 13.11
CA THR B 444 -20.69 45.74 14.09
C THR B 444 -20.25 44.32 14.42
N THR B 445 -19.82 43.54 13.39
CA THR B 445 -19.30 42.19 13.54
C THR B 445 -18.10 42.20 14.47
N ASN B 446 -17.15 43.12 14.22
CA ASN B 446 -15.97 43.29 15.05
C ASN B 446 -16.29 43.86 16.43
N ALA B 447 -17.37 44.66 16.56
CA ALA B 447 -17.81 45.23 17.83
C ALA B 447 -18.29 44.11 18.75
N ILE B 448 -19.13 43.21 18.21
CA ILE B 448 -19.68 42.03 18.88
C ILE B 448 -18.56 41.05 19.28
N LEU B 449 -17.56 40.89 18.39
CA LEU B 449 -16.40 39.99 18.59
C LEU B 449 -15.47 40.40 19.74
N LYS B 450 -15.13 41.71 19.83
CA LYS B 450 -14.25 42.27 20.86
C LYS B 450 -14.90 42.12 22.23
N GLU B 451 -16.17 42.59 22.34
CA GLU B 451 -17.00 42.55 23.54
C GLU B 451 -17.18 41.15 24.10
N LEU B 452 -17.17 40.15 23.21
CA LEU B 452 -17.29 38.74 23.58
C LEU B 452 -16.05 38.28 24.38
N ASP B 453 -14.84 38.77 23.98
CA ASP B 453 -13.58 38.45 24.66
C ASP B 453 -13.57 39.03 26.09
N ASN B 454 -14.20 40.21 26.26
CA ASN B 454 -14.34 40.92 27.54
C ASN B 454 -15.15 40.08 28.51
N ILE B 455 -16.30 39.54 28.02
CA ILE B 455 -17.21 38.69 28.77
C ILE B 455 -16.52 37.40 29.18
N LEU B 456 -15.60 36.91 28.35
CA LEU B 456 -14.84 35.68 28.61
C LEU B 456 -13.80 35.85 29.72
N GLU B 457 -13.22 37.07 29.86
CA GLU B 457 -12.27 37.38 30.93
C GLU B 457 -13.04 37.58 32.26
N SER B 458 -14.25 38.18 32.15
CA SER B 458 -15.22 38.42 33.22
C SER B 458 -15.73 37.09 33.85
N THR B 459 -15.45 35.95 33.19
CA THR B 459 -15.81 34.60 33.63
C THR B 459 -14.54 33.79 33.87
N GLN B 460 -14.68 32.59 34.44
CA GLN B 460 -13.56 31.67 34.71
C GLN B 460 -12.97 31.09 33.42
N LEU B 461 -13.64 31.33 32.28
CA LEU B 461 -13.23 30.88 30.94
C LEU B 461 -11.96 31.63 30.45
N LYS B 462 -11.45 32.59 31.28
CA LYS B 462 -10.26 33.39 30.99
C LYS B 462 -8.98 32.56 30.87
N ASN B 463 -8.94 31.37 31.49
CA ASN B 463 -7.77 30.48 31.42
C ASN B 463 -7.91 29.36 30.38
N HIS B 464 -9.13 29.16 29.87
CA HIS B 464 -9.37 28.15 28.85
C HIS B 464 -9.46 28.82 27.48
N GLU B 465 -8.38 28.69 26.68
CA GLU B 465 -8.25 29.28 25.35
C GLU B 465 -9.03 28.49 24.30
N LEU B 466 -9.04 27.13 24.41
CA LEU B 466 -9.74 26.23 23.49
C LEU B 466 -11.23 26.53 23.48
N ILE B 467 -11.80 26.80 24.68
CA ILE B 467 -13.21 27.17 24.82
C ILE B 467 -13.41 28.56 24.26
N LYS B 468 -12.52 29.51 24.62
CA LYS B 468 -12.55 30.89 24.11
C LYS B 468 -12.53 30.92 22.57
N ASP B 469 -11.79 29.98 21.94
CA ASP B 469 -11.70 29.80 20.49
C ASP B 469 -13.05 29.37 19.96
N LEU B 470 -13.56 28.21 20.48
CA LEU B 470 -14.86 27.58 20.17
C LEU B 470 -16.03 28.60 20.18
N VAL B 471 -16.10 29.44 21.21
CA VAL B 471 -17.12 30.48 21.39
C VAL B 471 -17.02 31.54 20.28
N SER B 472 -15.81 32.13 20.09
CA SER B 472 -15.52 33.16 19.09
C SER B 472 -15.70 32.67 17.65
N ASN B 473 -15.32 31.41 17.39
CA ASN B 473 -15.49 30.72 16.12
C ASN B 473 -16.99 30.66 15.82
N THR B 474 -17.79 30.14 16.78
CA THR B 474 -19.24 30.05 16.67
C THR B 474 -19.85 31.44 16.40
N ALA B 475 -19.46 32.46 17.18
CA ALA B 475 -19.94 33.84 17.04
C ALA B 475 -19.70 34.41 15.64
N ILE B 476 -18.46 34.29 15.11
CA ILE B 476 -18.08 34.79 13.78
C ILE B 476 -18.86 34.04 12.67
N ASN B 477 -19.10 32.72 12.85
CA ASN B 477 -19.83 31.86 11.93
C ASN B 477 -21.29 32.29 11.81
N VAL B 478 -21.90 32.66 12.97
CA VAL B 478 -23.28 33.13 13.09
C VAL B 478 -23.39 34.49 12.36
N LEU B 479 -22.40 35.36 12.59
CA LEU B 479 -22.32 36.69 11.99
C LEU B 479 -22.08 36.62 10.50
N ASN B 480 -21.29 35.64 10.05
CA ASN B 480 -21.00 35.42 8.63
C ASN B 480 -22.26 35.09 7.87
N SER B 481 -23.12 34.21 8.44
CA SER B 481 -24.39 33.79 7.83
C SER B 481 -25.34 34.96 7.52
N LYS B 482 -25.01 36.17 8.00
CA LYS B 482 -25.81 37.36 7.77
C LYS B 482 -25.05 38.51 7.06
N TYR B 483 -23.77 38.28 6.68
CA TYR B 483 -22.88 39.27 6.04
C TYR B 483 -23.52 40.03 4.84
N TYR B 484 -23.64 39.37 3.67
CA TYR B 484 -24.20 39.96 2.44
C TYR B 484 -25.59 40.52 2.71
N SER B 485 -26.47 39.70 3.30
CA SER B 485 -27.85 40.02 3.68
C SER B 485 -27.95 41.40 4.33
N THR B 486 -27.04 41.69 5.27
CA THR B 486 -26.96 42.97 5.97
C THR B 486 -26.33 44.01 5.04
N ALA B 487 -25.12 43.71 4.49
CA ALA B 487 -24.34 44.57 3.60
C ALA B 487 -25.13 45.17 2.44
N ASP B 488 -25.95 44.34 1.77
CA ASP B 488 -26.79 44.72 0.63
C ASP B 488 -27.96 45.59 1.09
N GLN B 489 -28.49 45.34 2.30
CA GLN B 489 -29.61 46.10 2.86
C GLN B 489 -29.22 47.54 3.25
N VAL B 490 -27.92 47.78 3.53
CA VAL B 490 -27.38 49.10 3.87
C VAL B 490 -27.25 49.94 2.57
N GLU B 491 -26.90 49.29 1.44
CA GLU B 491 -26.76 49.94 0.13
C GLU B 491 -28.08 49.98 -0.65
N ASN B 492 -29.08 49.19 -0.22
CA ASN B 492 -30.41 49.14 -0.85
C ASN B 492 -31.29 50.29 -0.35
N CYS B 493 -31.21 50.61 0.96
CA CYS B 493 -31.97 51.67 1.64
C CYS B 493 -31.47 53.10 1.36
N ILE B 494 -30.24 53.21 0.83
CA ILE B 494 -29.52 54.44 0.53
C ILE B 494 -29.80 54.99 -0.91
N LYS B 495 -30.71 54.31 -1.67
CA LYS B 495 -31.13 54.62 -3.05
C LYS B 495 -31.63 56.10 -3.25
N PRO B 496 -32.68 56.64 -2.56
CA PRO B 496 -33.05 58.05 -2.80
C PRO B 496 -32.10 59.05 -2.12
N PHE B 497 -31.36 58.56 -1.09
CA PHE B 497 -30.38 59.30 -0.30
C PHE B 497 -29.08 59.56 -1.06
N LYS B 498 -28.92 58.96 -2.27
CA LYS B 498 -27.78 59.13 -3.15
C LYS B 498 -27.70 60.55 -3.72
N TYR B 499 -28.83 61.29 -3.74
CA TYR B 499 -28.92 62.67 -4.21
C TYR B 499 -28.79 63.67 -3.04
N GLU B 500 -29.85 64.48 -2.72
CA GLU B 500 -29.85 65.50 -1.66
C GLU B 500 -31.24 66.09 -1.31
N ILE B 501 -32.32 65.63 -1.98
CA ILE B 501 -33.69 66.13 -1.76
C ILE B 501 -34.21 65.84 -0.33
N ASP B 502 -33.75 64.73 0.27
CA ASP B 502 -34.14 64.22 1.60
C ASP B 502 -33.82 65.15 2.78
N LEU B 503 -32.82 66.06 2.66
CA LEU B 503 -32.41 66.98 3.72
C LEU B 503 -33.34 68.20 3.85
N GLU B 504 -33.73 68.53 5.11
CA GLU B 504 -34.66 69.61 5.44
C GLU B 504 -34.05 70.71 6.35
N GLU B 505 -34.88 71.71 6.72
CA GLU B 505 -34.59 72.86 7.58
C GLU B 505 -34.33 72.40 9.03
N ARG B 506 -35.17 71.47 9.53
CA ARG B 506 -35.10 70.91 10.90
C ARG B 506 -33.82 70.11 11.13
N ASP B 507 -33.37 69.35 10.11
CA ASP B 507 -32.15 68.55 10.15
C ASP B 507 -30.90 69.43 10.16
N TRP B 508 -30.97 70.61 9.50
CA TRP B 508 -29.89 71.58 9.40
C TRP B 508 -29.52 72.22 10.75
N SER B 509 -30.42 72.14 11.76
CA SER B 509 -30.23 72.69 13.11
C SER B 509 -29.01 72.08 13.82
N LEU B 510 -29.02 70.74 14.02
CA LEU B 510 -27.93 69.98 14.64
C LEU B 510 -26.70 69.88 13.71
N ALA B 511 -26.93 70.07 12.39
CA ALA B 511 -25.92 69.99 11.33
C ALA B 511 -24.83 71.05 11.40
N ARG B 512 -25.21 72.34 11.47
CA ARG B 512 -24.28 73.47 11.51
C ARG B 512 -23.42 73.42 12.77
N GLN B 513 -24.03 73.07 13.92
CA GLN B 513 -23.41 72.99 15.25
C GLN B 513 -22.50 71.78 15.45
N HIS B 514 -22.93 70.56 15.06
CA HIS B 514 -22.10 69.36 15.24
C HIS B 514 -20.91 69.32 14.29
N SER B 515 -20.91 70.22 13.29
CA SER B 515 -19.82 70.39 12.32
C SER B 515 -18.75 71.30 12.91
N ILE B 516 -19.15 72.26 13.78
CA ILE B 516 -18.19 73.13 14.48
C ILE B 516 -17.62 72.30 15.65
N ASN B 517 -18.47 71.42 16.22
CA ASN B 517 -18.12 70.49 17.30
C ASN B 517 -17.28 69.34 16.72
N LEU B 518 -17.35 69.13 15.39
CA LEU B 518 -16.56 68.16 14.66
C LEU B 518 -15.10 68.63 14.77
N ILE B 519 -14.85 69.89 14.37
CA ILE B 519 -13.53 70.54 14.43
C ILE B 519 -13.01 70.51 15.88
N LYS B 520 -13.87 70.89 16.85
CA LYS B 520 -13.60 70.95 18.29
C LYS B 520 -12.84 69.74 18.85
N GLU B 521 -13.51 68.59 19.03
CA GLU B 521 -12.93 67.37 19.59
C GLU B 521 -11.77 66.82 18.75
N GLU B 522 -11.99 66.68 17.42
CA GLU B 522 -11.01 66.12 16.48
C GLU B 522 -9.71 66.93 16.41
N LEU B 523 -9.79 68.24 16.03
CA LEU B 523 -8.63 69.12 15.91
C LEU B 523 -7.93 69.45 17.25
N ARG B 524 -8.44 68.88 18.38
CA ARG B 524 -7.86 69.01 19.72
C ARG B 524 -7.07 67.74 20.07
N GLN B 525 -7.66 66.56 19.80
CA GLN B 525 -7.01 65.27 20.02
C GLN B 525 -5.95 65.03 18.94
N CYS B 526 -6.19 65.53 17.72
CA CYS B 526 -5.23 65.45 16.62
C CYS B 526 -4.06 66.43 16.84
N ASN B 527 -4.34 67.57 17.52
CA ASN B 527 -3.36 68.59 17.91
C ASN B 527 -2.65 68.19 19.24
N SER B 528 -3.23 67.23 20.00
CA SER B 528 -2.66 66.68 21.25
C SER B 528 -1.44 65.80 20.89
N ARG B 529 -1.47 65.21 19.68
CA ARG B 529 -0.43 64.37 19.11
C ARG B 529 0.61 65.23 18.38
N TYR B 530 0.27 66.52 18.15
CA TYR B 530 1.12 67.56 17.56
C TYR B 530 1.98 68.14 18.70
N GLN B 531 1.55 67.89 19.95
CA GLN B 531 2.20 68.26 21.21
C GLN B 531 3.20 67.14 21.56
N ALA B 532 2.92 65.90 21.10
CA ALA B 532 3.76 64.72 21.33
C ALA B 532 5.13 64.77 20.62
N ILE B 533 5.32 65.72 19.67
CA ILE B 533 6.59 65.89 18.94
C ILE B 533 7.62 66.74 19.76
N LYS B 534 7.14 67.73 20.57
CA LYS B 534 7.95 68.62 21.42
C LYS B 534 8.32 68.02 22.79
N ASN B 535 7.97 66.72 22.99
CA ASN B 535 8.26 65.96 24.22
C ASN B 535 9.74 65.51 24.21
N ALA B 536 10.19 64.86 23.10
CA ALA B 536 11.54 64.35 22.90
C ALA B 536 12.62 65.45 22.92
N VAL B 537 12.56 66.47 22.08
CA VAL B 537 13.75 67.30 22.05
C VAL B 537 13.65 68.74 21.55
N GLY B 538 14.81 69.40 21.52
CA GLY B 538 14.96 70.80 21.11
C GLY B 538 15.55 71.94 20.26
N SER B 539 16.73 71.69 19.68
CA SER B 539 17.50 72.69 18.92
C SER B 539 16.70 73.35 17.79
N LYS B 540 16.13 72.49 16.95
CA LYS B 540 15.22 72.88 15.87
C LYS B 540 15.90 73.83 14.90
N LYS B 541 15.52 75.09 14.93
CA LYS B 541 16.09 76.05 14.01
C LYS B 541 15.50 75.82 12.63
N LEU B 542 14.22 76.12 12.45
CA LEU B 542 13.40 76.73 13.48
C LEU B 542 12.69 77.86 12.78
N ALA B 543 12.38 77.60 11.53
CA ALA B 543 11.85 78.62 10.65
C ALA B 543 12.82 78.73 9.50
N ASN B 544 14.09 78.42 9.77
CA ASN B 544 15.10 78.45 8.70
C ASN B 544 15.03 77.19 7.81
N VAL B 545 14.71 76.02 8.42
CA VAL B 545 14.60 74.70 7.77
C VAL B 545 13.51 74.70 6.66
N MET B 546 12.36 75.34 6.94
CA MET B 546 11.21 75.47 6.03
C MET B 546 11.59 76.23 4.75
N GLY B 547 12.35 77.31 4.90
CA GLY B 547 12.81 78.18 3.83
C GLY B 547 13.75 77.55 2.81
N TYR B 548 14.88 76.95 3.28
CA TYR B 548 15.87 76.32 2.40
C TYR B 548 15.35 75.03 1.74
N LEU B 549 14.13 74.59 2.14
CA LEU B 549 13.40 73.44 1.60
C LEU B 549 12.42 73.98 0.54
N GLU B 550 11.86 75.18 0.80
CA GLU B 550 10.90 75.89 -0.07
C GLU B 550 11.58 76.38 -1.37
N ASN B 551 12.85 76.82 -1.27
CA ASN B 551 13.70 77.33 -2.36
C ASN B 551 13.09 78.55 -3.09
N LYS B 564 19.32 66.28 8.11
CA LYS B 564 19.15 64.83 8.07
C LYS B 564 17.75 64.44 8.58
N LEU B 565 17.58 64.33 9.91
CA LEU B 565 16.35 63.92 10.59
C LEU B 565 15.26 65.01 10.65
N LEU B 566 15.64 66.25 11.05
CA LEU B 566 14.72 67.39 11.15
C LEU B 566 14.21 67.90 9.78
N LEU B 567 14.92 67.55 8.67
CA LEU B 567 14.56 67.91 7.28
C LEU B 567 13.25 67.22 6.84
N GLU B 568 12.91 66.11 7.51
CA GLU B 568 11.70 65.32 7.28
C GLU B 568 10.48 66.00 7.90
N ARG B 569 10.64 66.64 9.08
CA ARG B 569 9.55 67.35 9.77
C ARG B 569 9.30 68.77 9.21
N GLY B 570 10.26 69.28 8.43
CA GLY B 570 10.17 70.58 7.77
C GLY B 570 9.06 70.57 6.74
N SER B 571 8.96 69.46 5.96
CA SER B 571 7.94 69.21 4.92
C SER B 571 6.58 68.95 5.58
N GLU B 572 6.61 68.39 6.82
CA GLU B 572 5.43 68.12 7.64
C GLU B 572 4.87 69.45 8.12
N ALA B 573 5.76 70.34 8.61
CA ALA B 573 5.42 71.68 9.10
C ALA B 573 4.83 72.58 8.01
N ILE B 574 5.42 72.57 6.78
CA ILE B 574 4.97 73.39 5.63
C ILE B 574 3.53 73.02 5.17
N PHE B 575 3.14 71.74 5.34
CA PHE B 575 1.81 71.23 5.00
C PHE B 575 0.79 71.66 6.07
N LEU B 576 1.17 71.54 7.37
CA LEU B 576 0.35 71.88 8.53
C LEU B 576 -0.02 73.36 8.57
N ASP B 577 0.94 74.24 8.21
CA ASP B 577 0.82 75.70 8.13
C ASP B 577 -0.29 76.12 7.15
N LYS B 578 -0.38 75.40 6.01
CA LYS B 578 -1.38 75.60 4.95
C LYS B 578 -2.78 75.22 5.46
N ARG B 579 -2.91 74.01 6.08
CA ARG B 579 -4.17 73.48 6.62
C ARG B 579 -4.68 74.26 7.85
N CYS B 580 -3.76 74.71 8.75
CA CYS B 580 -4.08 75.50 9.95
C CYS B 580 -4.76 76.84 9.63
N LYS B 581 -4.45 77.41 8.45
CA LYS B 581 -5.01 78.66 7.94
C LYS B 581 -6.30 78.38 7.15
N VAL B 582 -6.28 77.33 6.28
CA VAL B 582 -7.37 76.88 5.39
C VAL B 582 -8.63 76.46 6.20
N LEU B 583 -8.48 75.72 7.32
CA LEU B 583 -9.62 75.32 8.14
C LEU B 583 -10.15 76.52 8.95
N SER B 584 -9.24 77.41 9.39
CA SER B 584 -9.54 78.58 10.21
C SER B 584 -10.39 79.63 9.50
N PHE B 585 -10.07 80.00 8.22
CA PHE B 585 -10.89 80.98 7.51
C PHE B 585 -12.29 80.42 7.19
N ARG B 586 -12.43 79.07 7.20
CA ARG B 586 -13.72 78.41 7.03
C ARG B 586 -14.47 78.50 8.36
N LEU B 587 -13.79 78.17 9.50
CA LEU B 587 -14.32 78.22 10.87
C LEU B 587 -14.97 79.57 11.18
N LYS B 588 -14.22 80.69 11.00
CA LYS B 588 -14.70 82.05 11.24
C LYS B 588 -15.86 82.44 10.30
N MET B 589 -15.96 81.78 9.12
CA MET B 589 -17.03 82.06 8.16
C MET B 589 -18.28 81.19 8.37
N LEU B 590 -18.25 79.85 8.14
CA LEU B 590 -19.41 78.94 8.26
C LEU B 590 -20.24 79.13 9.56
N LYS B 591 -19.61 79.55 10.68
CA LYS B 591 -20.27 79.83 11.96
C LYS B 591 -21.30 80.96 11.83
N ASN B 592 -20.99 81.99 11.00
CA ASN B 592 -21.84 83.16 10.74
C ASN B 592 -22.09 83.44 9.22
N LYS B 593 -21.97 82.40 8.36
CA LYS B 593 -22.16 82.52 6.91
C LYS B 593 -23.40 81.76 6.42
N CYS B 594 -23.36 80.41 6.47
CA CYS B 594 -24.45 79.55 5.99
C CYS B 594 -25.40 79.15 7.11
N HIS B 595 -26.65 79.62 6.98
CA HIS B 595 -27.76 79.39 7.90
C HIS B 595 -28.94 78.78 7.15
N SER B 596 -29.16 79.21 5.89
CA SER B 596 -30.23 78.75 5.01
C SER B 596 -30.01 77.32 4.52
N THR B 597 -31.12 76.61 4.21
CA THR B 597 -31.11 75.22 3.75
C THR B 597 -30.97 75.11 2.22
N ILE B 598 -31.96 75.60 1.46
CA ILE B 598 -32.00 75.55 -0.01
C ILE B 598 -31.20 76.72 -0.66
N GLU B 599 -31.22 77.93 -0.02
CA GLU B 599 -30.52 79.11 -0.50
C GLU B 599 -29.00 78.93 -0.30
N LYS B 600 -28.54 78.84 0.99
CA LYS B 600 -27.13 78.62 1.32
C LYS B 600 -26.79 77.14 1.11
N ASP B 601 -25.91 76.86 0.13
CA ASP B 601 -25.51 75.50 -0.24
C ASP B 601 -24.02 75.41 -0.61
N ARG B 602 -23.16 76.18 0.10
CA ARG B 602 -21.72 76.17 -0.19
C ARG B 602 -20.82 75.71 0.96
N CYS B 603 -21.40 75.30 2.11
CA CYS B 603 -20.63 74.78 3.23
C CYS B 603 -20.71 73.23 3.20
N PRO B 604 -19.65 72.52 2.76
CA PRO B 604 -19.74 71.04 2.71
C PRO B 604 -19.69 70.36 4.07
N GLU B 605 -18.88 70.90 5.02
CA GLU B 605 -18.71 70.38 6.39
C GLU B 605 -20.04 70.23 7.14
N VAL B 606 -20.95 71.22 7.02
CA VAL B 606 -22.28 71.23 7.68
C VAL B 606 -23.30 70.37 6.89
N PHE B 607 -23.16 70.33 5.55
CA PHE B 607 -24.05 69.57 4.68
C PHE B 607 -23.73 68.08 4.71
N LEU B 608 -22.49 67.67 5.03
CA LEU B 608 -22.09 66.26 5.03
C LEU B 608 -22.02 65.59 6.41
N SER B 609 -21.59 66.30 7.49
CA SER B 609 -21.45 65.75 8.86
C SER B 609 -22.76 65.21 9.46
N ALA B 610 -23.91 65.78 9.07
CA ALA B 610 -25.23 65.33 9.51
C ALA B 610 -25.90 64.47 8.44
N VAL B 611 -25.56 64.70 7.13
CA VAL B 611 -26.07 63.92 5.99
C VAL B 611 -25.56 62.47 6.09
N SER B 612 -24.30 62.28 6.56
CA SER B 612 -23.70 60.97 6.80
C SER B 612 -24.39 60.29 7.99
N ASP B 613 -24.79 61.12 8.99
CA ASP B 613 -25.47 60.67 10.19
C ASP B 613 -26.97 60.43 9.97
N LYS B 614 -27.54 60.99 8.87
CA LYS B 614 -28.93 60.79 8.45
C LYS B 614 -29.00 59.44 7.72
N LEU B 615 -27.86 59.03 7.11
CA LEU B 615 -27.68 57.73 6.47
C LEU B 615 -27.41 56.72 7.60
N THR B 616 -26.57 57.12 8.61
CA THR B 616 -26.18 56.36 9.81
C THR B 616 -27.40 55.89 10.61
N SER B 617 -28.41 56.77 10.77
CA SER B 617 -29.65 56.47 11.45
C SER B 617 -30.38 55.35 10.71
N THR B 618 -30.46 55.45 9.37
CA THR B 618 -31.09 54.45 8.49
C THR B 618 -30.19 53.20 8.35
N ALA B 619 -28.89 53.31 8.71
CA ALA B 619 -27.92 52.21 8.64
C ALA B 619 -27.97 51.26 9.83
N VAL B 620 -28.13 51.80 11.06
CA VAL B 620 -28.21 50.98 12.29
C VAL B 620 -29.54 50.24 12.37
N LEU B 621 -30.59 50.78 11.73
CA LEU B 621 -31.90 50.15 11.69
C LEU B 621 -31.83 48.80 10.98
N PHE B 622 -31.21 48.76 9.78
CA PHE B 622 -31.08 47.53 9.01
C PHE B 622 -29.92 46.65 9.47
N LEU B 623 -29.04 47.21 10.31
CA LEU B 623 -27.96 46.46 10.93
C LEU B 623 -28.60 45.60 12.02
N ASN B 624 -29.62 46.17 12.69
CA ASN B 624 -30.41 45.53 13.74
C ASN B 624 -31.29 44.45 13.13
N VAL B 625 -32.07 44.81 12.09
CA VAL B 625 -32.98 43.93 11.38
C VAL B 625 -32.30 42.65 10.91
N GLU B 626 -31.20 42.75 10.15
CA GLU B 626 -30.56 41.54 9.63
C GLU B 626 -29.53 40.91 10.55
N LEU B 627 -28.42 41.61 10.85
CA LEU B 627 -27.28 41.09 11.61
C LEU B 627 -27.50 40.93 13.13
N LEU B 628 -27.90 42.01 13.82
CA LEU B 628 -28.02 42.05 15.28
C LEU B 628 -29.11 41.16 15.87
N SER B 629 -30.38 41.34 15.46
CA SER B 629 -31.51 40.55 15.97
C SER B 629 -31.20 39.06 15.92
N ASP B 630 -30.82 38.56 14.71
CA ASP B 630 -30.47 37.16 14.47
C ASP B 630 -29.36 36.67 15.34
N PHE B 631 -28.22 37.43 15.43
CA PHE B 631 -27.07 37.03 16.24
C PHE B 631 -27.46 36.64 17.65
N PHE B 632 -28.07 37.57 18.40
CA PHE B 632 -28.49 37.31 19.78
C PHE B 632 -29.45 36.13 19.89
N TYR B 633 -30.24 35.86 18.84
CA TYR B 633 -31.16 34.74 18.85
C TYR B 633 -30.41 33.41 18.64
N ASN B 634 -29.79 33.26 17.47
CA ASN B 634 -29.09 32.06 17.03
C ASN B 634 -27.77 31.76 17.74
N PHE B 635 -27.07 32.77 18.32
CA PHE B 635 -25.77 32.49 18.95
C PHE B 635 -25.85 31.47 20.10
N PRO B 636 -26.77 31.60 21.10
CA PRO B 636 -26.82 30.58 22.16
C PRO B 636 -27.17 29.20 21.59
N ILE B 637 -28.12 29.16 20.65
CA ILE B 637 -28.61 27.97 19.96
C ILE B 637 -27.46 27.23 19.25
N GLU B 638 -26.66 27.98 18.47
CA GLU B 638 -25.54 27.40 17.74
C GLU B 638 -24.42 26.98 18.65
N LEU B 639 -24.23 27.74 19.73
CA LEU B 639 -23.21 27.45 20.74
C LEU B 639 -23.58 26.13 21.44
N ASP B 640 -24.81 26.05 22.00
CA ASP B 640 -25.33 24.85 22.66
C ASP B 640 -25.15 23.64 21.75
N ARG B 641 -25.47 23.81 20.43
CA ARG B 641 -25.27 22.75 19.44
C ARG B 641 -23.78 22.39 19.33
N ARG B 642 -22.91 23.39 19.12
CA ARG B 642 -21.47 23.20 18.97
C ARG B 642 -20.81 22.51 20.16
N LEU B 643 -21.36 22.73 21.36
CA LEU B 643 -20.87 22.12 22.60
C LEU B 643 -21.18 20.63 22.70
N THR B 644 -22.36 20.21 22.20
CA THR B 644 -22.80 18.80 22.24
C THR B 644 -21.87 17.90 21.43
N LEU B 645 -21.33 18.43 20.32
CA LEU B 645 -20.40 17.80 19.39
C LEU B 645 -19.11 17.31 20.07
N LEU B 646 -18.64 18.05 21.11
CA LEU B 646 -17.44 17.76 21.88
C LEU B 646 -17.55 16.42 22.61
N GLY B 647 -16.53 15.58 22.45
CA GLY B 647 -16.43 14.27 23.08
C GLY B 647 -15.97 14.33 24.52
N ASP B 648 -16.23 13.26 25.30
CA ASP B 648 -15.86 13.14 26.72
C ASP B 648 -14.34 13.29 26.97
N GLU B 649 -13.53 12.88 25.96
CA GLU B 649 -12.06 13.01 25.93
C GLU B 649 -11.68 14.47 25.68
N GLN B 650 -12.39 15.12 24.73
CA GLN B 650 -12.22 16.51 24.32
C GLN B 650 -12.59 17.47 25.46
N VAL B 651 -13.68 17.19 26.20
CA VAL B 651 -14.13 18.04 27.32
C VAL B 651 -13.13 18.00 28.48
N GLU B 652 -12.58 16.80 28.79
CA GLU B 652 -11.57 16.65 29.84
C GLU B 652 -10.33 17.49 29.51
N MET B 653 -9.89 17.44 28.24
CA MET B 653 -8.74 18.20 27.72
C MET B 653 -9.04 19.71 27.77
N PHE B 654 -10.26 20.11 27.37
CA PHE B 654 -10.74 21.51 27.36
C PHE B 654 -10.79 22.09 28.77
N ALA B 655 -11.19 21.26 29.77
CA ALA B 655 -11.28 21.63 31.18
C ALA B 655 -9.90 21.76 31.81
N LYS B 656 -8.99 20.79 31.54
CA LYS B 656 -7.61 20.71 32.04
C LYS B 656 -6.67 21.83 31.56
N GLU B 657 -7.22 22.85 30.85
CA GLU B 657 -6.48 24.03 30.37
C GLU B 657 -6.08 24.90 31.55
N ASP B 658 -7.01 25.15 32.49
CA ASP B 658 -6.70 25.90 33.71
C ASP B 658 -5.89 24.97 34.61
N PRO B 659 -4.70 25.42 35.10
CA PRO B 659 -3.88 24.55 35.96
C PRO B 659 -4.56 24.17 37.28
N LYS B 660 -5.36 25.10 37.87
CA LYS B 660 -6.11 24.89 39.11
C LYS B 660 -7.19 23.82 38.92
N ILE B 661 -7.83 23.82 37.73
CA ILE B 661 -8.86 22.86 37.33
C ILE B 661 -8.18 21.53 37.05
N SER B 662 -7.05 21.55 36.32
CA SER B 662 -6.26 20.35 36.02
C SER B 662 -5.78 19.68 37.31
N ARG B 663 -5.51 20.50 38.37
CA ARG B 663 -5.10 20.07 39.71
C ARG B 663 -6.30 19.42 40.38
N HIS B 664 -7.47 20.14 40.36
CA HIS B 664 -8.75 19.72 40.96
C HIS B 664 -9.16 18.32 40.54
N ILE B 665 -9.09 18.06 39.23
CA ILE B 665 -9.42 16.79 38.59
C ILE B 665 -8.51 15.69 39.13
N GLU B 666 -7.19 15.94 39.12
CA GLU B 666 -6.15 15.00 39.55
C GLU B 666 -6.20 14.66 41.02
N LEU B 667 -6.44 15.70 41.85
CA LEU B 667 -6.51 15.56 43.31
C LEU B 667 -7.71 14.70 43.74
N GLN B 668 -8.89 14.93 43.11
CA GLN B 668 -10.07 14.14 43.44
C GLN B 668 -9.98 12.71 42.90
N LYS B 669 -9.29 12.52 41.75
CA LYS B 669 -9.06 11.22 41.10
C LYS B 669 -8.14 10.37 41.99
N ARG B 670 -7.12 11.02 42.59
CA ARG B 670 -6.16 10.41 43.51
C ARG B 670 -6.87 9.99 44.78
N LYS B 671 -7.78 10.85 45.29
CA LYS B 671 -8.57 10.61 46.50
C LYS B 671 -9.47 9.40 46.29
N GLU B 672 -10.09 9.32 45.10
CA GLU B 672 -10.98 8.25 44.70
C GLU B 672 -10.25 6.91 44.66
N LEU B 673 -9.11 6.82 43.92
CA LEU B 673 -8.27 5.62 43.82
C LEU B 673 -7.83 5.16 45.21
N LEU B 674 -7.30 6.11 46.02
CA LEU B 674 -6.82 5.90 47.39
C LEU B 674 -7.90 5.38 48.33
N GLU B 675 -9.13 5.91 48.20
CA GLU B 675 -10.26 5.47 49.02
C GLU B 675 -10.60 4.03 48.63
N LEU B 676 -10.61 3.76 47.29
CA LEU B 676 -10.91 2.48 46.67
C LEU B 676 -10.02 1.41 47.25
N ALA B 677 -8.69 1.63 47.13
CA ALA B 677 -7.62 0.75 47.63
C ALA B 677 -7.75 0.48 49.14
N LEU B 678 -7.90 1.55 49.97
CA LEU B 678 -8.02 1.46 51.42
C LEU B 678 -9.20 0.64 51.90
N GLU B 679 -10.37 0.84 51.27
CA GLU B 679 -11.58 0.08 51.60
C GLU B 679 -11.25 -1.42 51.50
N LYS B 680 -10.54 -1.80 50.40
CA LYS B 680 -10.05 -3.15 50.14
C LYS B 680 -8.96 -3.59 51.12
N ILE B 681 -7.96 -2.73 51.45
CA ILE B 681 -6.90 -3.10 52.42
C ILE B 681 -7.51 -3.32 53.81
N ASP B 682 -8.21 -2.28 54.34
CA ASP B 682 -8.82 -2.28 55.67
C ASP B 682 -9.75 -3.43 55.90
N SER B 683 -10.48 -3.86 54.87
CA SER B 683 -11.37 -4.99 54.98
C SER B 683 -10.57 -6.29 55.09
N ILE B 684 -9.56 -6.48 54.20
CA ILE B 684 -8.67 -7.67 54.23
C ILE B 684 -8.01 -7.77 55.60
N LEU B 685 -7.55 -6.63 56.17
CA LEU B 685 -6.90 -6.60 57.48
C LEU B 685 -7.81 -7.06 58.60
N VAL B 686 -9.07 -6.59 58.63
CA VAL B 686 -10.07 -6.99 59.64
C VAL B 686 -10.21 -8.52 59.67
N PHE B 687 -10.39 -9.13 58.48
CA PHE B 687 -10.51 -10.57 58.34
C PHE B 687 -9.24 -11.28 58.78
N LYS B 688 -8.07 -10.81 58.30
CA LYS B 688 -6.77 -11.40 58.63
C LYS B 688 -6.47 -11.30 60.14
N LYS B 689 -6.96 -10.24 60.81
CA LYS B 689 -6.81 -10.01 62.26
C LYS B 689 -7.85 -10.83 63.07
N SER B 690 -8.42 -11.89 62.45
CA SER B 690 -9.42 -12.77 63.06
C SER B 690 -9.11 -14.23 62.75
N MET C 1 -19.61 56.70 -12.60
CA MET C 1 -18.86 56.26 -11.42
C MET C 1 -18.92 54.71 -11.27
N LEU C 2 -18.95 54.00 -12.41
CA LEU C 2 -19.05 52.54 -12.48
C LEU C 2 -17.68 51.85 -12.51
N ASN C 3 -17.59 50.70 -11.84
CA ASN C 3 -16.39 49.88 -11.72
C ASN C 3 -16.57 48.56 -12.48
N LEU C 4 -16.48 48.63 -13.83
CA LEU C 4 -16.63 47.48 -14.73
C LEU C 4 -15.41 46.54 -14.73
N THR C 5 -14.58 46.59 -13.68
CA THR C 5 -13.42 45.73 -13.54
C THR C 5 -13.79 44.27 -13.68
N LYS C 6 -14.85 43.78 -12.99
CA LYS C 6 -15.30 42.38 -13.12
C LYS C 6 -15.34 41.89 -14.58
N GLN C 7 -15.79 42.78 -15.50
CA GLN C 7 -15.88 42.55 -16.95
C GLN C 7 -14.50 42.74 -17.64
N MET C 8 -13.74 43.75 -17.22
CA MET C 8 -12.42 44.05 -17.76
C MET C 8 -11.44 42.92 -17.39
N ILE C 9 -11.63 42.30 -16.22
CA ILE C 9 -10.89 41.15 -15.69
C ILE C 9 -11.26 39.96 -16.59
N GLU C 10 -12.58 39.82 -16.85
CA GLU C 10 -13.18 38.76 -17.67
C GLU C 10 -12.55 38.80 -19.07
N ILE C 11 -12.45 40.02 -19.65
CA ILE C 11 -11.84 40.25 -20.96
C ILE C 11 -10.39 39.84 -20.91
N ARG C 12 -9.65 40.24 -19.86
CA ARG C 12 -8.25 39.85 -19.67
C ARG C 12 -8.11 38.32 -19.65
N THR C 13 -9.02 37.65 -18.90
CA THR C 13 -9.06 36.19 -18.74
C THR C 13 -9.20 35.50 -20.08
N ILE C 14 -10.21 35.88 -20.88
CA ILE C 14 -10.47 35.25 -22.17
C ILE C 14 -9.39 35.60 -23.22
N LEU C 15 -8.64 36.71 -23.02
CA LEU C 15 -7.56 37.13 -23.92
C LEU C 15 -6.27 36.37 -23.62
N ASN C 16 -6.24 35.71 -22.47
CA ASN C 16 -5.12 34.89 -22.03
C ASN C 16 -5.30 33.50 -22.65
N LYS C 17 -6.55 33.19 -23.05
CA LYS C 17 -6.95 31.92 -23.65
C LYS C 17 -6.55 31.76 -25.11
N VAL C 18 -6.10 32.84 -25.77
CA VAL C 18 -5.67 32.76 -27.17
C VAL C 18 -4.18 32.34 -27.27
N ASP C 19 -3.94 31.22 -28.01
CA ASP C 19 -2.66 30.52 -28.25
C ASP C 19 -1.40 31.42 -28.21
N SER C 20 -1.36 32.50 -29.03
CA SER C 20 -0.19 33.38 -29.06
C SER C 20 -0.59 34.84 -29.32
N SER C 21 -0.82 35.60 -28.24
CA SER C 21 -1.21 37.02 -28.31
C SER C 21 -0.75 37.85 -27.12
N SER C 22 -0.41 39.13 -27.37
CA SER C 22 0.01 40.09 -26.35
C SER C 22 -1.16 41.05 -26.02
N ALA C 23 -2.40 40.54 -26.16
CA ALA C 23 -3.61 41.29 -25.89
C ALA C 23 -3.93 41.33 -24.38
N HIS C 24 -3.77 40.18 -23.69
CA HIS C 24 -4.00 40.06 -22.25
C HIS C 24 -2.95 40.83 -21.45
N LEU C 25 -1.72 40.89 -21.97
CA LEU C 25 -0.56 41.59 -21.39
C LEU C 25 -0.77 43.11 -21.40
N THR C 26 -1.60 43.61 -22.36
CA THR C 26 -1.99 45.02 -22.48
C THR C 26 -2.92 45.35 -21.29
N LEU C 27 -3.85 44.43 -20.96
CA LEU C 27 -4.77 44.58 -19.83
C LEU C 27 -3.97 44.47 -18.51
N PRO C 28 -4.00 45.51 -17.64
CA PRO C 28 -3.19 45.48 -16.41
C PRO C 28 -3.60 44.47 -15.34
N SER C 29 -2.64 44.13 -14.48
CA SER C 29 -2.78 43.20 -13.35
C SER C 29 -1.75 43.59 -12.28
N ILE C 30 -2.19 43.62 -11.00
CA ILE C 30 -1.34 43.95 -9.86
C ILE C 30 -0.33 42.82 -9.60
N VAL C 31 0.90 43.01 -10.12
CA VAL C 31 1.99 42.06 -9.96
C VAL C 31 2.69 42.27 -8.61
N VAL C 32 2.82 41.19 -7.82
CA VAL C 32 3.41 41.31 -6.49
C VAL C 32 4.77 40.62 -6.37
N ILE C 33 5.74 41.40 -5.90
CA ILE C 33 7.12 41.00 -5.63
C ILE C 33 7.43 41.40 -4.19
N GLY C 34 8.00 40.47 -3.43
CA GLY C 34 8.32 40.72 -2.03
C GLY C 34 9.56 40.03 -1.51
N SER C 35 10.13 40.58 -0.41
CA SER C 35 11.31 40.03 0.25
C SER C 35 11.00 38.61 0.78
N GLN C 36 11.88 37.64 0.44
CA GLN C 36 11.73 36.23 0.84
C GLN C 36 11.82 36.05 2.35
N SER C 37 10.77 35.45 2.95
CA SER C 37 10.56 35.18 4.38
C SER C 37 10.21 36.46 5.19
N SER C 38 9.95 37.60 4.50
CA SER C 38 9.59 38.88 5.13
C SER C 38 8.13 38.96 5.53
N GLY C 39 7.25 38.52 4.64
CA GLY C 39 5.80 38.55 4.84
C GLY C 39 5.06 38.79 3.54
N LYS C 40 5.59 38.23 2.43
CA LYS C 40 5.03 38.31 1.08
C LYS C 40 3.68 37.57 1.01
N SER C 41 3.59 36.43 1.71
CA SER C 41 2.37 35.62 1.75
C SER C 41 1.29 36.32 2.58
N SER C 42 1.63 36.67 3.85
CA SER C 42 0.76 37.34 4.84
C SER C 42 -0.01 38.55 4.31
N VAL C 43 0.65 39.37 3.47
CA VAL C 43 0.06 40.57 2.88
C VAL C 43 -1.06 40.21 1.90
N LEU C 44 -0.85 39.15 1.08
CA LEU C 44 -1.81 38.66 0.10
C LEU C 44 -3.01 37.98 0.76
N GLU C 45 -2.75 37.09 1.72
CA GLU C 45 -3.75 36.34 2.49
C GLU C 45 -4.75 37.26 3.19
N SER C 46 -4.32 38.51 3.47
CA SER C 46 -5.13 39.56 4.09
C SER C 46 -6.15 40.11 3.10
N ILE C 47 -5.72 40.32 1.83
CA ILE C 47 -6.56 40.83 0.74
C ILE C 47 -7.76 39.90 0.54
N VAL C 48 -7.46 38.59 0.44
CA VAL C 48 -8.41 37.49 0.26
C VAL C 48 -9.29 37.34 1.52
N GLY C 49 -8.69 36.85 2.59
CA GLY C 49 -9.35 36.62 3.88
C GLY C 49 -9.14 35.22 4.40
N ARG C 50 -8.19 34.49 3.79
CA ARG C 50 -7.85 33.12 4.19
C ARG C 50 -6.39 32.80 3.85
N GLU C 51 -5.83 31.76 4.49
CA GLU C 51 -4.44 31.30 4.28
C GLU C 51 -4.43 30.23 3.19
N PHE C 52 -3.46 30.31 2.26
CA PHE C 52 -3.33 29.36 1.14
C PHE C 52 -1.90 29.11 0.67
N LEU C 53 -1.01 30.11 0.79
CA LEU C 53 0.39 30.02 0.34
C LEU C 53 1.19 28.83 0.91
N PRO C 54 1.97 28.10 0.08
CA PRO C 54 2.77 26.96 0.59
C PRO C 54 4.03 27.37 1.36
N LYS C 55 4.22 28.70 1.54
CA LYS C 55 5.31 29.34 2.32
C LYS C 55 5.11 29.03 3.82
N GLY C 56 3.91 28.53 4.14
CA GLY C 56 3.43 28.06 5.43
C GLY C 56 2.51 26.89 5.19
N SER C 57 3.03 25.65 5.33
CA SER C 57 2.36 24.35 5.13
C SER C 57 1.88 24.14 3.68
N ARG C 63 5.00 28.16 -11.33
CA ARG C 63 5.28 28.78 -10.03
C ARG C 63 4.45 30.06 -9.77
N PRO C 64 4.46 31.14 -10.61
CA PRO C 64 3.64 32.33 -10.28
C PRO C 64 2.14 32.07 -10.27
N ILE C 65 1.45 32.58 -9.24
CA ILE C 65 0.00 32.35 -9.09
C ILE C 65 -0.81 33.47 -9.75
N GLU C 66 -1.52 33.14 -10.84
CA GLU C 66 -2.41 34.06 -11.53
C GLU C 66 -3.72 34.09 -10.71
N LEU C 67 -3.73 34.96 -9.67
CA LEU C 67 -4.87 35.14 -8.76
C LEU C 67 -5.95 36.00 -9.40
N THR C 68 -7.20 35.53 -9.35
CA THR C 68 -8.34 36.24 -9.90
C THR C 68 -9.46 36.31 -8.85
N LEU C 69 -9.54 37.46 -8.19
CA LEU C 69 -10.53 37.73 -7.16
C LEU C 69 -11.88 38.07 -7.80
N VAL C 70 -12.95 37.35 -7.40
CA VAL C 70 -14.30 37.53 -7.96
C VAL C 70 -15.28 37.83 -6.84
N ASN C 71 -16.02 38.96 -6.96
CA ASN C 71 -17.05 39.30 -5.98
C ASN C 71 -18.31 38.58 -6.37
N THR C 72 -18.80 37.70 -5.46
CA THR C 72 -20.00 36.89 -5.68
C THR C 72 -21.10 37.19 -4.65
N PRO C 73 -22.33 37.49 -5.12
CA PRO C 73 -23.44 37.78 -4.19
C PRO C 73 -23.91 36.57 -3.41
N ASN C 74 -24.30 36.80 -2.14
CA ASN C 74 -24.79 35.83 -1.16
C ASN C 74 -23.81 34.65 -0.90
N SER C 75 -22.58 34.73 -1.42
CA SER C 75 -21.55 33.73 -1.16
C SER C 75 -20.77 34.25 0.06
N ASN C 76 -21.38 34.10 1.26
CA ASN C 76 -20.82 34.55 2.53
C ASN C 76 -19.52 33.79 2.86
N ASN C 77 -19.44 32.53 2.41
CA ASN C 77 -18.28 31.65 2.50
C ASN C 77 -17.25 32.08 1.46
N VAL C 78 -16.00 31.65 1.64
CA VAL C 78 -14.93 31.94 0.69
C VAL C 78 -14.57 30.64 -0.04
N THR C 79 -14.72 30.59 -1.38
CA THR C 79 -14.42 29.41 -2.21
C THR C 79 -13.27 29.64 -3.19
N ALA C 80 -12.63 28.53 -3.63
CA ALA C 80 -11.52 28.54 -4.58
C ALA C 80 -11.81 27.67 -5.80
N ASP C 81 -11.24 28.06 -6.97
CA ASP C 81 -11.35 27.38 -8.25
C ASP C 81 -9.95 27.21 -8.84
N PHE C 82 -9.76 26.16 -9.66
CA PHE C 82 -8.54 25.89 -10.42
C PHE C 82 -9.06 25.54 -11.81
N PRO C 83 -9.41 26.55 -12.66
CA PRO C 83 -10.03 26.26 -13.96
C PRO C 83 -9.29 25.26 -14.85
N SER C 84 -7.96 25.23 -14.75
CA SER C 84 -7.08 24.35 -15.50
C SER C 84 -7.15 22.89 -14.98
N MET C 85 -7.66 22.70 -13.75
CA MET C 85 -7.79 21.40 -13.08
C MET C 85 -9.24 21.12 -12.62
N ARG C 86 -10.21 21.92 -13.11
CA ARG C 86 -11.64 21.87 -12.78
C ARG C 86 -11.90 22.10 -11.26
N LEU C 87 -12.62 21.16 -10.57
CA LEU C 87 -12.98 21.20 -9.12
C LEU C 87 -14.02 22.30 -8.80
N TYR C 88 -13.68 23.57 -9.14
CA TYR C 88 -14.49 24.79 -9.10
C TYR C 88 -15.05 25.22 -7.70
N ASN C 89 -15.00 24.38 -6.66
CA ASN C 89 -15.52 24.81 -5.35
C ASN C 89 -14.71 24.26 -4.17
N ILE C 90 -13.73 25.04 -3.70
CA ILE C 90 -12.92 24.59 -2.57
C ILE C 90 -13.25 25.43 -1.32
N LYS C 91 -14.10 24.86 -0.44
CA LYS C 91 -14.50 25.51 0.79
C LYS C 91 -13.35 25.51 1.80
N ASP C 92 -12.83 24.31 2.15
CA ASP C 92 -11.72 24.13 3.09
C ASP C 92 -10.41 24.57 2.43
N PHE C 93 -9.77 25.59 3.00
CA PHE C 93 -8.54 26.13 2.42
C PHE C 93 -7.29 25.32 2.75
N LYS C 94 -7.40 24.25 3.57
CA LYS C 94 -6.29 23.36 3.89
C LYS C 94 -5.85 22.60 2.63
N GLU C 95 -6.81 22.15 1.79
CA GLU C 95 -6.51 21.43 0.55
C GLU C 95 -5.97 22.36 -0.53
N VAL C 96 -6.21 23.68 -0.39
CA VAL C 96 -5.69 24.70 -1.32
C VAL C 96 -4.17 24.84 -1.05
N LYS C 97 -3.78 24.81 0.25
CA LYS C 97 -2.39 24.89 0.72
C LYS C 97 -1.59 23.71 0.15
N ARG C 98 -2.20 22.50 0.15
CA ARG C 98 -1.61 21.28 -0.39
C ARG C 98 -1.51 21.40 -1.91
N MET C 99 -2.59 21.90 -2.56
CA MET C 99 -2.66 22.10 -4.02
C MET C 99 -1.56 23.00 -4.55
N LEU C 100 -1.17 24.03 -3.80
CA LEU C 100 -0.13 24.96 -4.24
C LEU C 100 1.29 24.43 -3.98
N MET C 101 1.42 23.42 -3.09
CA MET C 101 2.69 22.77 -2.75
C MET C 101 2.94 21.56 -3.66
N GLU C 102 1.91 20.71 -3.86
CA GLU C 102 1.99 19.52 -4.71
C GLU C 102 2.15 19.89 -6.19
N LEU C 103 1.62 21.06 -6.60
CA LEU C 103 1.72 21.60 -7.97
C LEU C 103 3.08 22.30 -8.19
N ASN C 104 3.79 22.60 -7.08
CA ASN C 104 5.11 23.24 -7.07
C ASN C 104 6.26 22.19 -7.11
N MET C 105 5.96 20.97 -7.64
CA MET C 105 6.90 19.86 -7.75
C MET C 105 7.03 19.36 -9.19
N GLU C 115 8.24 29.78 -15.39
CA GLU C 115 7.38 30.75 -16.05
C GLU C 115 5.89 30.36 -16.03
N GLU C 116 5.59 29.07 -15.76
CA GLU C 116 4.23 28.49 -15.73
C GLU C 116 3.28 29.19 -14.72
N PRO C 117 2.18 29.84 -15.20
CA PRO C 117 1.26 30.49 -14.26
C PRO C 117 0.17 29.55 -13.71
N ILE C 118 0.07 29.47 -12.37
CA ILE C 118 -0.94 28.68 -11.65
C ILE C 118 -2.21 29.53 -11.61
N GLN C 119 -3.17 29.23 -12.49
CA GLN C 119 -4.41 30.00 -12.55
C GLN C 119 -5.40 29.56 -11.45
N LEU C 120 -5.45 30.36 -10.37
CA LEU C 120 -6.30 30.15 -9.21
C LEU C 120 -7.30 31.29 -9.10
N THR C 121 -8.59 30.96 -8.87
CA THR C 121 -9.69 31.92 -8.76
C THR C 121 -10.30 31.87 -7.35
N ILE C 122 -10.50 33.03 -6.70
CA ILE C 122 -11.11 33.11 -5.37
C ILE C 122 -12.41 33.88 -5.46
N LYS C 123 -13.51 33.27 -4.96
CA LYS C 123 -14.86 33.84 -4.97
C LYS C 123 -15.45 34.00 -3.56
N SER C 124 -15.99 35.21 -3.25
CA SER C 124 -16.65 35.58 -1.99
C SER C 124 -17.26 36.98 -2.08
N SER C 125 -18.18 37.32 -1.15
CA SER C 125 -18.80 38.64 -1.12
C SER C 125 -17.85 39.68 -0.52
N ARG C 126 -16.87 39.24 0.30
CA ARG C 126 -15.87 40.10 0.95
C ARG C 126 -14.80 40.53 -0.05
N VAL C 127 -14.51 39.63 -1.01
CA VAL C 127 -13.52 39.74 -2.06
C VAL C 127 -13.83 40.85 -3.09
N PRO C 128 -12.87 41.75 -3.41
CA PRO C 128 -13.13 42.79 -4.42
C PRO C 128 -12.77 42.28 -5.82
N ASP C 129 -13.22 42.95 -6.88
CA ASP C 129 -12.90 42.49 -8.23
C ASP C 129 -11.52 42.99 -8.67
N LEU C 130 -10.54 42.07 -8.65
CA LEU C 130 -9.13 42.30 -8.93
C LEU C 130 -8.44 41.08 -9.56
N SER C 131 -7.38 41.32 -10.37
CA SER C 131 -6.52 40.29 -10.95
C SER C 131 -5.09 40.56 -10.48
N LEU C 132 -4.46 39.54 -9.89
CA LEU C 132 -3.11 39.62 -9.29
C LEU C 132 -2.20 38.52 -9.83
N VAL C 133 -0.86 38.71 -9.68
CA VAL C 133 0.14 37.72 -10.08
C VAL C 133 1.18 37.61 -8.96
N ASP C 134 1.34 36.42 -8.37
CA ASP C 134 2.30 36.18 -7.29
C ASP C 134 3.62 35.60 -7.77
N LEU C 135 4.62 36.48 -7.97
CA LEU C 135 5.97 36.09 -8.40
C LEU C 135 6.77 35.72 -7.13
N PRO C 136 7.28 34.46 -7.02
CA PRO C 136 7.95 34.03 -5.77
C PRO C 136 9.22 34.77 -5.36
N GLY C 137 9.35 35.01 -4.05
CA GLY C 137 10.46 35.68 -3.38
C GLY C 137 11.03 36.89 -4.09
N TYR C 138 12.36 37.03 -4.05
CA TYR C 138 13.06 38.11 -4.75
C TYR C 138 13.15 37.73 -6.23
N ILE C 139 12.32 38.39 -7.06
CA ILE C 139 12.20 38.21 -8.53
C ILE C 139 11.74 36.77 -8.88
N THR C 152 18.43 31.59 -16.25
CA THR C 152 17.61 31.84 -17.43
C THR C 152 16.11 32.03 -17.08
N LYS C 153 15.63 31.39 -15.99
CA LYS C 153 14.24 31.42 -15.52
C LYS C 153 13.84 32.74 -14.83
N ILE C 154 14.60 33.15 -13.79
CA ILE C 154 14.43 34.35 -12.95
C ILE C 154 14.38 35.65 -13.79
N ARG C 155 15.22 35.70 -14.83
CA ARG C 155 15.37 36.80 -15.78
C ARG C 155 14.07 37.07 -16.56
N ASP C 156 13.41 36.00 -17.07
CA ASP C 156 12.15 36.07 -17.83
C ASP C 156 10.98 36.60 -17.00
N LEU C 157 10.89 36.22 -15.71
CA LEU C 157 9.83 36.65 -14.79
C LEU C 157 9.85 38.16 -14.55
N CYS C 158 11.07 38.74 -14.57
CA CYS C 158 11.35 40.16 -14.39
C CYS C 158 10.81 41.00 -15.56
N GLU C 159 10.87 40.46 -16.78
CA GLU C 159 10.42 41.18 -17.97
C GLU C 159 8.92 40.96 -18.30
N LYS C 160 8.49 39.69 -18.35
CA LYS C 160 7.13 39.24 -18.70
C LYS C 160 5.98 39.90 -17.95
N TYR C 161 6.16 40.18 -16.64
CA TYR C 161 5.06 40.71 -15.84
C TYR C 161 5.23 42.13 -15.30
N LEU C 162 6.47 42.65 -15.21
CA LEU C 162 6.73 43.99 -14.64
C LEU C 162 6.80 45.13 -15.65
N THR C 163 7.42 44.89 -16.82
CA THR C 163 7.63 45.89 -17.87
C THR C 163 6.33 46.39 -18.54
N ALA C 164 5.38 45.46 -18.77
CA ALA C 164 4.08 45.72 -19.41
C ALA C 164 3.23 46.79 -18.67
N PRO C 165 2.08 47.30 -19.22
CA PRO C 165 1.31 48.33 -18.48
C PRO C 165 0.56 47.83 -17.23
N ASN C 166 1.09 46.76 -16.60
CA ASN C 166 0.60 46.13 -15.37
C ASN C 166 1.15 46.88 -14.15
N ILE C 167 0.29 47.14 -13.14
CA ILE C 167 0.65 47.86 -11.91
C ILE C 167 1.52 46.97 -11.01
N ILE C 168 2.59 47.54 -10.42
CA ILE C 168 3.54 46.81 -9.57
C ILE C 168 3.36 47.11 -8.08
N LEU C 169 3.56 46.07 -7.22
CA LEU C 169 3.47 46.13 -5.77
C LEU C 169 4.73 45.52 -5.14
N ALA C 170 5.35 46.22 -4.16
CA ALA C 170 6.58 45.79 -3.49
C ALA C 170 6.41 45.52 -1.99
N ILE C 171 6.90 44.35 -1.51
CA ILE C 171 6.86 43.90 -0.11
C ILE C 171 8.28 43.72 0.47
N SER C 172 8.48 44.11 1.74
CA SER C 172 9.76 43.99 2.46
C SER C 172 9.57 43.65 3.96
N ALA C 173 10.59 43.95 4.80
CA ALA C 173 10.59 43.72 6.25
C ALA C 173 11.25 44.92 6.95
N ALA C 174 10.62 45.43 8.03
CA ALA C 174 11.13 46.57 8.79
C ALA C 174 12.41 46.30 9.59
N ASP C 175 12.65 45.00 9.96
CA ASP C 175 13.82 44.53 10.73
C ASP C 175 15.14 44.65 9.95
N VAL C 176 15.10 44.34 8.63
CA VAL C 176 16.24 44.44 7.72
C VAL C 176 16.32 45.86 7.16
N ASP C 177 17.46 46.23 6.51
CA ASP C 177 17.70 47.56 5.93
C ASP C 177 16.51 48.06 5.09
N LEU C 178 15.98 49.24 5.46
CA LEU C 178 14.83 49.86 4.79
C LEU C 178 15.22 50.73 3.58
N ALA C 179 16.44 51.31 3.62
CA ALA C 179 16.98 52.11 2.52
C ALA C 179 17.38 51.18 1.36
N ASN C 180 17.80 49.93 1.70
CA ASN C 180 18.19 48.87 0.77
C ASN C 180 17.08 47.83 0.68
N SER C 181 16.19 47.97 -0.31
CA SER C 181 15.07 47.06 -0.55
C SER C 181 15.15 46.58 -2.00
N SER C 182 15.57 45.31 -2.21
CA SER C 182 15.72 44.70 -3.54
C SER C 182 14.40 44.62 -4.30
N ALA C 183 13.28 44.36 -3.58
CA ALA C 183 11.93 44.27 -4.15
C ALA C 183 11.47 45.65 -4.67
N LEU C 184 11.89 46.74 -3.99
CA LEU C 184 11.61 48.12 -4.37
C LEU C 184 12.59 48.57 -5.46
N LYS C 185 13.85 48.05 -5.40
CA LYS C 185 14.93 48.31 -6.36
C LYS C 185 14.56 47.74 -7.73
N ALA C 186 13.93 46.55 -7.75
CA ALA C 186 13.45 45.87 -8.96
C ALA C 186 12.35 46.69 -9.64
N SER C 187 11.49 47.36 -8.83
CA SER C 187 10.41 48.23 -9.30
C SER C 187 10.99 49.52 -9.91
N LYS C 188 12.11 50.00 -9.33
CA LYS C 188 12.84 51.19 -9.76
C LYS C 188 13.56 50.87 -11.09
N ALA C 189 14.13 49.65 -11.20
CA ALA C 189 14.83 49.17 -12.39
C ALA C 189 13.86 48.97 -13.57
N ALA C 190 12.68 48.39 -13.29
CA ALA C 190 11.64 48.15 -14.30
C ALA C 190 10.82 49.42 -14.58
N ASP C 191 10.79 50.36 -13.61
CA ASP C 191 10.05 51.62 -13.75
C ASP C 191 10.77 52.81 -13.07
N PRO C 192 11.81 53.40 -13.74
CA PRO C 192 12.48 54.57 -13.15
C PRO C 192 11.65 55.83 -13.39
N LYS C 193 11.33 56.57 -12.29
CA LYS C 193 10.51 57.79 -12.22
C LYS C 193 9.21 57.66 -13.06
N GLY C 194 8.46 56.61 -12.78
CA GLY C 194 7.22 56.29 -13.48
C GLY C 194 5.94 56.37 -12.66
N LEU C 195 4.81 56.28 -13.37
CA LEU C 195 3.47 56.37 -12.83
C LEU C 195 3.03 55.10 -12.08
N ARG C 196 2.49 54.09 -12.81
CA ARG C 196 1.92 52.81 -12.35
C ARG C 196 2.81 52.00 -11.38
N THR C 197 2.83 52.42 -10.10
CA THR C 197 3.61 51.78 -9.03
C THR C 197 2.98 52.12 -7.67
N ILE C 198 2.84 51.10 -6.80
CA ILE C 198 2.32 51.24 -5.43
C ILE C 198 3.27 50.56 -4.44
N GLY C 199 3.65 51.31 -3.40
CA GLY C 199 4.58 50.88 -2.37
C GLY C 199 3.93 50.38 -1.10
N VAL C 200 4.50 49.31 -0.52
CA VAL C 200 4.01 48.66 0.69
C VAL C 200 5.16 48.35 1.68
N ILE C 201 4.96 48.74 2.96
CA ILE C 201 5.90 48.52 4.07
C ILE C 201 5.19 47.75 5.20
N THR C 202 5.83 46.66 5.65
CA THR C 202 5.32 45.76 6.69
C THR C 202 6.02 45.99 8.04
N LYS C 203 5.63 45.17 9.05
CA LYS C 203 6.19 45.10 10.41
C LYS C 203 6.31 46.46 11.15
N LEU C 204 5.32 47.35 10.94
CA LEU C 204 5.26 48.69 11.55
C LEU C 204 5.15 48.69 13.11
N ASP C 205 5.00 47.50 13.73
CA ASP C 205 4.94 47.35 15.19
C ASP C 205 6.34 47.42 15.82
N LEU C 206 7.36 46.89 15.10
CA LEU C 206 8.77 46.84 15.54
C LEU C 206 9.48 48.20 15.47
N VAL C 207 9.14 49.03 14.46
CA VAL C 207 9.74 50.35 14.26
C VAL C 207 8.81 51.46 14.79
N ASP C 208 9.41 52.56 15.30
CA ASP C 208 8.75 53.74 15.86
C ASP C 208 7.88 54.50 14.82
N PRO C 209 6.85 55.28 15.25
CA PRO C 209 6.01 56.02 14.27
C PRO C 209 6.67 57.24 13.62
N GLU C 210 7.90 57.59 14.04
CA GLU C 210 8.65 58.74 13.50
C GLU C 210 9.29 58.41 12.14
N LYS C 211 10.12 57.33 12.08
CA LYS C 211 10.81 56.87 10.86
C LYS C 211 9.83 56.44 9.78
N ALA C 212 8.67 55.90 10.19
CA ALA C 212 7.60 55.44 9.30
C ALA C 212 6.90 56.63 8.60
N ARG C 213 6.90 57.84 9.20
CA ARG C 213 6.28 59.04 8.63
C ARG C 213 7.07 59.53 7.40
N SER C 214 8.40 59.43 7.47
CA SER C 214 9.30 59.81 6.37
C SER C 214 9.27 58.76 5.24
N ILE C 215 8.89 57.52 5.57
CA ILE C 215 8.79 56.40 4.63
C ILE C 215 7.69 56.65 3.59
N LEU C 216 6.50 57.13 4.03
CA LEU C 216 5.34 57.38 3.16
C LEU C 216 5.52 58.55 2.19
N ASN C 217 5.88 59.74 2.72
CA ASN C 217 6.07 60.94 1.90
C ASN C 217 7.56 61.10 1.48
N ASN C 218 8.22 59.95 1.17
CA ASN C 218 9.63 59.84 0.80
C ASN C 218 10.06 60.77 -0.33
N LYS C 219 11.30 61.27 -0.22
CA LYS C 219 12.00 62.16 -1.17
C LYS C 219 12.76 61.29 -2.18
N LYS C 220 13.21 60.11 -1.72
CA LYS C 220 13.98 59.12 -2.46
C LYS C 220 13.22 58.48 -3.64
N TYR C 221 12.09 57.79 -3.36
CA TYR C 221 11.31 57.08 -4.37
C TYR C 221 9.86 57.60 -4.50
N PRO C 222 9.63 58.74 -5.20
CA PRO C 222 8.26 59.26 -5.33
C PRO C 222 7.46 58.65 -6.48
N LEU C 223 6.21 58.23 -6.19
CA LEU C 223 5.29 57.59 -7.14
C LEU C 223 3.98 58.38 -7.18
N SER C 224 3.49 58.69 -8.40
CA SER C 224 2.25 59.46 -8.61
C SER C 224 0.99 58.75 -8.12
N MET C 225 1.00 57.39 -8.10
CA MET C 225 -0.11 56.58 -7.59
C MET C 225 -0.20 56.78 -6.06
N GLY C 226 0.96 56.65 -5.38
CA GLY C 226 1.08 56.86 -3.95
C GLY C 226 1.82 55.78 -3.18
N TYR C 227 1.81 55.93 -1.84
CA TYR C 227 2.41 55.01 -0.87
C TYR C 227 1.43 54.73 0.28
N VAL C 228 1.51 53.51 0.86
CA VAL C 228 0.65 53.04 1.96
C VAL C 228 1.43 52.17 2.98
N GLY C 229 1.09 52.32 4.26
CA GLY C 229 1.72 51.59 5.35
C GLY C 229 0.74 50.72 6.12
N VAL C 230 1.11 49.43 6.34
CA VAL C 230 0.31 48.41 7.05
C VAL C 230 1.14 47.47 7.95
N ILE C 231 0.45 46.53 8.65
CA ILE C 231 0.98 45.53 9.59
C ILE C 231 0.12 44.24 9.57
N THR C 232 0.77 43.05 9.50
CA THR C 232 0.13 41.73 9.44
C THR C 232 0.80 40.66 10.35
N LYS C 233 0.41 40.58 11.64
CA LYS C 233 1.02 39.59 12.53
C LYS C 233 0.01 38.57 13.13
N THR C 234 0.51 37.64 14.00
CA THR C 234 -0.21 36.55 14.67
C THR C 234 -0.89 35.64 13.65
N GLU C 270 -11.93 26.67 5.98
CA GLU C 270 -12.45 26.92 7.32
C GLU C 270 -12.34 28.40 7.73
N ASN C 271 -13.29 28.88 8.55
CA ASN C 271 -13.37 30.26 8.99
C ASN C 271 -12.56 30.57 10.28
N THR C 272 -11.81 29.56 10.83
CA THR C 272 -10.91 29.76 11.98
C THR C 272 -9.73 30.62 11.43
N ASN C 273 -9.57 30.53 10.08
CA ASN C 273 -8.64 31.24 9.23
C ASN C 273 -9.18 32.61 8.79
N GLY C 274 -10.51 32.79 8.90
CA GLY C 274 -11.21 34.03 8.61
C GLY C 274 -11.29 34.91 9.85
N LEU C 275 -11.17 34.25 11.03
CA LEU C 275 -11.12 34.85 12.37
C LEU C 275 -9.70 35.37 12.57
N LYS C 276 -8.68 34.56 12.17
CA LYS C 276 -7.25 34.88 12.23
C LYS C 276 -6.94 36.21 11.53
N GLN C 277 -7.69 36.54 10.46
CA GLN C 277 -7.53 37.81 9.72
C GLN C 277 -8.19 38.92 10.49
N ILE C 278 -9.30 38.59 11.20
CA ILE C 278 -10.04 39.56 11.99
C ILE C 278 -9.27 39.87 13.30
N VAL C 279 -8.49 38.90 13.80
CA VAL C 279 -7.65 39.06 14.99
C VAL C 279 -6.50 40.01 14.63
N SER C 280 -5.77 39.71 13.54
CA SER C 280 -4.66 40.51 13.03
C SER C 280 -5.10 41.93 12.59
N HIS C 281 -6.36 42.11 12.16
CA HIS C 281 -6.85 43.43 11.80
C HIS C 281 -7.16 44.24 13.05
N GLN C 282 -7.77 43.60 14.07
CA GLN C 282 -8.11 44.20 15.36
C GLN C 282 -6.83 44.53 16.15
N PHE C 283 -5.78 43.68 15.98
CA PHE C 283 -4.44 43.80 16.58
C PHE C 283 -3.89 45.22 16.46
N GLU C 284 -4.04 45.84 15.27
CA GLU C 284 -3.57 47.20 15.01
C GLU C 284 -4.62 48.05 14.26
N LYS C 285 -5.91 47.93 14.62
CA LYS C 285 -6.99 48.71 13.97
C LYS C 285 -6.88 50.18 14.37
N ALA C 286 -6.94 50.45 15.69
CA ALA C 286 -6.86 51.80 16.27
C ALA C 286 -5.42 52.25 16.56
N TYR C 287 -4.40 51.48 16.07
CA TYR C 287 -2.99 51.83 16.20
C TYR C 287 -2.74 53.03 15.29
N PHE C 288 -3.36 53.03 14.10
CA PHE C 288 -3.25 54.12 13.14
C PHE C 288 -4.09 55.31 13.58
N LYS C 289 -5.03 55.08 14.54
CA LYS C 289 -5.90 56.09 15.13
C LYS C 289 -5.21 56.78 16.33
N GLU C 290 -4.58 56.00 17.24
CA GLU C 290 -3.90 56.47 18.45
C GLU C 290 -2.75 57.48 18.15
N ASN C 291 -2.13 57.40 16.95
CA ASN C 291 -1.06 58.31 16.52
C ASN C 291 -1.37 58.87 15.12
N LYS C 292 -2.40 59.73 15.06
CA LYS C 292 -2.90 60.42 13.86
C LYS C 292 -1.93 61.44 13.28
N LYS C 293 -1.28 62.28 14.13
CA LYS C 293 -0.30 63.29 13.68
C LYS C 293 0.98 62.60 13.18
N TYR C 294 1.37 61.48 13.84
CA TYR C 294 2.54 60.68 13.46
C TYR C 294 2.35 59.95 12.10
N PHE C 295 1.17 60.14 11.45
CA PHE C 295 0.77 59.58 10.16
C PHE C 295 -0.29 60.47 9.43
N THR C 296 -0.15 61.83 9.48
CA THR C 296 -1.07 62.76 8.79
C THR C 296 -0.59 63.03 7.35
N ASN C 297 -1.53 63.31 6.40
CA ASN C 297 -1.31 63.49 4.94
C ASN C 297 -0.72 62.15 4.42
N CYS C 298 -1.38 61.04 4.81
CA CYS C 298 -0.96 59.68 4.50
C CYS C 298 -2.13 58.78 4.07
N GLN C 299 -1.77 57.63 3.47
CA GLN C 299 -2.67 56.55 3.10
C GLN C 299 -2.33 55.46 4.10
N VAL C 300 -3.27 55.17 5.02
CA VAL C 300 -3.07 54.18 6.09
C VAL C 300 -4.13 53.05 6.07
N SER C 301 -3.80 51.91 6.73
CA SER C 301 -4.61 50.69 6.91
C SER C 301 -4.91 49.91 5.61
N THR C 302 -5.24 48.61 5.80
CA THR C 302 -5.56 47.64 4.75
C THR C 302 -6.84 48.07 4.01
N LYS C 303 -7.81 48.69 4.72
CA LYS C 303 -9.10 49.21 4.20
C LYS C 303 -8.93 50.23 3.02
N LYS C 304 -8.04 51.23 3.17
CA LYS C 304 -7.75 52.25 2.17
C LYS C 304 -6.78 51.72 1.08
N LEU C 305 -5.90 50.75 1.46
CA LEU C 305 -4.94 50.08 0.56
C LEU C 305 -5.75 49.38 -0.55
N ARG C 306 -6.78 48.62 -0.11
CA ARG C 306 -7.74 47.86 -0.90
C ARG C 306 -8.48 48.86 -1.79
N GLU C 307 -9.09 49.92 -1.19
CA GLU C 307 -9.81 51.01 -1.87
C GLU C 307 -8.97 51.59 -2.99
N LYS C 308 -7.63 51.69 -2.76
CA LYS C 308 -6.65 52.22 -3.72
C LYS C 308 -6.46 51.27 -4.90
N LEU C 309 -6.21 49.96 -4.61
CA LEU C 309 -6.05 48.90 -5.63
C LEU C 309 -7.30 48.76 -6.48
N ILE C 310 -8.47 49.07 -5.89
CA ILE C 310 -9.77 49.06 -6.54
C ILE C 310 -9.91 50.23 -7.54
N LYS C 311 -9.63 51.48 -7.11
CA LYS C 311 -9.77 52.67 -7.95
C LYS C 311 -8.69 52.78 -9.05
N ILE C 312 -7.41 52.42 -8.74
CA ILE C 312 -6.32 52.50 -9.72
C ILE C 312 -6.53 51.53 -10.87
N LEU C 313 -6.93 50.28 -10.56
CA LEU C 313 -7.19 49.22 -11.53
C LEU C 313 -8.34 49.62 -12.43
N GLU C 314 -9.38 50.30 -11.87
CA GLU C 314 -10.53 50.81 -12.61
C GLU C 314 -10.06 51.71 -13.75
N ILE C 315 -9.12 52.63 -13.46
CA ILE C 315 -8.56 53.55 -14.44
C ILE C 315 -7.56 52.83 -15.34
N SER C 316 -6.56 52.11 -14.77
CA SER C 316 -5.55 51.34 -15.50
C SER C 316 -6.15 50.44 -16.58
N MET C 317 -7.20 49.65 -16.21
CA MET C 317 -7.91 48.76 -17.12
C MET C 317 -8.71 49.51 -18.18
N SER C 318 -9.30 50.67 -17.82
CA SER C 318 -10.06 51.49 -18.77
C SER C 318 -9.14 52.33 -19.67
N ASN C 319 -7.87 52.52 -19.23
CA ASN C 319 -6.84 53.25 -19.98
C ASN C 319 -6.43 52.34 -21.13
N ALA C 320 -6.11 51.07 -20.77
CA ALA C 320 -5.68 50.01 -21.67
C ALA C 320 -6.82 49.46 -22.51
N LEU C 321 -8.07 49.84 -22.23
CA LEU C 321 -9.23 49.37 -22.98
C LEU C 321 -9.28 49.89 -24.42
N GLU C 322 -8.73 51.10 -24.67
CA GLU C 322 -8.68 51.69 -26.01
C GLU C 322 -7.60 51.05 -26.90
N PRO C 323 -6.31 50.92 -26.48
CA PRO C 323 -5.33 50.23 -27.34
C PRO C 323 -5.65 48.74 -27.53
N THR C 324 -6.19 48.06 -26.49
CA THR C 324 -6.55 46.64 -26.57
C THR C 324 -7.62 46.41 -27.63
N SER C 325 -8.70 47.22 -27.64
CA SER C 325 -9.75 47.09 -28.67
C SER C 325 -9.17 47.27 -30.06
N THR C 326 -8.10 48.11 -30.17
CA THR C 326 -7.35 48.38 -31.39
C THR C 326 -6.59 47.09 -31.81
N LEU C 327 -5.66 46.60 -30.93
CA LEU C 327 -4.86 45.41 -31.14
C LEU C 327 -5.70 44.14 -31.37
N ILE C 328 -6.85 43.99 -30.66
CA ILE C 328 -7.76 42.84 -30.82
C ILE C 328 -8.22 42.82 -32.28
N GLN C 329 -8.79 43.94 -32.76
CA GLN C 329 -9.27 44.11 -34.13
C GLN C 329 -8.14 43.87 -35.15
N GLN C 330 -6.91 44.33 -34.86
CA GLN C 330 -5.75 44.12 -35.72
C GLN C 330 -5.46 42.63 -35.83
N GLU C 331 -5.45 41.90 -34.68
CA GLU C 331 -5.18 40.46 -34.66
C GLU C 331 -6.39 39.61 -35.08
N LEU C 332 -7.59 40.22 -35.15
CA LEU C 332 -8.85 39.58 -35.56
C LEU C 332 -9.07 39.72 -37.07
N ASP C 333 -8.72 40.89 -37.65
CA ASP C 333 -8.85 41.12 -39.09
C ASP C 333 -7.93 40.17 -39.89
N ASP C 334 -6.74 39.88 -39.33
CA ASP C 334 -5.73 38.97 -39.87
C ASP C 334 -6.23 37.52 -39.82
N THR C 335 -6.77 37.11 -38.65
CA THR C 335 -7.30 35.77 -38.41
C THR C 335 -8.56 35.54 -39.27
N SER C 336 -9.35 36.61 -39.50
CA SER C 336 -10.54 36.51 -40.35
C SER C 336 -10.15 36.57 -41.83
N TYR C 337 -8.91 37.02 -42.15
CA TYR C 337 -8.37 37.04 -43.52
C TYR C 337 -7.92 35.62 -43.87
N LEU C 338 -7.12 35.01 -42.97
CA LEU C 338 -6.58 33.65 -43.06
C LEU C 338 -7.67 32.60 -43.26
N PHE C 339 -8.81 32.78 -42.53
CA PHE C 339 -9.99 31.93 -42.57
C PHE C 339 -10.66 32.08 -43.93
N LYS C 340 -10.69 33.31 -44.45
CA LYS C 340 -11.25 33.66 -45.77
C LYS C 340 -10.40 33.09 -46.92
N VAL C 341 -9.05 33.12 -46.78
CA VAL C 341 -8.14 32.68 -47.84
C VAL C 341 -7.85 31.15 -47.78
N GLU C 342 -7.32 30.63 -46.66
CA GLU C 342 -6.93 29.23 -46.58
C GLU C 342 -8.09 28.22 -46.47
N PHE C 343 -9.13 28.55 -45.67
CA PHE C 343 -10.26 27.64 -45.43
C PHE C 343 -11.59 28.07 -46.09
N ASN C 344 -11.65 29.31 -46.59
CA ASN C 344 -12.81 29.94 -47.25
C ASN C 344 -14.07 29.94 -46.36
N ASP C 345 -13.90 30.42 -45.12
CA ASP C 345 -14.91 30.54 -44.05
C ASP C 345 -15.74 29.24 -43.78
N ARG C 346 -15.26 28.11 -44.34
CA ARG C 346 -15.84 26.76 -44.17
C ARG C 346 -15.65 26.38 -42.70
N HIS C 347 -16.72 25.93 -42.03
CA HIS C 347 -16.59 25.53 -40.63
C HIS C 347 -16.17 24.06 -40.51
N LEU C 348 -15.46 23.71 -39.40
CA LEU C 348 -15.01 22.35 -39.16
C LEU C 348 -15.33 21.81 -37.76
N THR C 349 -16.31 20.91 -37.69
CA THR C 349 -16.69 20.19 -36.48
C THR C 349 -15.93 18.85 -36.53
N PRO C 350 -15.00 18.60 -35.58
CA PRO C 350 -14.19 17.37 -35.63
C PRO C 350 -15.01 16.09 -35.75
N LYS C 351 -15.99 15.89 -34.83
CA LYS C 351 -16.86 14.71 -34.83
C LYS C 351 -17.55 14.52 -36.17
N SER C 352 -17.97 15.63 -36.79
CA SER C 352 -18.62 15.64 -38.10
C SER C 352 -17.61 15.23 -39.19
N TYR C 353 -16.39 15.85 -39.17
CA TYR C 353 -15.33 15.57 -40.14
C TYR C 353 -14.98 14.10 -40.17
N LEU C 354 -14.90 13.47 -38.98
CA LEU C 354 -14.57 12.06 -38.79
C LEU C 354 -15.64 11.16 -39.36
N LEU C 355 -16.91 11.42 -38.99
CA LEU C 355 -18.06 10.66 -39.45
C LEU C 355 -18.31 10.78 -40.94
N ASN C 356 -18.07 11.96 -41.52
CA ASN C 356 -18.24 12.21 -42.96
C ASN C 356 -17.21 11.46 -43.79
N ASN C 357 -15.94 11.45 -43.35
CA ASN C 357 -14.86 10.77 -44.03
C ASN C 357 -14.97 9.25 -43.90
N ILE C 358 -15.47 8.79 -42.73
CA ILE C 358 -15.72 7.37 -42.51
C ILE C 358 -16.82 6.88 -43.47
N ASP C 359 -17.86 7.73 -43.72
CA ASP C 359 -18.97 7.49 -44.65
C ASP C 359 -18.45 7.28 -46.08
N VAL C 360 -17.45 8.09 -46.46
CA VAL C 360 -16.78 7.99 -47.76
C VAL C 360 -16.08 6.62 -47.89
N LEU C 361 -15.29 6.24 -46.87
CA LEU C 361 -14.60 4.96 -46.80
C LEU C 361 -15.62 3.81 -46.89
N LYS C 362 -16.72 3.88 -46.09
CA LYS C 362 -17.82 2.91 -46.08
C LYS C 362 -18.37 2.66 -47.49
N LEU C 363 -18.47 3.73 -48.31
CA LEU C 363 -18.92 3.68 -49.71
C LEU C 363 -17.89 2.98 -50.61
N GLY C 364 -16.61 3.27 -50.36
CA GLY C 364 -15.48 2.68 -51.09
C GLY C 364 -15.42 1.18 -50.97
N ILE C 365 -15.79 0.64 -49.80
CA ILE C 365 -15.86 -0.79 -49.51
C ILE C 365 -17.02 -1.44 -50.29
N LYS C 366 -18.18 -0.73 -50.35
CA LYS C 366 -19.39 -1.16 -51.06
C LYS C 366 -19.12 -1.26 -52.56
N GLU C 367 -18.35 -0.30 -53.09
CA GLU C 367 -17.94 -0.25 -54.48
C GLU C 367 -16.98 -1.41 -54.81
N PHE C 368 -16.05 -1.71 -53.87
CA PHE C 368 -15.08 -2.80 -54.00
C PHE C 368 -15.76 -4.16 -53.89
N GLN C 369 -16.78 -4.29 -52.99
CA GLN C 369 -17.56 -5.51 -52.76
C GLN C 369 -18.09 -6.05 -54.09
N GLU C 370 -18.58 -5.13 -54.95
CA GLU C 370 -19.12 -5.38 -56.29
C GLU C 370 -18.01 -5.86 -57.22
N LYS C 371 -16.90 -5.12 -57.28
CA LYS C 371 -15.75 -5.45 -58.14
C LYS C 371 -14.86 -6.60 -57.61
N PHE C 372 -15.27 -7.29 -56.52
CA PHE C 372 -14.49 -8.42 -56.00
C PHE C 372 -15.15 -9.77 -56.29
N HIS C 373 -14.93 -10.79 -55.42
CA HIS C 373 -15.34 -12.21 -55.51
C HIS C 373 -15.14 -12.73 -56.95
N ARG C 374 -16.22 -13.16 -57.64
CA ARG C 374 -16.19 -13.66 -59.03
C ARG C 374 -14.92 -14.51 -59.34
N ASN C 375 -14.21 -14.16 -60.42
CA ASN C 375 -12.98 -14.77 -60.93
C ASN C 375 -11.76 -13.97 -60.45
N GLU C 376 -12.00 -12.72 -59.96
CA GLU C 376 -10.99 -11.80 -59.42
C GLU C 376 -10.33 -12.40 -58.15
N LEU C 377 -11.14 -13.05 -57.30
CA LEU C 377 -10.71 -13.75 -56.09
C LEU C 377 -10.07 -15.08 -56.50
N LYS C 378 -10.69 -15.74 -57.50
CA LYS C 378 -10.27 -17.03 -58.08
C LYS C 378 -8.85 -16.93 -58.64
N SER C 379 -8.52 -15.81 -59.30
CA SER C 379 -7.20 -15.54 -59.87
C SER C 379 -6.08 -15.48 -58.83
N ILE C 380 -6.29 -14.76 -57.70
CA ILE C 380 -5.30 -14.61 -56.62
C ILE C 380 -5.01 -15.93 -55.95
N LEU C 381 -6.07 -16.71 -55.73
CA LEU C 381 -5.97 -18.01 -55.09
C LEU C 381 -5.20 -18.98 -55.96
N ARG C 382 -5.55 -19.06 -57.26
CA ARG C 382 -4.89 -19.93 -58.22
C ARG C 382 -3.44 -19.54 -58.45
N ALA C 383 -3.11 -18.25 -58.34
CA ALA C 383 -1.74 -17.78 -58.51
C ALA C 383 -0.86 -18.29 -57.36
N GLU C 384 -1.41 -18.36 -56.15
CA GLU C 384 -0.71 -18.89 -54.97
C GLU C 384 -0.60 -20.40 -55.12
N LEU C 385 -1.64 -21.04 -55.67
CA LEU C 385 -1.62 -22.47 -55.91
C LEU C 385 -0.60 -22.84 -56.98
N ASP C 386 -0.43 -21.94 -57.98
CA ASP C 386 0.54 -22.05 -59.08
C ASP C 386 1.91 -22.18 -58.50
N GLN C 387 2.24 -21.28 -57.54
CA GLN C 387 3.52 -21.28 -56.86
C GLN C 387 3.75 -22.60 -56.11
N LYS C 388 2.69 -23.16 -55.48
CA LYS C 388 2.77 -24.44 -54.81
C LYS C 388 2.96 -25.60 -55.82
N VAL C 389 2.28 -25.57 -56.99
CA VAL C 389 2.47 -26.60 -58.03
C VAL C 389 3.95 -26.64 -58.44
N LEU C 390 4.56 -25.46 -58.64
CA LEU C 390 5.97 -25.31 -59.00
C LEU C 390 6.88 -25.88 -57.90
N ASP C 391 6.59 -25.54 -56.63
CA ASP C 391 7.33 -26.01 -55.46
C ASP C 391 7.22 -27.54 -55.32
N VAL C 392 6.03 -28.11 -55.59
CA VAL C 392 5.73 -29.55 -55.55
C VAL C 392 6.54 -30.25 -56.66
N LEU C 393 6.51 -29.68 -57.88
CA LEU C 393 7.21 -30.17 -59.07
C LEU C 393 8.73 -30.16 -58.88
N ALA C 394 9.26 -29.15 -58.17
CA ALA C 394 10.69 -29.03 -57.93
C ALA C 394 11.16 -30.07 -56.93
N THR C 395 10.38 -30.26 -55.85
CA THR C 395 10.65 -31.20 -54.76
C THR C 395 10.39 -32.66 -55.15
N ARG C 396 9.50 -32.92 -56.13
CA ARG C 396 9.16 -34.30 -56.48
C ARG C 396 9.44 -34.73 -57.95
N TYR C 397 9.94 -33.84 -58.84
CA TYR C 397 10.20 -34.21 -60.24
C TYR C 397 11.51 -33.65 -60.83
N TRP C 398 11.65 -32.31 -60.94
CA TRP C 398 12.79 -31.59 -61.53
C TRP C 398 14.17 -31.92 -60.91
N LYS C 399 14.16 -32.56 -59.73
CA LYS C 399 15.34 -33.01 -59.01
C LYS C 399 15.27 -34.55 -58.95
N ASP C 400 15.28 -35.18 -60.15
CA ASP C 400 15.24 -36.62 -60.38
C ASP C 400 15.78 -36.89 -61.77
N ASP C 401 16.79 -37.78 -61.84
CA ASP C 401 17.50 -38.18 -63.06
C ASP C 401 16.60 -38.87 -64.11
N ASN C 402 15.72 -39.79 -63.67
CA ASN C 402 14.81 -40.58 -64.50
C ASN C 402 13.63 -39.81 -65.14
N LEU C 403 13.64 -38.46 -65.10
CA LEU C 403 12.56 -37.61 -65.63
C LEU C 403 12.20 -37.85 -67.11
N GLN C 404 13.17 -38.26 -67.95
CA GLN C 404 12.95 -38.53 -69.38
C GLN C 404 12.17 -39.82 -69.59
N ASP C 405 12.45 -40.84 -68.75
CA ASP C 405 11.85 -42.19 -68.75
C ASP C 405 10.31 -42.15 -68.70
N LEU C 406 9.77 -41.07 -68.10
CA LEU C 406 8.35 -40.76 -67.92
C LEU C 406 7.61 -40.60 -69.26
N SER C 407 8.35 -40.27 -70.35
CA SER C 407 7.84 -40.05 -71.70
C SER C 407 8.33 -41.08 -72.71
N SER C 408 9.64 -40.95 -73.08
CA SER C 408 10.45 -41.68 -74.04
C SER C 408 9.93 -43.08 -74.42
N SER C 409 10.08 -44.07 -73.52
CA SER C 409 9.69 -45.47 -73.74
C SER C 409 8.53 -45.92 -72.85
N LYS C 410 7.83 -46.99 -73.27
CA LYS C 410 6.73 -47.59 -72.51
C LYS C 410 7.31 -48.25 -71.26
N LEU C 411 6.71 -47.94 -70.11
CA LEU C 411 7.12 -48.40 -68.78
C LEU C 411 7.01 -49.91 -68.61
N GLU C 412 7.71 -50.45 -67.60
CA GLU C 412 7.74 -51.87 -67.24
C GLU C 412 6.37 -52.36 -66.78
N SER C 413 6.16 -53.68 -66.78
CA SER C 413 4.95 -54.39 -66.37
C SER C 413 4.43 -54.02 -64.97
N ASP C 414 5.34 -53.57 -64.08
CA ASP C 414 4.99 -53.18 -62.71
C ASP C 414 5.86 -52.05 -62.14
N THR C 415 7.09 -52.35 -61.68
CA THR C 415 8.05 -51.43 -61.02
C THR C 415 8.10 -50.01 -61.61
N ASP C 416 8.35 -49.86 -62.94
CA ASP C 416 8.46 -48.53 -63.58
C ASP C 416 7.13 -47.77 -63.61
N MET C 417 6.00 -48.49 -63.84
CA MET C 417 4.65 -47.89 -63.84
C MET C 417 4.31 -47.44 -62.41
N LEU C 418 4.63 -48.30 -61.42
CA LEU C 418 4.40 -48.11 -59.98
C LEU C 418 5.02 -46.81 -59.47
N TYR C 419 6.36 -46.65 -59.63
CA TYR C 419 7.15 -45.49 -59.20
C TYR C 419 6.58 -44.15 -59.65
N TRP C 420 6.20 -44.06 -60.95
CA TRP C 420 5.65 -42.84 -61.55
C TRP C 420 4.20 -42.58 -61.15
N HIS C 421 3.44 -43.65 -60.83
CA HIS C 421 2.05 -43.53 -60.36
C HIS C 421 2.06 -43.10 -58.89
N LYS C 422 3.06 -43.59 -58.11
CA LYS C 422 3.29 -43.29 -56.70
C LYS C 422 3.67 -41.82 -56.55
N LYS C 423 4.54 -41.31 -57.46
CA LYS C 423 5.03 -39.93 -57.47
C LYS C 423 3.92 -38.89 -57.62
N LEU C 424 2.94 -39.13 -58.51
CA LEU C 424 1.83 -38.19 -58.66
C LEU C 424 0.83 -38.26 -57.49
N GLU C 425 0.82 -39.38 -56.74
CA GLU C 425 -0.03 -39.53 -55.56
C GLU C 425 0.55 -38.70 -54.41
N LEU C 426 1.89 -38.71 -54.23
CA LEU C 426 2.63 -37.94 -53.22
C LEU C 426 2.58 -36.44 -53.53
N ALA C 427 2.60 -36.11 -54.83
CA ALA C 427 2.54 -34.75 -55.33
C ALA C 427 1.12 -34.19 -55.14
N SER C 428 0.07 -34.98 -55.48
CA SER C 428 -1.33 -34.59 -55.32
C SER C 428 -1.62 -34.34 -53.84
N SER C 429 -1.24 -35.30 -52.96
CA SER C 429 -1.39 -35.21 -51.50
C SER C 429 -0.59 -34.01 -50.98
N GLY C 430 0.57 -33.76 -51.61
CA GLY C 430 1.43 -32.63 -51.30
C GLY C 430 0.75 -31.31 -51.56
N LEU C 431 -0.15 -31.29 -52.55
CA LEU C 431 -0.88 -30.08 -52.90
C LEU C 431 -2.19 -29.96 -52.12
N THR C 432 -2.97 -31.04 -52.08
CA THR C 432 -4.28 -31.09 -51.42
C THR C 432 -4.19 -31.02 -49.87
N LYS C 433 -3.19 -31.70 -49.27
CA LYS C 433 -3.04 -31.70 -47.81
C LYS C 433 -2.08 -30.59 -47.34
N MET C 434 -1.80 -29.64 -48.24
CA MET C 434 -0.93 -28.48 -48.00
C MET C 434 -1.50 -27.55 -46.91
N GLY C 435 -2.81 -27.37 -46.88
CA GLY C 435 -3.49 -26.52 -45.93
C GLY C 435 -4.20 -25.37 -46.62
N ILE C 436 -5.00 -25.72 -47.65
CA ILE C 436 -5.79 -24.82 -48.49
C ILE C 436 -6.68 -23.91 -47.65
N GLY C 437 -7.56 -24.48 -46.82
CA GLY C 437 -8.46 -23.75 -45.94
C GLY C 437 -7.80 -22.53 -45.34
N ARG C 438 -6.72 -22.77 -44.55
CA ARG C 438 -5.91 -21.74 -43.89
C ARG C 438 -5.40 -20.73 -44.91
N LEU C 439 -4.72 -21.26 -45.97
CA LEU C 439 -4.13 -20.52 -47.10
C LEU C 439 -5.15 -19.56 -47.76
N SER C 440 -6.29 -20.11 -48.18
CA SER C 440 -7.41 -19.43 -48.81
C SER C 440 -7.86 -18.30 -47.94
N THR C 441 -8.28 -18.61 -46.69
CA THR C 441 -8.77 -17.63 -45.73
C THR C 441 -7.83 -16.47 -45.61
N MET C 442 -6.55 -16.76 -45.36
CA MET C 442 -5.52 -15.74 -45.15
C MET C 442 -5.19 -14.91 -46.42
N LEU C 443 -5.20 -15.56 -47.62
CA LEU C 443 -4.98 -14.88 -48.91
C LEU C 443 -6.00 -13.77 -49.04
N THR C 444 -7.30 -14.13 -48.95
CA THR C 444 -8.44 -13.22 -49.04
C THR C 444 -8.46 -12.24 -47.85
N THR C 445 -8.01 -12.66 -46.65
CA THR C 445 -7.96 -11.77 -45.48
C THR C 445 -7.02 -10.59 -45.79
N ASN C 446 -5.77 -10.90 -46.22
CA ASN C 446 -4.76 -9.91 -46.63
C ASN C 446 -5.36 -9.07 -47.77
N ALA C 447 -5.89 -9.72 -48.83
CA ALA C 447 -6.53 -9.07 -49.98
C ALA C 447 -7.47 -7.93 -49.58
N ILE C 448 -8.24 -8.13 -48.51
CA ILE C 448 -9.18 -7.12 -48.00
C ILE C 448 -8.46 -5.97 -47.33
N LEU C 449 -7.46 -6.29 -46.47
CA LEU C 449 -6.67 -5.31 -45.73
C LEU C 449 -5.85 -4.44 -46.68
N LYS C 450 -5.27 -5.06 -47.72
CA LYS C 450 -4.49 -4.40 -48.76
C LYS C 450 -5.37 -3.39 -49.52
N GLU C 451 -6.55 -3.82 -49.97
CA GLU C 451 -7.48 -2.97 -50.68
C GLU C 451 -8.04 -1.90 -49.74
N LEU C 452 -8.18 -2.23 -48.44
CA LEU C 452 -8.67 -1.31 -47.43
C LEU C 452 -7.73 -0.13 -47.28
N ASP C 453 -6.40 -0.38 -47.34
CA ASP C 453 -5.38 0.67 -47.30
C ASP C 453 -5.45 1.53 -48.56
N ASN C 454 -5.67 0.90 -49.73
CA ASN C 454 -5.79 1.57 -51.03
C ASN C 454 -6.93 2.57 -51.02
N ILE C 455 -8.10 2.14 -50.47
CA ILE C 455 -9.29 2.97 -50.33
C ILE C 455 -8.96 4.10 -49.33
N LEU C 456 -8.24 3.76 -48.24
CA LEU C 456 -7.83 4.72 -47.22
C LEU C 456 -6.93 5.83 -47.78
N GLU C 457 -5.88 5.46 -48.56
CA GLU C 457 -4.94 6.42 -49.14
C GLU C 457 -5.53 7.29 -50.25
N SER C 458 -6.63 6.84 -50.87
CA SER C 458 -7.29 7.61 -51.92
C SER C 458 -8.16 8.75 -51.34
N THR C 459 -8.52 8.64 -50.03
CA THR C 459 -9.42 9.56 -49.31
C THR C 459 -8.71 10.63 -48.46
N GLN C 460 -9.52 11.43 -47.73
CA GLN C 460 -9.09 12.49 -46.82
C GLN C 460 -8.42 11.93 -45.56
N LEU C 461 -8.63 10.62 -45.30
CA LEU C 461 -8.10 9.89 -44.16
C LEU C 461 -6.63 9.53 -44.33
N LYS C 462 -6.05 9.80 -45.53
CA LYS C 462 -4.65 9.48 -45.83
C LYS C 462 -3.65 10.19 -44.88
N ASN C 463 -4.10 11.27 -44.22
CA ASN C 463 -3.31 12.06 -43.26
C ASN C 463 -3.55 11.62 -41.82
N HIS C 464 -4.64 10.86 -41.58
CA HIS C 464 -5.04 10.44 -40.23
C HIS C 464 -4.71 8.97 -39.94
N GLU C 465 -3.52 8.73 -39.32
CA GLU C 465 -3.00 7.40 -38.95
C GLU C 465 -3.78 6.72 -37.83
N LEU C 466 -4.21 7.50 -36.80
CA LEU C 466 -5.00 7.00 -35.68
C LEU C 466 -6.29 6.34 -36.20
N ILE C 467 -6.96 7.01 -37.17
CA ILE C 467 -8.17 6.52 -37.83
C ILE C 467 -7.80 5.31 -38.70
N LYS C 468 -6.77 5.45 -39.56
CA LYS C 468 -6.28 4.39 -40.45
C LYS C 468 -6.05 3.09 -39.66
N ASP C 469 -5.52 3.22 -38.43
CA ASP C 469 -5.29 2.10 -37.52
C ASP C 469 -6.58 1.54 -36.93
N LEU C 470 -7.52 2.43 -36.53
CA LEU C 470 -8.82 2.02 -35.97
C LEU C 470 -9.58 1.21 -37.03
N VAL C 471 -9.53 1.69 -38.30
CA VAL C 471 -10.16 1.09 -39.48
C VAL C 471 -9.53 -0.27 -39.79
N SER C 472 -8.18 -0.33 -39.87
CA SER C 472 -7.44 -1.56 -40.14
C SER C 472 -7.54 -2.58 -39.02
N ASN C 473 -7.80 -2.10 -37.79
CA ASN C 473 -7.98 -3.00 -36.65
C ASN C 473 -9.38 -3.59 -36.68
N THR C 474 -10.43 -2.73 -36.76
CA THR C 474 -11.81 -3.22 -36.78
C THR C 474 -12.04 -4.21 -37.96
N ALA C 475 -11.35 -4.02 -39.11
CA ALA C 475 -11.47 -4.92 -40.27
C ALA C 475 -10.92 -6.31 -39.95
N ILE C 476 -9.71 -6.37 -39.35
CA ILE C 476 -9.09 -7.64 -39.01
C ILE C 476 -9.92 -8.34 -37.90
N ASN C 477 -10.51 -7.60 -36.95
CA ASN C 477 -11.37 -8.18 -35.92
C ASN C 477 -12.57 -8.87 -36.57
N VAL C 478 -13.22 -8.19 -37.54
CA VAL C 478 -14.37 -8.70 -38.29
C VAL C 478 -13.98 -9.97 -39.07
N LEU C 479 -12.85 -9.92 -39.79
CA LEU C 479 -12.35 -11.05 -40.56
C LEU C 479 -11.96 -12.22 -39.66
N ASN C 480 -11.38 -11.94 -38.46
CA ASN C 480 -10.93 -12.93 -37.49
C ASN C 480 -12.09 -13.74 -36.99
N SER C 481 -13.25 -13.08 -36.81
CA SER C 481 -14.48 -13.69 -36.30
C SER C 481 -14.87 -14.92 -37.11
N LYS C 482 -14.60 -14.88 -38.43
CA LYS C 482 -14.94 -15.94 -39.36
C LYS C 482 -13.75 -16.80 -39.82
N TYR C 483 -12.50 -16.56 -39.34
CA TYR C 483 -11.36 -17.36 -39.80
C TYR C 483 -11.57 -18.89 -39.72
N TYR C 484 -11.88 -19.44 -38.54
CA TYR C 484 -12.08 -20.89 -38.35
C TYR C 484 -13.18 -21.47 -39.25
N SER C 485 -14.41 -20.94 -39.17
CA SER C 485 -15.58 -21.39 -39.94
C SER C 485 -15.30 -21.44 -41.42
N THR C 486 -14.58 -20.42 -41.94
CA THR C 486 -14.21 -20.33 -43.34
C THR C 486 -13.16 -21.40 -43.67
N ALA C 487 -12.00 -21.39 -42.96
CA ALA C 487 -10.91 -22.34 -43.18
C ALA C 487 -11.33 -23.80 -43.06
N ASP C 488 -12.08 -24.15 -42.00
CA ASP C 488 -12.59 -25.50 -41.74
C ASP C 488 -13.55 -25.93 -42.86
N GLN C 489 -14.54 -25.07 -43.20
CA GLN C 489 -15.52 -25.32 -44.27
C GLN C 489 -14.80 -25.62 -45.58
N VAL C 490 -13.72 -24.85 -45.87
CA VAL C 490 -12.90 -24.99 -47.07
C VAL C 490 -12.14 -26.31 -47.03
N GLU C 491 -11.57 -26.69 -45.88
CA GLU C 491 -10.85 -27.97 -45.78
C GLU C 491 -11.77 -29.18 -46.00
N ASN C 492 -13.09 -29.05 -45.72
CA ASN C 492 -14.11 -30.08 -45.92
C ASN C 492 -14.42 -30.27 -47.39
N CYS C 493 -14.70 -29.17 -48.11
CA CYS C 493 -14.99 -29.18 -49.55
C CYS C 493 -13.76 -29.59 -50.40
N ILE C 494 -12.56 -29.55 -49.80
CA ILE C 494 -11.27 -29.91 -50.39
C ILE C 494 -11.01 -31.42 -50.27
N LYS C 495 -11.38 -32.03 -49.12
CA LYS C 495 -11.19 -33.48 -48.85
C LYS C 495 -11.59 -34.40 -50.03
N PRO C 496 -12.75 -34.23 -50.73
CA PRO C 496 -13.05 -35.12 -51.87
C PRO C 496 -12.07 -35.05 -53.04
N PHE C 497 -11.07 -34.15 -52.96
CA PHE C 497 -10.02 -33.99 -53.97
C PHE C 497 -8.68 -34.55 -53.47
N LYS C 498 -8.60 -34.95 -52.19
CA LYS C 498 -7.37 -35.45 -51.56
C LYS C 498 -6.86 -36.79 -52.13
N TYR C 499 -7.76 -37.62 -52.70
CA TYR C 499 -7.42 -38.92 -53.30
C TYR C 499 -8.45 -39.26 -54.39
N GLU C 500 -8.47 -38.46 -55.48
CA GLU C 500 -9.42 -38.66 -56.58
C GLU C 500 -8.83 -38.40 -57.96
N ILE C 501 -8.89 -39.41 -58.83
CA ILE C 501 -8.43 -39.37 -60.21
C ILE C 501 -9.69 -39.45 -61.10
N ASP C 502 -10.29 -38.29 -61.41
CA ASP C 502 -11.52 -38.23 -62.21
C ASP C 502 -11.44 -37.21 -63.35
N LEU C 503 -12.32 -36.17 -63.35
CA LEU C 503 -12.48 -35.06 -64.30
C LEU C 503 -12.69 -35.52 -65.79
N GLU C 504 -12.87 -34.54 -66.71
CA GLU C 504 -13.08 -34.78 -68.14
C GLU C 504 -12.05 -34.02 -68.99
N GLU C 505 -12.06 -34.21 -70.33
CA GLU C 505 -11.10 -33.52 -71.21
C GLU C 505 -11.37 -32.02 -71.32
N ARG C 506 -12.61 -31.58 -70.99
CA ARG C 506 -13.01 -30.17 -71.02
C ARG C 506 -12.06 -29.36 -70.13
N ASP C 507 -11.94 -29.74 -68.83
CA ASP C 507 -11.04 -29.10 -67.88
C ASP C 507 -9.59 -29.58 -68.03
N TRP C 508 -9.36 -30.80 -68.56
CA TRP C 508 -8.01 -31.33 -68.78
C TRP C 508 -7.28 -30.53 -69.83
N SER C 509 -7.87 -30.37 -71.04
CA SER C 509 -7.30 -29.58 -72.15
C SER C 509 -7.08 -28.13 -71.70
N LEU C 510 -7.99 -27.64 -70.84
CA LEU C 510 -7.97 -26.30 -70.23
C LEU C 510 -6.77 -26.16 -69.27
N ALA C 511 -6.53 -27.18 -68.41
CA ALA C 511 -5.42 -27.22 -67.44
C ALA C 511 -4.08 -27.55 -68.14
N ARG C 512 -4.17 -28.21 -69.32
CA ARG C 512 -3.02 -28.56 -70.16
C ARG C 512 -2.45 -27.26 -70.69
N GLN C 513 -3.30 -26.40 -71.29
CA GLN C 513 -2.90 -25.10 -71.80
C GLN C 513 -2.29 -24.24 -70.70
N HIS C 514 -2.86 -24.32 -69.48
CA HIS C 514 -2.32 -23.62 -68.31
C HIS C 514 -0.93 -24.11 -67.99
N SER C 515 -0.74 -25.46 -67.94
CA SER C 515 0.54 -26.09 -67.64
C SER C 515 1.66 -25.67 -68.59
N ILE C 516 1.34 -25.47 -69.90
CA ILE C 516 2.30 -25.00 -70.92
C ILE C 516 2.83 -23.62 -70.52
N ASN C 517 1.90 -22.64 -70.37
CA ASN C 517 2.15 -21.24 -69.99
C ASN C 517 2.87 -21.10 -68.66
N LEU C 518 2.54 -21.97 -67.68
CA LEU C 518 3.14 -21.99 -66.35
C LEU C 518 4.61 -22.42 -66.43
N ILE C 519 4.91 -23.44 -67.27
CA ILE C 519 6.27 -23.94 -67.48
C ILE C 519 7.05 -22.95 -68.35
N LYS C 520 6.36 -22.28 -69.29
CA LYS C 520 6.91 -21.28 -70.20
C LYS C 520 7.53 -20.09 -69.44
N GLU C 521 6.70 -19.38 -68.64
CA GLU C 521 7.14 -18.22 -67.87
C GLU C 521 8.20 -18.60 -66.82
N GLU C 522 8.19 -19.86 -66.35
CA GLU C 522 9.19 -20.38 -65.42
C GLU C 522 10.53 -20.49 -66.13
N LEU C 523 10.52 -21.07 -67.37
CA LEU C 523 11.69 -21.21 -68.23
C LEU C 523 12.23 -19.83 -68.60
N ARG C 524 11.31 -18.87 -68.83
CA ARG C 524 11.64 -17.49 -69.17
C ARG C 524 12.47 -16.85 -68.05
N GLN C 525 11.94 -16.87 -66.80
CA GLN C 525 12.55 -16.31 -65.59
C GLN C 525 13.90 -16.93 -65.27
N CYS C 526 14.04 -18.24 -65.55
CA CYS C 526 15.26 -19.03 -65.34
C CYS C 526 16.35 -18.62 -66.35
N ASN C 527 15.99 -18.60 -67.66
CA ASN C 527 16.87 -18.22 -68.77
C ASN C 527 17.39 -16.81 -68.55
N SER C 528 16.49 -15.86 -68.20
CA SER C 528 16.76 -14.44 -67.91
C SER C 528 17.86 -14.31 -66.86
N ARG C 529 17.64 -14.87 -65.65
CA ARG C 529 18.58 -14.88 -64.53
C ARG C 529 19.91 -15.55 -64.93
N TYR C 530 19.84 -16.68 -65.67
CA TYR C 530 21.01 -17.42 -66.15
C TYR C 530 21.87 -16.55 -67.07
N GLN C 531 21.27 -16.03 -68.16
CA GLN C 531 21.90 -15.17 -69.16
C GLN C 531 22.31 -13.80 -68.60
N ALA C 532 21.78 -13.43 -67.41
CA ALA C 532 22.09 -12.17 -66.71
C ALA C 532 23.40 -12.28 -65.94
N ILE C 533 23.78 -13.51 -65.52
CA ILE C 533 25.03 -13.77 -64.81
C ILE C 533 26.18 -13.77 -65.84
N LYS C 534 25.85 -14.13 -67.11
CA LYS C 534 26.79 -14.12 -68.25
C LYS C 534 27.33 -12.70 -68.45
N ASN C 535 26.46 -11.69 -68.34
CA ASN C 535 26.80 -10.27 -68.50
C ASN C 535 27.66 -9.78 -67.34
N ALA C 536 27.38 -10.27 -66.12
CA ALA C 536 28.10 -9.89 -64.90
C ALA C 536 29.51 -10.47 -64.79
N VAL C 537 29.77 -11.63 -65.43
CA VAL C 537 31.08 -12.29 -65.38
C VAL C 537 31.73 -12.35 -66.77
N GLY C 538 31.08 -13.07 -67.69
CA GLY C 538 31.54 -13.25 -69.08
C GLY C 538 31.00 -14.51 -69.72
N SER C 539 30.51 -14.39 -70.98
CA SER C 539 29.95 -15.48 -71.79
C SER C 539 30.91 -16.66 -71.90
N LYS C 540 32.19 -16.38 -72.19
CA LYS C 540 33.26 -17.38 -72.28
C LYS C 540 34.12 -17.38 -71.02
N LYS C 541 34.03 -16.29 -70.21
CA LYS C 541 34.78 -16.12 -68.96
C LYS C 541 34.26 -17.08 -67.87
N LEU C 542 32.96 -16.96 -67.52
CA LEU C 542 32.31 -17.80 -66.51
C LEU C 542 32.09 -19.25 -66.99
N ALA C 543 31.97 -19.45 -68.33
CA ALA C 543 31.78 -20.77 -68.94
C ALA C 543 32.90 -21.75 -68.58
N ASN C 544 34.16 -21.24 -68.55
CA ASN C 544 35.35 -22.00 -68.17
C ASN C 544 35.32 -22.28 -66.67
N VAL C 545 34.89 -21.27 -65.88
CA VAL C 545 34.77 -21.34 -64.41
C VAL C 545 33.70 -22.37 -64.02
N MET C 546 32.65 -22.54 -64.87
CA MET C 546 31.58 -23.53 -64.66
C MET C 546 32.16 -24.96 -64.68
N GLY C 547 33.07 -25.24 -65.62
CA GLY C 547 33.73 -26.53 -65.76
C GLY C 547 34.73 -26.87 -64.67
N TYR C 548 35.19 -25.84 -63.92
CA TYR C 548 36.14 -25.95 -62.81
C TYR C 548 35.54 -26.68 -61.60
N LEU C 549 34.20 -26.62 -61.45
CA LEU C 549 33.46 -27.26 -60.34
C LEU C 549 33.04 -28.72 -60.63
N GLU C 550 33.15 -29.18 -61.90
CA GLU C 550 32.81 -30.53 -62.33
C GLU C 550 33.95 -31.54 -62.17
N ASN C 551 35.21 -31.07 -62.33
CA ASN C 551 36.42 -31.89 -62.19
C ASN C 551 36.76 -32.14 -60.72
N GLU C 552 36.63 -31.09 -59.88
CA GLU C 552 36.91 -31.12 -58.43
C GLU C 552 35.78 -31.77 -57.59
N SER C 553 34.69 -32.20 -58.26
CA SER C 553 33.52 -32.85 -57.64
C SER C 553 33.84 -34.19 -56.97
N LYS C 564 36.05 -15.68 -55.39
CA LYS C 564 34.96 -16.10 -54.50
C LYS C 564 33.59 -15.90 -55.19
N LEU C 565 33.26 -14.65 -55.52
CA LEU C 565 32.01 -14.19 -56.16
C LEU C 565 31.67 -15.04 -57.39
N LEU C 566 32.68 -15.30 -58.23
CA LEU C 566 32.60 -16.09 -59.46
C LEU C 566 32.34 -17.56 -59.19
N LEU C 567 32.85 -18.09 -58.07
CA LEU C 567 32.68 -19.48 -57.66
C LEU C 567 31.24 -19.70 -57.17
N GLU C 568 30.63 -18.63 -56.60
CA GLU C 568 29.24 -18.59 -56.13
C GLU C 568 28.31 -18.38 -57.30
N ARG C 569 28.66 -17.43 -58.21
CA ARG C 569 27.90 -17.10 -59.42
C ARG C 569 27.93 -18.25 -60.42
N GLY C 570 29.03 -19.03 -60.38
CA GLY C 570 29.25 -20.19 -61.23
C GLY C 570 28.40 -21.37 -60.78
N SER C 571 28.38 -21.64 -59.46
CA SER C 571 27.58 -22.70 -58.85
C SER C 571 26.08 -22.47 -59.07
N GLU C 572 25.65 -21.17 -59.08
CA GLU C 572 24.27 -20.77 -59.36
C GLU C 572 23.95 -21.10 -60.83
N ALA C 573 24.88 -20.72 -61.76
CA ALA C 573 24.79 -20.92 -63.20
C ALA C 573 24.71 -22.40 -63.62
N ILE C 574 25.47 -23.28 -62.93
CA ILE C 574 25.45 -24.73 -63.17
C ILE C 574 24.01 -25.24 -62.99
N PHE C 575 23.37 -24.85 -61.85
CA PHE C 575 22.00 -25.20 -61.51
C PHE C 575 21.00 -24.66 -62.53
N LEU C 576 21.09 -23.34 -62.85
CA LEU C 576 20.20 -22.68 -63.81
C LEU C 576 20.27 -23.28 -65.20
N ASP C 577 21.48 -23.73 -65.62
CA ASP C 577 21.71 -24.37 -66.91
C ASP C 577 20.86 -25.65 -67.03
N LYS C 578 21.16 -26.68 -66.19
CA LYS C 578 20.47 -27.97 -66.19
C LYS C 578 18.97 -27.82 -65.92
N ARG C 579 18.56 -26.86 -65.05
CA ARG C 579 17.15 -26.59 -64.75
C ARG C 579 16.43 -26.13 -66.00
N CYS C 580 17.04 -25.24 -66.80
CA CYS C 580 16.47 -24.75 -68.06
C CYS C 580 16.31 -25.87 -69.06
N LYS C 581 17.24 -26.84 -69.02
CA LYS C 581 17.21 -28.02 -69.88
C LYS C 581 16.15 -29.01 -69.38
N VAL C 582 15.89 -29.00 -68.05
CA VAL C 582 14.89 -29.84 -67.38
C VAL C 582 13.48 -29.34 -67.74
N LEU C 583 13.26 -28.03 -67.67
CA LEU C 583 12.00 -27.37 -67.99
C LEU C 583 11.70 -27.43 -69.48
N SER C 584 12.75 -27.29 -70.33
CA SER C 584 12.64 -27.34 -71.79
C SER C 584 12.11 -28.68 -72.30
N PHE C 585 12.69 -29.79 -71.79
CA PHE C 585 12.26 -31.14 -72.19
C PHE C 585 10.86 -31.46 -71.65
N ARG C 586 10.48 -30.85 -70.50
CA ARG C 586 9.16 -31.01 -69.92
C ARG C 586 8.15 -30.23 -70.75
N LEU C 587 8.53 -29.02 -71.23
CA LEU C 587 7.70 -28.15 -72.07
C LEU C 587 7.34 -28.82 -73.40
N LYS C 588 8.33 -29.50 -74.04
CA LYS C 588 8.19 -30.26 -75.29
C LYS C 588 7.15 -31.37 -75.10
N MET C 589 7.27 -32.12 -73.98
CA MET C 589 6.42 -33.21 -73.56
C MET C 589 4.96 -32.75 -73.52
N LEU C 590 4.68 -31.71 -72.72
CA LEU C 590 3.35 -31.12 -72.51
C LEU C 590 2.67 -30.70 -73.81
N LYS C 591 3.45 -30.10 -74.73
CA LYS C 591 3.05 -29.60 -76.04
C LYS C 591 2.49 -30.71 -76.93
N ASN C 592 3.34 -31.71 -77.26
CA ASN C 592 3.04 -32.80 -78.17
C ASN C 592 2.45 -34.04 -77.50
N LYS C 593 3.18 -34.62 -76.53
CA LYS C 593 2.84 -35.87 -75.86
C LYS C 593 1.60 -35.78 -74.93
N CYS C 594 1.56 -34.79 -74.00
CA CYS C 594 0.42 -34.63 -73.09
C CYS C 594 -0.77 -34.11 -73.88
N HIS C 595 -1.84 -34.93 -73.97
CA HIS C 595 -3.06 -34.62 -74.71
C HIS C 595 -4.30 -35.31 -74.16
N SER C 596 -4.27 -36.66 -74.07
CA SER C 596 -5.40 -37.45 -73.55
C SER C 596 -5.61 -37.23 -72.05
N THR C 597 -6.87 -37.33 -71.59
CA THR C 597 -7.33 -37.09 -70.22
C THR C 597 -6.68 -38.02 -69.18
N ILE C 598 -7.46 -38.94 -68.61
CA ILE C 598 -7.06 -39.90 -67.58
C ILE C 598 -5.97 -40.88 -68.10
N GLU C 599 -5.85 -41.03 -69.45
CA GLU C 599 -4.88 -41.91 -70.13
C GLU C 599 -3.45 -41.38 -69.94
N LYS C 600 -3.21 -40.12 -70.36
CA LYS C 600 -1.91 -39.45 -70.23
C LYS C 600 -1.76 -38.80 -68.84
N ASP C 601 -2.32 -39.46 -67.80
CA ASP C 601 -2.32 -39.03 -66.39
C ASP C 601 -0.94 -38.60 -65.90
N ARG C 602 0.11 -39.39 -66.23
CA ARG C 602 1.47 -39.09 -65.81
C ARG C 602 2.12 -38.02 -66.70
N CYS C 603 1.56 -36.81 -66.54
CA CYS C 603 1.88 -35.48 -67.05
C CYS C 603 1.61 -34.67 -65.77
N PRO C 604 2.59 -34.63 -64.83
CA PRO C 604 2.34 -33.99 -63.52
C PRO C 604 1.84 -32.56 -63.57
N GLU C 605 2.51 -31.70 -64.37
CA GLU C 605 2.17 -30.29 -64.55
C GLU C 605 0.70 -30.11 -64.94
N VAL C 606 0.11 -31.11 -65.61
CA VAL C 606 -1.30 -31.07 -66.01
C VAL C 606 -2.23 -31.52 -64.87
N PHE C 607 -2.00 -32.71 -64.28
CA PHE C 607 -2.82 -33.25 -63.20
C PHE C 607 -2.87 -32.29 -62.00
N LEU C 608 -1.73 -31.68 -61.69
CA LEU C 608 -1.61 -30.70 -60.62
C LEU C 608 -2.33 -29.40 -60.96
N SER C 609 -2.41 -29.06 -62.26
CA SER C 609 -3.12 -27.86 -62.70
C SER C 609 -4.63 -28.12 -62.70
N ALA C 610 -5.01 -29.39 -62.95
CA ALA C 610 -6.40 -29.82 -62.93
C ALA C 610 -6.93 -29.76 -61.50
N VAL C 611 -6.14 -30.29 -60.54
CA VAL C 611 -6.53 -30.30 -59.14
C VAL C 611 -6.53 -28.88 -58.55
N SER C 612 -5.60 -27.99 -59.00
CA SER C 612 -5.57 -26.59 -58.55
C SER C 612 -6.80 -25.83 -59.00
N ASP C 613 -7.30 -26.13 -60.22
CA ASP C 613 -8.49 -25.50 -60.79
C ASP C 613 -9.77 -25.92 -60.09
N LYS C 614 -9.79 -27.14 -59.52
CA LYS C 614 -10.92 -27.65 -58.75
C LYS C 614 -10.84 -27.04 -57.34
N LEU C 615 -9.68 -27.20 -56.64
CA LEU C 615 -9.42 -26.67 -55.29
C LEU C 615 -9.88 -25.23 -55.14
N THR C 616 -9.46 -24.35 -56.08
CA THR C 616 -9.81 -22.94 -56.12
C THR C 616 -11.32 -22.77 -56.22
N SER C 617 -11.93 -23.26 -57.34
CA SER C 617 -13.37 -23.18 -57.65
C SER C 617 -14.25 -23.52 -56.46
N THR C 618 -13.89 -24.56 -55.71
CA THR C 618 -14.63 -24.97 -54.54
C THR C 618 -14.37 -24.04 -53.36
N ALA C 619 -13.09 -23.64 -53.15
CA ALA C 619 -12.67 -22.74 -52.06
C ALA C 619 -13.28 -21.35 -52.14
N VAL C 620 -13.15 -20.68 -53.31
CA VAL C 620 -13.67 -19.33 -53.57
C VAL C 620 -15.16 -19.21 -53.31
N LEU C 621 -15.87 -20.35 -53.38
CA LEU C 621 -17.30 -20.37 -53.13
C LEU C 621 -17.60 -20.27 -51.66
N PHE C 622 -16.81 -20.92 -50.82
CA PHE C 622 -17.04 -20.89 -49.38
C PHE C 622 -16.36 -19.70 -48.73
N LEU C 623 -15.44 -19.03 -49.47
CA LEU C 623 -14.76 -17.80 -49.03
C LEU C 623 -15.77 -16.66 -49.10
N ASN C 624 -16.63 -16.67 -50.11
CA ASN C 624 -17.69 -15.68 -50.26
C ASN C 624 -18.84 -15.97 -49.28
N VAL C 625 -19.19 -17.27 -49.11
CA VAL C 625 -20.26 -17.75 -48.22
C VAL C 625 -19.95 -17.37 -46.76
N GLU C 626 -18.77 -17.78 -46.27
CA GLU C 626 -18.39 -17.56 -44.87
C GLU C 626 -17.72 -16.23 -44.60
N LEU C 627 -16.61 -15.95 -45.29
CA LEU C 627 -15.82 -14.76 -45.03
C LEU C 627 -16.38 -13.48 -45.65
N LEU C 628 -16.35 -13.36 -47.00
CA LEU C 628 -16.71 -12.15 -47.74
C LEU C 628 -18.08 -11.58 -47.41
N SER C 629 -19.16 -12.36 -47.59
CA SER C 629 -20.51 -11.89 -47.29
C SER C 629 -20.63 -11.30 -45.89
N ASP C 630 -20.10 -12.02 -44.88
CA ASP C 630 -20.14 -11.55 -43.50
C ASP C 630 -19.30 -10.32 -43.27
N PHE C 631 -18.13 -10.22 -43.96
CA PHE C 631 -17.25 -9.05 -43.80
C PHE C 631 -17.96 -7.81 -44.25
N PHE C 632 -18.39 -7.81 -45.50
CA PHE C 632 -19.05 -6.69 -46.15
C PHE C 632 -20.36 -6.28 -45.45
N TYR C 633 -20.98 -7.20 -44.68
CA TYR C 633 -22.21 -6.93 -43.95
C TYR C 633 -21.92 -6.32 -42.58
N ASN C 634 -21.09 -7.02 -41.77
CA ASN C 634 -20.76 -6.69 -40.39
C ASN C 634 -19.72 -5.59 -40.20
N PHE C 635 -18.67 -5.54 -41.05
CA PHE C 635 -17.61 -4.52 -40.96
C PHE C 635 -18.14 -3.07 -40.86
N PRO C 636 -19.11 -2.63 -41.67
CA PRO C 636 -19.61 -1.25 -41.53
C PRO C 636 -20.21 -0.99 -40.16
N ILE C 637 -21.03 -1.95 -39.65
CA ILE C 637 -21.73 -1.90 -38.36
C ILE C 637 -20.78 -1.78 -37.15
N GLU C 638 -19.71 -2.59 -37.13
CA GLU C 638 -18.72 -2.58 -36.07
C GLU C 638 -17.84 -1.35 -36.11
N LEU C 639 -17.50 -0.87 -37.33
CA LEU C 639 -16.70 0.34 -37.53
C LEU C 639 -17.42 1.54 -36.91
N ASP C 640 -18.73 1.67 -37.20
CA ASP C 640 -19.62 2.70 -36.68
C ASP C 640 -19.68 2.63 -35.14
N ARG C 641 -19.84 1.39 -34.59
CA ARG C 641 -19.90 1.09 -33.16
C ARG C 641 -18.61 1.55 -32.47
N ARG C 642 -17.45 1.24 -33.08
CA ARG C 642 -16.13 1.59 -32.55
C ARG C 642 -15.87 3.10 -32.51
N LEU C 643 -16.42 3.87 -33.49
CA LEU C 643 -16.26 5.33 -33.53
C LEU C 643 -17.05 6.02 -32.43
N THR C 644 -18.22 5.46 -32.06
CA THR C 644 -19.05 6.03 -30.99
C THR C 644 -18.36 5.88 -29.64
N LEU C 645 -17.46 4.88 -29.51
CA LEU C 645 -16.66 4.62 -28.31
C LEU C 645 -15.51 5.63 -28.10
N LEU C 646 -15.32 6.59 -29.04
CA LEU C 646 -14.27 7.61 -28.95
C LEU C 646 -14.73 8.80 -28.12
N GLY C 647 -13.90 9.17 -27.14
CA GLY C 647 -14.16 10.32 -26.28
C GLY C 647 -13.97 11.63 -27.00
N ASP C 648 -14.39 12.75 -26.35
CA ASP C 648 -14.28 14.11 -26.90
C ASP C 648 -12.82 14.47 -27.14
N GLU C 649 -11.93 14.04 -26.21
CA GLU C 649 -10.48 14.24 -26.26
C GLU C 649 -9.91 13.45 -27.44
N GLN C 650 -10.36 12.18 -27.60
CA GLN C 650 -9.94 11.29 -28.68
C GLN C 650 -10.27 11.90 -30.03
N VAL C 651 -11.56 12.25 -30.26
CA VAL C 651 -12.08 12.84 -31.49
C VAL C 651 -11.22 14.04 -31.97
N GLU C 652 -10.86 14.94 -31.05
CA GLU C 652 -10.03 16.11 -31.38
C GLU C 652 -8.62 15.68 -31.81
N MET C 653 -8.03 14.72 -31.10
CA MET C 653 -6.68 14.17 -31.35
C MET C 653 -6.59 13.47 -32.73
N PHE C 654 -7.61 12.63 -33.03
CA PHE C 654 -7.74 11.86 -34.26
C PHE C 654 -7.77 12.80 -35.46
N ALA C 655 -8.57 13.87 -35.37
CA ALA C 655 -8.74 14.90 -36.41
C ALA C 655 -7.56 15.89 -36.51
N LYS C 656 -7.05 16.38 -35.37
CA LYS C 656 -5.91 17.31 -35.35
C LYS C 656 -4.61 16.73 -35.93
N GLU C 657 -4.55 15.40 -36.19
CA GLU C 657 -3.41 14.68 -36.77
C GLU C 657 -2.93 15.31 -38.09
N ASP C 658 -3.88 15.72 -38.94
CA ASP C 658 -3.57 16.42 -40.18
C ASP C 658 -3.20 17.85 -39.76
N PRO C 659 -2.00 18.36 -40.12
CA PRO C 659 -1.64 19.74 -39.74
C PRO C 659 -2.62 20.79 -40.23
N LYS C 660 -3.18 20.66 -41.45
CA LYS C 660 -4.16 21.60 -42.00
C LYS C 660 -5.44 21.59 -41.17
N ILE C 661 -5.84 20.41 -40.68
CA ILE C 661 -7.04 20.27 -39.86
C ILE C 661 -6.79 20.87 -38.47
N SER C 662 -5.58 20.64 -37.89
CA SER C 662 -5.17 21.22 -36.60
C SER C 662 -5.18 22.76 -36.69
N ARG C 663 -4.67 23.31 -37.82
CA ARG C 663 -4.62 24.73 -38.16
C ARG C 663 -6.03 25.29 -38.21
N HIS C 664 -6.95 24.54 -38.86
CA HIS C 664 -8.35 24.90 -39.04
C HIS C 664 -9.00 25.20 -37.71
N ILE C 665 -8.97 24.22 -36.79
CA ILE C 665 -9.52 24.30 -35.44
C ILE C 665 -8.83 25.43 -34.64
N GLU C 666 -7.48 25.39 -34.57
CA GLU C 666 -6.65 26.40 -33.90
C GLU C 666 -7.07 27.82 -34.27
N LEU C 667 -7.27 28.07 -35.58
CA LEU C 667 -7.69 29.36 -36.16
C LEU C 667 -9.12 29.75 -35.77
N GLN C 668 -10.09 28.82 -35.95
CA GLN C 668 -11.50 29.10 -35.65
C GLN C 668 -11.76 29.20 -34.13
N LYS C 669 -10.91 28.60 -33.30
CA LYS C 669 -11.02 28.72 -31.84
C LYS C 669 -10.60 30.15 -31.45
N ARG C 670 -9.48 30.64 -32.04
CA ARG C 670 -8.96 31.98 -31.79
C ARG C 670 -9.95 33.00 -32.29
N LYS C 671 -10.51 32.76 -33.52
CA LYS C 671 -11.50 33.65 -34.13
C LYS C 671 -12.71 33.87 -33.21
N GLU C 672 -13.29 32.78 -32.67
CA GLU C 672 -14.45 32.84 -31.79
C GLU C 672 -14.15 33.60 -30.50
N LEU C 673 -13.01 33.29 -29.86
CA LEU C 673 -12.54 33.94 -28.64
C LEU C 673 -12.30 35.42 -28.84
N LEU C 674 -11.64 35.81 -29.97
CA LEU C 674 -11.35 37.20 -30.31
C LEU C 674 -12.62 38.00 -30.60
N GLU C 675 -13.63 37.35 -31.19
CA GLU C 675 -14.92 37.97 -31.48
C GLU C 675 -15.65 38.27 -30.17
N LEU C 676 -15.58 37.33 -29.19
CA LEU C 676 -16.15 37.42 -27.84
C LEU C 676 -15.51 38.57 -27.04
N ALA C 677 -14.19 38.72 -27.15
CA ALA C 677 -13.42 39.78 -26.47
C ALA C 677 -13.80 41.14 -27.03
N LEU C 678 -13.85 41.26 -28.39
CA LEU C 678 -14.17 42.48 -29.10
C LEU C 678 -15.59 42.94 -28.82
N GLU C 679 -16.59 42.06 -29.08
CA GLU C 679 -18.00 42.36 -28.83
C GLU C 679 -18.20 42.92 -27.41
N LYS C 680 -17.42 42.37 -26.45
CA LYS C 680 -17.44 42.82 -25.08
C LYS C 680 -16.76 44.19 -24.96
N ILE C 681 -15.44 44.25 -25.25
CA ILE C 681 -14.62 45.46 -25.16
C ILE C 681 -15.27 46.68 -25.88
N ASP C 682 -15.88 46.49 -27.07
CA ASP C 682 -16.52 47.54 -27.87
C ASP C 682 -17.72 48.17 -27.17
N SER C 683 -18.68 47.34 -26.74
CA SER C 683 -19.91 47.77 -26.07
C SER C 683 -19.63 48.58 -24.78
N ILE C 684 -18.54 48.22 -24.07
CA ILE C 684 -18.09 48.88 -22.84
C ILE C 684 -17.60 50.28 -23.19
N LEU C 685 -16.87 50.41 -24.33
CA LEU C 685 -16.35 51.69 -24.81
C LEU C 685 -17.47 52.65 -25.22
N VAL C 686 -18.57 52.13 -25.82
CA VAL C 686 -19.75 52.90 -26.21
C VAL C 686 -20.34 53.56 -24.93
N PHE C 687 -20.43 52.77 -23.84
CA PHE C 687 -20.89 53.26 -22.54
C PHE C 687 -19.90 54.28 -21.96
N LYS C 688 -18.61 53.88 -21.82
CA LYS C 688 -17.55 54.68 -21.20
C LYS C 688 -17.29 56.04 -21.87
N LYS C 689 -17.70 56.24 -23.14
CA LYS C 689 -17.54 57.53 -23.81
C LYS C 689 -18.68 58.49 -23.44
N SER C 690 -19.85 57.93 -23.06
CA SER C 690 -21.04 58.68 -22.68
C SER C 690 -21.09 58.85 -21.16
#